data_4CQI
# 
_entry.id   4CQI 
# 
_audit_conform.dict_name       mmcif_pdbx.dic 
_audit_conform.dict_version    5.397 
_audit_conform.dict_location   http://mmcif.pdb.org/dictionaries/ascii/mmcif_pdbx.dic 
# 
loop_
_database_2.database_id 
_database_2.database_code 
_database_2.pdbx_database_accession 
_database_2.pdbx_DOI 
PDB   4CQI         pdb_00004cqi 10.2210/pdb4cqi/pdb 
PDBE  EBI-59760    ?            ?                   
WWPDB D_1290059760 ?            ?                   
# 
loop_
_pdbx_audit_revision_history.ordinal 
_pdbx_audit_revision_history.data_content_type 
_pdbx_audit_revision_history.major_revision 
_pdbx_audit_revision_history.minor_revision 
_pdbx_audit_revision_history.revision_date 
1 'Structure model' 1 0 2014-11-26 
2 'Structure model' 1 1 2015-05-13 
3 'Structure model' 1 2 2015-05-20 
4 'Structure model' 1 3 2024-10-16 
# 
_pdbx_audit_revision_details.ordinal             1 
_pdbx_audit_revision_details.revision_ordinal    1 
_pdbx_audit_revision_details.data_content_type   'Structure model' 
_pdbx_audit_revision_details.provider            repository 
_pdbx_audit_revision_details.type                'Initial release' 
_pdbx_audit_revision_details.description         ? 
_pdbx_audit_revision_details.details             ? 
# 
loop_
_pdbx_audit_revision_group.ordinal 
_pdbx_audit_revision_group.revision_ordinal 
_pdbx_audit_revision_group.data_content_type 
_pdbx_audit_revision_group.group 
1 2 'Structure model' 'Database references'  
2 2 'Structure model' 'Structure summary'    
3 3 'Structure model' 'Database references'  
4 4 'Structure model' 'Data collection'      
5 4 'Structure model' 'Database references'  
6 4 'Structure model' 'Derived calculations' 
7 4 'Structure model' Other                  
8 4 'Structure model' 'Structure summary'    
# 
loop_
_pdbx_audit_revision_category.ordinal 
_pdbx_audit_revision_category.revision_ordinal 
_pdbx_audit_revision_category.data_content_type 
_pdbx_audit_revision_category.category 
1 4 'Structure model' chem_comp_atom            
2 4 'Structure model' chem_comp_bond            
3 4 'Structure model' database_2                
4 4 'Structure model' pdbx_database_status      
5 4 'Structure model' pdbx_entry_details        
6 4 'Structure model' pdbx_modification_feature 
7 4 'Structure model' struct_site               
# 
loop_
_pdbx_audit_revision_item.ordinal 
_pdbx_audit_revision_item.revision_ordinal 
_pdbx_audit_revision_item.data_content_type 
_pdbx_audit_revision_item.item 
1 4 'Structure model' '_database_2.pdbx_DOI'                         
2 4 'Structure model' '_database_2.pdbx_database_accession'          
3 4 'Structure model' '_pdbx_database_status.status_code_sf'         
4 4 'Structure model' '_pdbx_entry_details.has_protein_modification' 
5 4 'Structure model' '_struct_site.pdbx_auth_asym_id'               
6 4 'Structure model' '_struct_site.pdbx_auth_comp_id'               
7 4 'Structure model' '_struct_site.pdbx_auth_seq_id'                
# 
_pdbx_database_status.status_code                     REL 
_pdbx_database_status.entry_id                        4CQI 
_pdbx_database_status.deposit_site                    PDBE 
_pdbx_database_status.process_site                    PDBE 
_pdbx_database_status.SG_entry                        . 
_pdbx_database_status.recvd_initial_deposition_date   2014-02-17 
_pdbx_database_status.pdb_format_compatible           Y 
_pdbx_database_status.status_code_sf                  REL 
_pdbx_database_status.status_code_mr                  ? 
_pdbx_database_status.status_code_cs                  ? 
_pdbx_database_status.methods_development_category    ? 
_pdbx_database_status.status_code_nmr_data            ? 
# 
loop_
_audit_author.name 
_audit_author.pdbx_ordinal 
'Barrack, K.L.' 1 
'Fyfe, P.K.'    2 
'Hunter, W.N.'  3 
# 
_citation.id                        primary 
_citation.title                     
;The Structure of Tubulin-Binding Cofactor a from Leishmania Major Infers a Mode of Association During the Early Stages of Microtubule Assembly
;
_citation.journal_abbrev            'Acta Crystallogr.,Sect.F' 
_citation.journal_volume            71 
_citation.page_first                539 
_citation.page_last                 ? 
_citation.year                      2015 
_citation.journal_id_ASTM           ? 
_citation.country                   DK 
_citation.journal_id_ISSN           1744-3091 
_citation.journal_id_CSD            ? 
_citation.book_publisher            ? 
_citation.pdbx_database_id_PubMed   25945706 
_citation.pdbx_database_id_DOI      10.1107/S2053230X15000990 
# 
loop_
_citation_author.citation_id 
_citation_author.name 
_citation_author.ordinal 
_citation_author.identifier_ORCID 
primary 'Barrack, K.L.' 1 ? 
primary 'Fyfe, P.K.'    2 ? 
primary 'Hunter, W.N.'  3 ? 
# 
loop_
_entity.id 
_entity.type 
_entity.src_method 
_entity.pdbx_description 
_entity.formula_weight 
_entity.pdbx_number_of_molecules 
_entity.pdbx_ec 
_entity.pdbx_mutation 
_entity.pdbx_fragment 
_entity.details 
1 polymer     man 'TUBULIN-BINDING COFACTOR A' 14224.944 1  ? ? ? ? 
2 non-polymer syn 'SULFATE ION'                96.063    1  ? ? ? ? 
3 non-polymer syn GLYCEROL                     92.094    1  ? ? ? ? 
4 water       nat water                        18.015    90 ? ? ? ? 
# 
_entity_poly.entity_id                      1 
_entity_poly.type                           'polypeptide(L)' 
_entity_poly.nstd_linkage                   no 
_entity_poly.nstd_monomer                   no 
_entity_poly.pdbx_seq_one_letter_code       
;GHMSDSTESTNRFASNVRQAEAPNEKTLRIKVSALKRTIKDLEFAKREVERELQRLDTLCQSDPDRVPQQTKVVDEAQMM
VPHSVNRIMASVKDLSDYLEKEGSTVSNEELLDLARATMADGQAAVS
;
_entity_poly.pdbx_seq_one_letter_code_can   
;GHMSDSTESTNRFASNVRQAEAPNEKTLRIKVSALKRTIKDLEFAKREVERELQRLDTLCQSDPDRVPQQTKVVDEAQMM
VPHSVNRIMASVKDLSDYLEKEGSTVSNEELLDLARATMADGQAAVS
;
_entity_poly.pdbx_strand_id                 A 
_entity_poly.pdbx_target_identifier         ? 
# 
loop_
_pdbx_entity_nonpoly.entity_id 
_pdbx_entity_nonpoly.name 
_pdbx_entity_nonpoly.comp_id 
2 'SULFATE ION' SO4 
3 GLYCEROL      GOL 
4 water         HOH 
# 
loop_
_entity_poly_seq.entity_id 
_entity_poly_seq.num 
_entity_poly_seq.mon_id 
_entity_poly_seq.hetero 
1 1   GLY n 
1 2   HIS n 
1 3   MET n 
1 4   SER n 
1 5   ASP n 
1 6   SER n 
1 7   THR n 
1 8   GLU n 
1 9   SER n 
1 10  THR n 
1 11  ASN n 
1 12  ARG n 
1 13  PHE n 
1 14  ALA n 
1 15  SER n 
1 16  ASN n 
1 17  VAL n 
1 18  ARG n 
1 19  GLN n 
1 20  ALA n 
1 21  GLU n 
1 22  ALA n 
1 23  PRO n 
1 24  ASN n 
1 25  GLU n 
1 26  LYS n 
1 27  THR n 
1 28  LEU n 
1 29  ARG n 
1 30  ILE n 
1 31  LYS n 
1 32  VAL n 
1 33  SER n 
1 34  ALA n 
1 35  LEU n 
1 36  LYS n 
1 37  ARG n 
1 38  THR n 
1 39  ILE n 
1 40  LYS n 
1 41  ASP n 
1 42  LEU n 
1 43  GLU n 
1 44  PHE n 
1 45  ALA n 
1 46  LYS n 
1 47  ARG n 
1 48  GLU n 
1 49  VAL n 
1 50  GLU n 
1 51  ARG n 
1 52  GLU n 
1 53  LEU n 
1 54  GLN n 
1 55  ARG n 
1 56  LEU n 
1 57  ASP n 
1 58  THR n 
1 59  LEU n 
1 60  CYS n 
1 61  GLN n 
1 62  SER n 
1 63  ASP n 
1 64  PRO n 
1 65  ASP n 
1 66  ARG n 
1 67  VAL n 
1 68  PRO n 
1 69  GLN n 
1 70  GLN n 
1 71  THR n 
1 72  LYS n 
1 73  VAL n 
1 74  VAL n 
1 75  ASP n 
1 76  GLU n 
1 77  ALA n 
1 78  GLN n 
1 79  MET n 
1 80  MET n 
1 81  VAL n 
1 82  PRO n 
1 83  HIS n 
1 84  SER n 
1 85  VAL n 
1 86  ASN n 
1 87  ARG n 
1 88  ILE n 
1 89  MET n 
1 90  ALA n 
1 91  SER n 
1 92  VAL n 
1 93  LYS n 
1 94  ASP n 
1 95  LEU n 
1 96  SER n 
1 97  ASP n 
1 98  TYR n 
1 99  LEU n 
1 100 GLU n 
1 101 LYS n 
1 102 GLU n 
1 103 GLY n 
1 104 SER n 
1 105 THR n 
1 106 VAL n 
1 107 SER n 
1 108 ASN n 
1 109 GLU n 
1 110 GLU n 
1 111 LEU n 
1 112 LEU n 
1 113 ASP n 
1 114 LEU n 
1 115 ALA n 
1 116 ARG n 
1 117 ALA n 
1 118 THR n 
1 119 MET n 
1 120 ALA n 
1 121 ASP n 
1 122 GLY n 
1 123 GLN n 
1 124 ALA n 
1 125 ALA n 
1 126 VAL n 
1 127 SER n 
# 
_entity_src_gen.entity_id                          1 
_entity_src_gen.pdbx_src_id                        1 
_entity_src_gen.pdbx_alt_source_flag               sample 
_entity_src_gen.pdbx_seq_type                      ? 
_entity_src_gen.pdbx_beg_seq_num                   ? 
_entity_src_gen.pdbx_end_seq_num                   ? 
_entity_src_gen.gene_src_common_name               ? 
_entity_src_gen.gene_src_genus                     ? 
_entity_src_gen.pdbx_gene_src_gene                 ? 
_entity_src_gen.gene_src_species                   ? 
_entity_src_gen.gene_src_strain                    FRIEDLIN 
_entity_src_gen.gene_src_tissue                    ? 
_entity_src_gen.gene_src_tissue_fraction           ? 
_entity_src_gen.gene_src_details                   ? 
_entity_src_gen.pdbx_gene_src_fragment             ? 
_entity_src_gen.pdbx_gene_src_scientific_name      'LEISHMANIA MAJOR' 
_entity_src_gen.pdbx_gene_src_ncbi_taxonomy_id     5664 
_entity_src_gen.pdbx_gene_src_variant              ? 
_entity_src_gen.pdbx_gene_src_cell_line            ? 
_entity_src_gen.pdbx_gene_src_atcc                 ? 
_entity_src_gen.pdbx_gene_src_organ                ? 
_entity_src_gen.pdbx_gene_src_organelle            ? 
_entity_src_gen.pdbx_gene_src_cell                 ? 
_entity_src_gen.pdbx_gene_src_cellular_location    ? 
_entity_src_gen.host_org_common_name               ? 
_entity_src_gen.pdbx_host_org_scientific_name      'ESCHERICHIA COLI' 
_entity_src_gen.pdbx_host_org_ncbi_taxonomy_id     469008 
_entity_src_gen.host_org_genus                     ? 
_entity_src_gen.pdbx_host_org_gene                 ? 
_entity_src_gen.pdbx_host_org_organ                ? 
_entity_src_gen.host_org_species                   ? 
_entity_src_gen.pdbx_host_org_tissue               ? 
_entity_src_gen.pdbx_host_org_tissue_fraction      ? 
_entity_src_gen.pdbx_host_org_strain               'BL21(DE3)' 
_entity_src_gen.pdbx_host_org_variant              ? 
_entity_src_gen.pdbx_host_org_cell_line            ? 
_entity_src_gen.pdbx_host_org_atcc                 ? 
_entity_src_gen.pdbx_host_org_culture_collection   ? 
_entity_src_gen.pdbx_host_org_cell                 ? 
_entity_src_gen.pdbx_host_org_organelle            ? 
_entity_src_gen.pdbx_host_org_cellular_location    ? 
_entity_src_gen.pdbx_host_org_vector_type          PLASMID 
_entity_src_gen.pdbx_host_org_vector               ? 
_entity_src_gen.host_org_details                   ? 
_entity_src_gen.expression_system_id               ? 
_entity_src_gen.plasmid_name                       PET15B 
_entity_src_gen.plasmid_details                    ? 
_entity_src_gen.pdbx_description                   ? 
# 
loop_
_chem_comp.id 
_chem_comp.type 
_chem_comp.mon_nstd_flag 
_chem_comp.name 
_chem_comp.pdbx_synonyms 
_chem_comp.formula 
_chem_comp.formula_weight 
ALA 'L-peptide linking' y ALANINE         ?                               'C3 H7 N O2'     89.093  
ARG 'L-peptide linking' y ARGININE        ?                               'C6 H15 N4 O2 1' 175.209 
ASN 'L-peptide linking' y ASPARAGINE      ?                               'C4 H8 N2 O3'    132.118 
ASP 'L-peptide linking' y 'ASPARTIC ACID' ?                               'C4 H7 N O4'     133.103 
CYS 'L-peptide linking' y CYSTEINE        ?                               'C3 H7 N O2 S'   121.158 
GLN 'L-peptide linking' y GLUTAMINE       ?                               'C5 H10 N2 O3'   146.144 
GLU 'L-peptide linking' y 'GLUTAMIC ACID' ?                               'C5 H9 N O4'     147.129 
GLY 'peptide linking'   y GLYCINE         ?                               'C2 H5 N O2'     75.067  
GOL non-polymer         . GLYCEROL        'GLYCERIN; PROPANE-1,2,3-TRIOL' 'C3 H8 O3'       92.094  
HIS 'L-peptide linking' y HISTIDINE       ?                               'C6 H10 N3 O2 1' 156.162 
HOH non-polymer         . WATER           ?                               'H2 O'           18.015  
ILE 'L-peptide linking' y ISOLEUCINE      ?                               'C6 H13 N O2'    131.173 
LEU 'L-peptide linking' y LEUCINE         ?                               'C6 H13 N O2'    131.173 
LYS 'L-peptide linking' y LYSINE          ?                               'C6 H15 N2 O2 1' 147.195 
MET 'L-peptide linking' y METHIONINE      ?                               'C5 H11 N O2 S'  149.211 
PHE 'L-peptide linking' y PHENYLALANINE   ?                               'C9 H11 N O2'    165.189 
PRO 'L-peptide linking' y PROLINE         ?                               'C5 H9 N O2'     115.130 
SER 'L-peptide linking' y SERINE          ?                               'C3 H7 N O3'     105.093 
SO4 non-polymer         . 'SULFATE ION'   ?                               'O4 S -2'        96.063  
THR 'L-peptide linking' y THREONINE       ?                               'C4 H9 N O3'     119.119 
TYR 'L-peptide linking' y TYROSINE        ?                               'C9 H11 N O3'    181.189 
VAL 'L-peptide linking' y VALINE          ?                               'C5 H11 N O2'    117.146 
# 
loop_
_pdbx_poly_seq_scheme.asym_id 
_pdbx_poly_seq_scheme.entity_id 
_pdbx_poly_seq_scheme.seq_id 
_pdbx_poly_seq_scheme.mon_id 
_pdbx_poly_seq_scheme.ndb_seq_num 
_pdbx_poly_seq_scheme.pdb_seq_num 
_pdbx_poly_seq_scheme.auth_seq_num 
_pdbx_poly_seq_scheme.pdb_mon_id 
_pdbx_poly_seq_scheme.auth_mon_id 
_pdbx_poly_seq_scheme.pdb_strand_id 
_pdbx_poly_seq_scheme.pdb_ins_code 
_pdbx_poly_seq_scheme.hetero 
A 1 1   GLY 1   -1  ?   ?   ?   A . n 
A 1 2   HIS 2   0   ?   ?   ?   A . n 
A 1 3   MET 3   1   ?   ?   ?   A . n 
A 1 4   SER 4   2   ?   ?   ?   A . n 
A 1 5   ASP 5   3   ?   ?   ?   A . n 
A 1 6   SER 6   4   ?   ?   ?   A . n 
A 1 7   THR 7   5   ?   ?   ?   A . n 
A 1 8   GLU 8   6   ?   ?   ?   A . n 
A 1 9   SER 9   7   ?   ?   ?   A . n 
A 1 10  THR 10  8   ?   ?   ?   A . n 
A 1 11  ASN 11  9   ?   ?   ?   A . n 
A 1 12  ARG 12  10  ?   ?   ?   A . n 
A 1 13  PHE 13  11  ?   ?   ?   A . n 
A 1 14  ALA 14  12  ?   ?   ?   A . n 
A 1 15  SER 15  13  ?   ?   ?   A . n 
A 1 16  ASN 16  14  ?   ?   ?   A . n 
A 1 17  VAL 17  15  ?   ?   ?   A . n 
A 1 18  ARG 18  16  ?   ?   ?   A . n 
A 1 19  GLN 19  17  ?   ?   ?   A . n 
A 1 20  ALA 20  18  ?   ?   ?   A . n 
A 1 21  GLU 21  19  19  GLU GLU A . n 
A 1 22  ALA 22  20  20  ALA ALA A . n 
A 1 23  PRO 23  21  21  PRO PRO A . n 
A 1 24  ASN 24  22  22  ASN ASN A . n 
A 1 25  GLU 25  23  23  GLU GLU A . n 
A 1 26  LYS 26  24  24  LYS LYS A . n 
A 1 27  THR 27  25  25  THR THR A . n 
A 1 28  LEU 28  26  26  LEU LEU A . n 
A 1 29  ARG 29  27  27  ARG ARG A . n 
A 1 30  ILE 30  28  28  ILE ILE A . n 
A 1 31  LYS 31  29  29  LYS LYS A . n 
A 1 32  VAL 32  30  30  VAL VAL A . n 
A 1 33  SER 33  31  31  SER SER A . n 
A 1 34  ALA 34  32  32  ALA ALA A . n 
A 1 35  LEU 35  33  33  LEU LEU A . n 
A 1 36  LYS 36  34  34  LYS LYS A . n 
A 1 37  ARG 37  35  35  ARG ARG A . n 
A 1 38  THR 38  36  36  THR THR A . n 
A 1 39  ILE 39  37  37  ILE ILE A . n 
A 1 40  LYS 40  38  38  LYS LYS A . n 
A 1 41  ASP 41  39  39  ASP ASP A . n 
A 1 42  LEU 42  40  40  LEU LEU A . n 
A 1 43  GLU 43  41  41  GLU GLU A . n 
A 1 44  PHE 44  42  42  PHE PHE A . n 
A 1 45  ALA 45  43  43  ALA ALA A . n 
A 1 46  LYS 46  44  44  LYS LYS A . n 
A 1 47  ARG 47  45  45  ARG ARG A . n 
A 1 48  GLU 48  46  46  GLU GLU A . n 
A 1 49  VAL 49  47  47  VAL VAL A . n 
A 1 50  GLU 50  48  48  GLU GLU A . n 
A 1 51  ARG 51  49  49  ARG ARG A . n 
A 1 52  GLU 52  50  50  GLU GLU A . n 
A 1 53  LEU 53  51  51  LEU LEU A . n 
A 1 54  GLN 54  52  52  GLN GLN A . n 
A 1 55  ARG 55  53  53  ARG ARG A . n 
A 1 56  LEU 56  54  54  LEU LEU A . n 
A 1 57  ASP 57  55  55  ASP ASP A . n 
A 1 58  THR 58  56  56  THR THR A . n 
A 1 59  LEU 59  57  57  LEU LEU A . n 
A 1 60  CYS 60  58  58  CYS CYS A . n 
A 1 61  GLN 61  59  59  GLN GLN A . n 
A 1 62  SER 62  60  60  SER SER A . n 
A 1 63  ASP 63  61  61  ASP ASP A . n 
A 1 64  PRO 64  62  62  PRO PRO A . n 
A 1 65  ASP 65  63  63  ASP ASP A . n 
A 1 66  ARG 66  64  64  ARG ARG A . n 
A 1 67  VAL 67  65  65  VAL VAL A . n 
A 1 68  PRO 68  66  66  PRO PRO A . n 
A 1 69  GLN 69  67  67  GLN GLN A . n 
A 1 70  GLN 70  68  68  GLN GLN A . n 
A 1 71  THR 71  69  69  THR THR A . n 
A 1 72  LYS 72  70  70  LYS LYS A . n 
A 1 73  VAL 73  71  71  VAL VAL A . n 
A 1 74  VAL 74  72  72  VAL VAL A . n 
A 1 75  ASP 75  73  73  ASP ASP A . n 
A 1 76  GLU 76  74  74  GLU GLU A . n 
A 1 77  ALA 77  75  75  ALA ALA A . n 
A 1 78  GLN 78  76  76  GLN GLN A . n 
A 1 79  MET 79  77  77  MET MET A . n 
A 1 80  MET 80  78  78  MET MET A . n 
A 1 81  VAL 81  79  79  VAL VAL A . n 
A 1 82  PRO 82  80  80  PRO PRO A . n 
A 1 83  HIS 83  81  81  HIS HIS A . n 
A 1 84  SER 84  82  82  SER SER A . n 
A 1 85  VAL 85  83  83  VAL VAL A . n 
A 1 86  ASN 86  84  84  ASN ASN A . n 
A 1 87  ARG 87  85  85  ARG ARG A . n 
A 1 88  ILE 88  86  86  ILE ILE A . n 
A 1 89  MET 89  87  87  MET MET A . n 
A 1 90  ALA 90  88  88  ALA ALA A . n 
A 1 91  SER 91  89  89  SER SER A . n 
A 1 92  VAL 92  90  90  VAL VAL A . n 
A 1 93  LYS 93  91  91  LYS LYS A . n 
A 1 94  ASP 94  92  92  ASP ASP A . n 
A 1 95  LEU 95  93  93  LEU LEU A . n 
A 1 96  SER 96  94  94  SER SER A . n 
A 1 97  ASP 97  95  95  ASP ASP A . n 
A 1 98  TYR 98  96  96  TYR TYR A . n 
A 1 99  LEU 99  97  97  LEU LEU A . n 
A 1 100 GLU 100 98  98  GLU GLU A . n 
A 1 101 LYS 101 99  99  LYS LYS A . n 
A 1 102 GLU 102 100 100 GLU GLU A . n 
A 1 103 GLY 103 101 101 GLY GLY A . n 
A 1 104 SER 104 102 102 SER SER A . n 
A 1 105 THR 105 103 103 THR THR A . n 
A 1 106 VAL 106 104 104 VAL VAL A . n 
A 1 107 SER 107 105 105 SER SER A . n 
A 1 108 ASN 108 106 106 ASN ASN A . n 
A 1 109 GLU 109 107 107 GLU GLU A . n 
A 1 110 GLU 110 108 108 GLU GLU A . n 
A 1 111 LEU 111 109 109 LEU LEU A . n 
A 1 112 LEU 112 110 110 LEU LEU A . n 
A 1 113 ASP 113 111 111 ASP ASP A . n 
A 1 114 LEU 114 112 112 LEU LEU A . n 
A 1 115 ALA 115 113 113 ALA ALA A . n 
A 1 116 ARG 116 114 114 ARG ARG A . n 
A 1 117 ALA 117 115 115 ALA ALA A . n 
A 1 118 THR 118 116 116 THR THR A . n 
A 1 119 MET 119 117 117 MET MET A . n 
A 1 120 ALA 120 118 118 ALA ALA A . n 
A 1 121 ASP 121 119 119 ASP ASP A . n 
A 1 122 GLY 122 120 120 GLY GLY A . n 
A 1 123 GLN 123 121 121 GLN GLN A . n 
A 1 124 ALA 124 122 122 ALA ALA A . n 
A 1 125 ALA 125 123 123 ALA ALA A . n 
A 1 126 VAL 126 124 124 VAL VAL A . n 
A 1 127 SER 127 125 125 SER SER A . n 
# 
loop_
_pdbx_nonpoly_scheme.asym_id 
_pdbx_nonpoly_scheme.entity_id 
_pdbx_nonpoly_scheme.mon_id 
_pdbx_nonpoly_scheme.ndb_seq_num 
_pdbx_nonpoly_scheme.pdb_seq_num 
_pdbx_nonpoly_scheme.auth_seq_num 
_pdbx_nonpoly_scheme.pdb_mon_id 
_pdbx_nonpoly_scheme.auth_mon_id 
_pdbx_nonpoly_scheme.pdb_strand_id 
_pdbx_nonpoly_scheme.pdb_ins_code 
B 2 SO4 1  1126 1126 SO4 SO4 A . 
C 3 GOL 1  1127 1127 GOL GOL A . 
D 4 HOH 1  2001 2001 HOH HOH A . 
D 4 HOH 2  2002 2002 HOH HOH A . 
D 4 HOH 3  2003 2003 HOH HOH A . 
D 4 HOH 4  2004 2004 HOH HOH A . 
D 4 HOH 5  2005 2005 HOH HOH A . 
D 4 HOH 6  2006 2006 HOH HOH A . 
D 4 HOH 7  2007 2007 HOH HOH A . 
D 4 HOH 8  2008 2008 HOH HOH A . 
D 4 HOH 9  2009 2009 HOH HOH A . 
D 4 HOH 10 2010 2010 HOH HOH A . 
D 4 HOH 11 2011 2011 HOH HOH A . 
D 4 HOH 12 2012 2012 HOH HOH A . 
D 4 HOH 13 2013 2013 HOH HOH A . 
D 4 HOH 14 2014 2014 HOH HOH A . 
D 4 HOH 15 2015 2015 HOH HOH A . 
D 4 HOH 16 2016 2016 HOH HOH A . 
D 4 HOH 17 2017 2017 HOH HOH A . 
D 4 HOH 18 2018 2018 HOH HOH A . 
D 4 HOH 19 2019 2019 HOH HOH A . 
D 4 HOH 20 2020 2020 HOH HOH A . 
D 4 HOH 21 2021 2021 HOH HOH A . 
D 4 HOH 22 2022 2022 HOH HOH A . 
D 4 HOH 23 2023 2023 HOH HOH A . 
D 4 HOH 24 2024 2024 HOH HOH A . 
D 4 HOH 25 2025 2025 HOH HOH A . 
D 4 HOH 26 2026 2026 HOH HOH A . 
D 4 HOH 27 2027 2027 HOH HOH A . 
D 4 HOH 28 2028 2028 HOH HOH A . 
D 4 HOH 29 2029 2029 HOH HOH A . 
D 4 HOH 30 2030 2030 HOH HOH A . 
D 4 HOH 31 2031 2031 HOH HOH A . 
D 4 HOH 32 2032 2032 HOH HOH A . 
D 4 HOH 33 2033 2033 HOH HOH A . 
D 4 HOH 34 2034 2034 HOH HOH A . 
D 4 HOH 35 2035 2035 HOH HOH A . 
D 4 HOH 36 2036 2036 HOH HOH A . 
D 4 HOH 37 2037 2037 HOH HOH A . 
D 4 HOH 38 2038 2038 HOH HOH A . 
D 4 HOH 39 2039 2039 HOH HOH A . 
D 4 HOH 40 2040 2040 HOH HOH A . 
D 4 HOH 41 2041 2041 HOH HOH A . 
D 4 HOH 42 2042 2042 HOH HOH A . 
D 4 HOH 43 2043 2043 HOH HOH A . 
D 4 HOH 44 2044 2044 HOH HOH A . 
D 4 HOH 45 2045 2045 HOH HOH A . 
D 4 HOH 46 2046 2046 HOH HOH A . 
D 4 HOH 47 2047 2047 HOH HOH A . 
D 4 HOH 48 2048 2048 HOH HOH A . 
D 4 HOH 49 2049 2049 HOH HOH A . 
D 4 HOH 50 2050 2050 HOH HOH A . 
D 4 HOH 51 2051 2051 HOH HOH A . 
D 4 HOH 52 2052 2052 HOH HOH A . 
D 4 HOH 53 2053 2053 HOH HOH A . 
D 4 HOH 54 2054 2054 HOH HOH A . 
D 4 HOH 55 2055 2055 HOH HOH A . 
D 4 HOH 56 2056 2056 HOH HOH A . 
D 4 HOH 57 2057 2057 HOH HOH A . 
D 4 HOH 58 2058 2058 HOH HOH A . 
D 4 HOH 59 2059 2059 HOH HOH A . 
D 4 HOH 60 2060 2060 HOH HOH A . 
D 4 HOH 61 2061 2061 HOH HOH A . 
D 4 HOH 62 2062 2062 HOH HOH A . 
D 4 HOH 63 2063 2063 HOH HOH A . 
D 4 HOH 64 2064 2064 HOH HOH A . 
D 4 HOH 65 2065 2065 HOH HOH A . 
D 4 HOH 66 2066 2066 HOH HOH A . 
D 4 HOH 67 2067 2067 HOH HOH A . 
D 4 HOH 68 2068 2068 HOH HOH A . 
D 4 HOH 69 2069 2069 HOH HOH A . 
D 4 HOH 70 2070 2070 HOH HOH A . 
D 4 HOH 71 2071 2071 HOH HOH A . 
D 4 HOH 72 2072 2072 HOH HOH A . 
D 4 HOH 73 2073 2073 HOH HOH A . 
D 4 HOH 74 2074 2074 HOH HOH A . 
D 4 HOH 75 2075 2075 HOH HOH A . 
D 4 HOH 76 2076 2076 HOH HOH A . 
D 4 HOH 77 2077 2077 HOH HOH A . 
D 4 HOH 78 2078 2078 HOH HOH A . 
D 4 HOH 79 2079 2079 HOH HOH A . 
D 4 HOH 80 2080 2080 HOH HOH A . 
D 4 HOH 81 2081 2081 HOH HOH A . 
D 4 HOH 82 2082 2082 HOH HOH A . 
D 4 HOH 83 2083 2083 HOH HOH A . 
D 4 HOH 84 2084 2084 HOH HOH A . 
D 4 HOH 85 2085 2085 HOH HOH A . 
D 4 HOH 86 2086 2086 HOH HOH A . 
D 4 HOH 87 2087 2087 HOH HOH A . 
D 4 HOH 88 2088 2088 HOH HOH A . 
D 4 HOH 89 2089 2089 HOH HOH A . 
D 4 HOH 90 2090 2090 HOH HOH A . 
# 
loop_
_software.name 
_software.classification 
_software.version 
_software.citation_id 
_software.pdbx_ordinal 
REFMAC refinement       5.6.0117 ? 1 
XDS    'data reduction' .        ? 2 
SCALA  'data scaling'   .        ? 3 
# 
_cell.entry_id           4CQI 
_cell.length_a           76.757 
_cell.length_b           76.757 
_cell.length_c           39.433 
_cell.angle_alpha        90.00 
_cell.angle_beta         90.00 
_cell.angle_gamma        120.00 
_cell.Z_PDB              6 
_cell.pdbx_unique_axis   ? 
# 
_symmetry.entry_id                         4CQI 
_symmetry.space_group_name_H-M             'P 31 2 1' 
_symmetry.pdbx_full_space_group_name_H-M   ? 
_symmetry.cell_setting                     ? 
_symmetry.Int_Tables_number                152 
# 
_exptl.entry_id          4CQI 
_exptl.method            'X-RAY DIFFRACTION' 
_exptl.crystals_number   1 
# 
_exptl_crystal.id                    1 
_exptl_crystal.density_meas          ? 
_exptl_crystal.density_Matthews      2.36 
_exptl_crystal.density_percent_sol   47.82 
_exptl_crystal.description           NONE 
# 
_exptl_crystal_grow.crystal_id      1 
_exptl_crystal_grow.method          ? 
_exptl_crystal_grow.temp            ? 
_exptl_crystal_grow.temp_details    ? 
_exptl_crystal_grow.pH              ? 
_exptl_crystal_grow.pdbx_pH_range   ? 
_exptl_crystal_grow.pdbx_details    'RESERVOIR CONTAINED 0.2M (NH4)2HPO4 AND 1.6M (NH4)2SO4.' 
# 
_diffrn.id                     1 
_diffrn.ambient_temp           100 
_diffrn.ambient_temp_details   ? 
_diffrn.crystal_id             1 
# 
_diffrn_detector.diffrn_id              1 
_diffrn_detector.detector               CCD 
_diffrn_detector.type                   'MARMOSAIC 225 mm CCD' 
_diffrn_detector.pdbx_collection_date   2011-02-17 
_diffrn_detector.details                ? 
# 
_diffrn_radiation.diffrn_id                        1 
_diffrn_radiation.wavelength_id                    1 
_diffrn_radiation.pdbx_monochromatic_or_laue_m_l   M 
_diffrn_radiation.monochromator                    ? 
_diffrn_radiation.pdbx_diffrn_protocol             'SINGLE WAVELENGTH' 
_diffrn_radiation.pdbx_scattering_type             x-ray 
# 
_diffrn_radiation_wavelength.id           1 
_diffrn_radiation_wavelength.wavelength   0.8726 
_diffrn_radiation_wavelength.wt           1.0 
# 
_diffrn_source.diffrn_id                   1 
_diffrn_source.source                      SYNCHROTRON 
_diffrn_source.type                        'ESRF BEAMLINE ID23-2' 
_diffrn_source.pdbx_synchrotron_site       ESRF 
_diffrn_source.pdbx_synchrotron_beamline   ID23-2 
_diffrn_source.pdbx_wavelength             0.8726 
_diffrn_source.pdbx_wavelength_list        ? 
# 
_reflns.pdbx_diffrn_id               1 
_reflns.pdbx_ordinal                 1 
_reflns.entry_id                     4CQI 
_reflns.observed_criterion_sigma_I   . 
_reflns.observed_criterion_sigma_F   ? 
_reflns.d_resolution_low             39.40 
_reflns.d_resolution_high            1.90 
_reflns.number_obs                   10821 
_reflns.number_all                   ? 
_reflns.percent_possible_obs         100.0 
_reflns.pdbx_Rmerge_I_obs            0.07 
_reflns.pdbx_Rsym_value              ? 
_reflns.pdbx_netI_over_sigmaI        24.90 
_reflns.B_iso_Wilson_estimate        ? 
_reflns.pdbx_redundancy              12.1 
# 
_reflns_shell.pdbx_diffrn_id         1 
_reflns_shell.pdbx_ordinal           1 
_reflns_shell.d_res_high             1.90 
_reflns_shell.d_res_low              2.00 
_reflns_shell.percent_possible_all   100.0 
_reflns_shell.Rmerge_I_obs           0.45 
_reflns_shell.pdbx_Rsym_value        ? 
_reflns_shell.meanI_over_sigI_obs    6.80 
_reflns_shell.pdbx_redundancy        12.4 
# 
_refine.pdbx_refine_id                           'X-RAY DIFFRACTION' 
_refine.entry_id                                 4CQI 
_refine.pdbx_diffrn_id                           1 
_refine.pdbx_TLS_residual_ADP_flag               ? 
_refine.ls_number_reflns_obs                     10286 
_refine.ls_number_reflns_all                     ? 
_refine.pdbx_ls_sigma_I                          ? 
_refine.pdbx_ls_sigma_F                          . 
_refine.pdbx_data_cutoff_high_absF               ? 
_refine.pdbx_data_cutoff_low_absF                ? 
_refine.pdbx_data_cutoff_high_rms_absF           ? 
_refine.ls_d_res_low                             39.43 
_refine.ls_d_res_high                            1.90 
_refine.ls_percent_reflns_obs                    99.96 
_refine.ls_R_factor_obs                          0.18713 
_refine.ls_R_factor_all                          ? 
_refine.ls_R_factor_R_work                       0.18506 
_refine.ls_R_factor_R_free                       0.22760 
_refine.ls_R_factor_R_free_error                 ? 
_refine.ls_R_factor_R_free_error_details         ? 
_refine.ls_percent_reflns_R_free                 4.8 
_refine.ls_number_reflns_R_free                  521 
_refine.ls_number_parameters                     ? 
_refine.ls_number_restraints                     ? 
_refine.occupancy_min                            ? 
_refine.occupancy_max                            ? 
_refine.correlation_coeff_Fo_to_Fc               0.951 
_refine.correlation_coeff_Fo_to_Fc_free          0.931 
_refine.B_iso_mean                               23.981 
_refine.aniso_B[1][1]                            -0.35 
_refine.aniso_B[2][2]                            -0.35 
_refine.aniso_B[3][3]                            0.53 
_refine.aniso_B[1][2]                            -0.18 
_refine.aniso_B[1][3]                            0.00 
_refine.aniso_B[2][3]                            0.00 
_refine.solvent_model_details                    MASK 
_refine.solvent_model_param_ksol                 ? 
_refine.solvent_model_param_bsol                 ? 
_refine.pdbx_solvent_vdw_probe_radii             1.20 
_refine.pdbx_solvent_ion_probe_radii             0.80 
_refine.pdbx_solvent_shrinkage_radii             0.80 
_refine.pdbx_ls_cross_valid_method               THROUGHOUT 
_refine.details                                  
'HYDROGENS HAVE BEEN ADDED IN THE RIDING POSITIONS. RESIDUES WITH INSUFFICIENT ELECTRON DENSITY WERE NOT MODELED.' 
_refine.pdbx_starting_model                      NONE 
_refine.pdbx_method_to_determine_struct          OTHER 
_refine.pdbx_isotropic_thermal_model             ? 
_refine.pdbx_stereochemistry_target_values       'MAXIMUM LIKELIHOOD' 
_refine.pdbx_stereochem_target_val_spec_case     ? 
_refine.pdbx_R_Free_selection_details            RANDOM 
_refine.pdbx_overall_ESU_R                       0.138 
_refine.pdbx_overall_ESU_R_Free                  0.134 
_refine.overall_SU_ML                            0.090 
_refine.pdbx_overall_phase_error                 ? 
_refine.overall_SU_B                             2.975 
_refine.overall_SU_R_Cruickshank_DPI             ? 
_refine.pdbx_overall_SU_R_free_Cruickshank_DPI   ? 
_refine.pdbx_overall_SU_R_Blow_DPI               ? 
_refine.pdbx_overall_SU_R_free_Blow_DPI          ? 
# 
_refine_hist.pdbx_refine_id                   'X-RAY DIFFRACTION' 
_refine_hist.cycle_id                         LAST 
_refine_hist.pdbx_number_atoms_protein        839 
_refine_hist.pdbx_number_atoms_nucleic_acid   0 
_refine_hist.pdbx_number_atoms_ligand         11 
_refine_hist.number_atoms_solvent             90 
_refine_hist.number_atoms_total               940 
_refine_hist.d_res_high                       1.90 
_refine_hist.d_res_low                        39.43 
# 
loop_
_refine_ls_restr.type 
_refine_ls_restr.dev_ideal 
_refine_ls_restr.dev_ideal_target 
_refine_ls_restr.weight 
_refine_ls_restr.number 
_refine_ls_restr.pdbx_refine_id 
_refine_ls_restr.pdbx_restraint_function 
r_bond_refined_d             0.013  0.019  ? 872  'X-RAY DIFFRACTION' ? 
r_bond_other_d               0.001  0.020  ? 613  'X-RAY DIFFRACTION' ? 
r_angle_refined_deg          1.586  2.005  ? 1176 'X-RAY DIFFRACTION' ? 
r_angle_other_deg            0.961  3.000  ? 1506 'X-RAY DIFFRACTION' ? 
r_dihedral_angle_1_deg       4.713  5.000  ? 110  'X-RAY DIFFRACTION' ? 
r_dihedral_angle_2_deg       27.213 25.000 ? 42   'X-RAY DIFFRACTION' ? 
r_dihedral_angle_3_deg       12.961 15.000 ? 176  'X-RAY DIFFRACTION' ? 
r_dihedral_angle_4_deg       23.491 15.000 ? 9    'X-RAY DIFFRACTION' ? 
r_chiral_restr               0.075  0.200  ? 140  'X-RAY DIFFRACTION' ? 
r_gen_planes_refined         0.006  0.021  ? 950  'X-RAY DIFFRACTION' ? 
r_gen_planes_other           0.001  0.020  ? 151  'X-RAY DIFFRACTION' ? 
r_nbd_refined                ?      ?      ? ?    'X-RAY DIFFRACTION' ? 
r_nbd_other                  ?      ?      ? ?    'X-RAY DIFFRACTION' ? 
r_nbtor_refined              ?      ?      ? ?    'X-RAY DIFFRACTION' ? 
r_nbtor_other                ?      ?      ? ?    'X-RAY DIFFRACTION' ? 
r_xyhbond_nbd_refined        ?      ?      ? ?    'X-RAY DIFFRACTION' ? 
r_xyhbond_nbd_other          ?      ?      ? ?    'X-RAY DIFFRACTION' ? 
r_metal_ion_refined          ?      ?      ? ?    'X-RAY DIFFRACTION' ? 
r_metal_ion_other            ?      ?      ? ?    'X-RAY DIFFRACTION' ? 
r_symmetry_vdw_refined       ?      ?      ? ?    'X-RAY DIFFRACTION' ? 
r_symmetry_vdw_other         ?      ?      ? ?    'X-RAY DIFFRACTION' ? 
r_symmetry_hbond_refined     ?      ?      ? ?    'X-RAY DIFFRACTION' ? 
r_symmetry_hbond_other       ?      ?      ? ?    'X-RAY DIFFRACTION' ? 
r_symmetry_metal_ion_refined ?      ?      ? ?    'X-RAY DIFFRACTION' ? 
r_symmetry_metal_ion_other   ?      ?      ? ?    'X-RAY DIFFRACTION' ? 
r_mcbond_it                  ?      ?      ? ?    'X-RAY DIFFRACTION' ? 
r_mcbond_other               ?      ?      ? ?    'X-RAY DIFFRACTION' ? 
r_mcangle_it                 ?      ?      ? ?    'X-RAY DIFFRACTION' ? 
r_mcangle_other              ?      ?      ? ?    'X-RAY DIFFRACTION' ? 
r_scbond_it                  ?      ?      ? ?    'X-RAY DIFFRACTION' ? 
r_scbond_other               ?      ?      ? ?    'X-RAY DIFFRACTION' ? 
r_scangle_it                 ?      ?      ? ?    'X-RAY DIFFRACTION' ? 
r_scangle_other              ?      ?      ? ?    'X-RAY DIFFRACTION' ? 
r_long_range_B_refined       ?      ?      ? ?    'X-RAY DIFFRACTION' ? 
r_long_range_B_other         ?      ?      ? ?    'X-RAY DIFFRACTION' ? 
r_rigid_bond_restr           ?      ?      ? ?    'X-RAY DIFFRACTION' ? 
r_sphericity_free            ?      ?      ? ?    'X-RAY DIFFRACTION' ? 
r_sphericity_bonded          ?      ?      ? ?    'X-RAY DIFFRACTION' ? 
# 
_refine_ls_shell.pdbx_refine_id                   'X-RAY DIFFRACTION' 
_refine_ls_shell.pdbx_total_number_of_bins_used   20 
_refine_ls_shell.d_res_high                       1.900 
_refine_ls_shell.d_res_low                        1.950 
_refine_ls_shell.number_reflns_R_work             702 
_refine_ls_shell.R_factor_R_work                  0.211 
_refine_ls_shell.percent_reflns_obs               100.00 
_refine_ls_shell.R_factor_R_free                  0.317 
_refine_ls_shell.R_factor_R_free_error            ? 
_refine_ls_shell.percent_reflns_R_free            ? 
_refine_ls_shell.number_reflns_R_free             34 
_refine_ls_shell.number_reflns_all                ? 
_refine_ls_shell.R_factor_all                     ? 
# 
_struct.entry_id                  4CQI 
_struct.title                     'Crystal structure of recombinant tubulin-binding cofactor A (TBCA) from Leishmania major' 
_struct.pdbx_model_details        ? 
_struct.pdbx_CASP_flag            ? 
_struct.pdbx_model_type_details   ? 
# 
_struct_keywords.entry_id        4CQI 
_struct_keywords.pdbx_keywords   'STRUCTURAL PROTEIN' 
_struct_keywords.text            'STRUCTURAL PROTEIN, TUBULIN-BINDING COFACTOR A' 
# 
loop_
_struct_asym.id 
_struct_asym.pdbx_blank_PDB_chainid_flag 
_struct_asym.pdbx_modified 
_struct_asym.entity_id 
_struct_asym.details 
A N N 1 ? 
B N N 2 ? 
C N N 3 ? 
D N N 4 ? 
# 
_struct_ref.id                         1 
_struct_ref.db_name                    UNP 
_struct_ref.db_code                    Q9U1D9_LEIMA 
_struct_ref.entity_id                  1 
_struct_ref.pdbx_seq_one_letter_code   ? 
_struct_ref.pdbx_align_begin           ? 
_struct_ref.pdbx_db_accession          Q9U1D9 
_struct_ref.pdbx_db_isoform            ? 
# 
_struct_ref_seq.align_id                      1 
_struct_ref_seq.ref_id                        1 
_struct_ref_seq.pdbx_PDB_id_code              4CQI 
_struct_ref_seq.pdbx_strand_id                A 
_struct_ref_seq.seq_align_beg                 3 
_struct_ref_seq.pdbx_seq_align_beg_ins_code   ? 
_struct_ref_seq.seq_align_end                 127 
_struct_ref_seq.pdbx_seq_align_end_ins_code   ? 
_struct_ref_seq.pdbx_db_accession             Q9U1D9 
_struct_ref_seq.db_align_beg                  1 
_struct_ref_seq.pdbx_db_align_beg_ins_code    ? 
_struct_ref_seq.db_align_end                  125 
_struct_ref_seq.pdbx_db_align_end_ins_code    ? 
_struct_ref_seq.pdbx_auth_seq_align_beg       1 
_struct_ref_seq.pdbx_auth_seq_align_end       125 
# 
loop_
_struct_ref_seq_dif.align_id 
_struct_ref_seq_dif.pdbx_pdb_id_code 
_struct_ref_seq_dif.mon_id 
_struct_ref_seq_dif.pdbx_pdb_strand_id 
_struct_ref_seq_dif.seq_num 
_struct_ref_seq_dif.pdbx_pdb_ins_code 
_struct_ref_seq_dif.pdbx_seq_db_name 
_struct_ref_seq_dif.pdbx_seq_db_accession_code 
_struct_ref_seq_dif.db_mon_id 
_struct_ref_seq_dif.pdbx_seq_db_seq_num 
_struct_ref_seq_dif.details 
_struct_ref_seq_dif.pdbx_auth_seq_num 
_struct_ref_seq_dif.pdbx_ordinal 
1 4CQI GLY A 1 ? UNP Q9U1D9 ? ? 'expression tag' -1 1 
1 4CQI HIS A 2 ? UNP Q9U1D9 ? ? 'expression tag' 0  2 
# 
_pdbx_struct_assembly.id                   1 
_pdbx_struct_assembly.details              author_and_software_defined_assembly 
_pdbx_struct_assembly.method_details       PISA 
_pdbx_struct_assembly.oligomeric_details   monomeric 
_pdbx_struct_assembly.oligomeric_count     1 
# 
_pdbx_struct_assembly_gen.assembly_id       1 
_pdbx_struct_assembly_gen.oper_expression   1 
_pdbx_struct_assembly_gen.asym_id_list      A,B,C,D 
# 
_pdbx_struct_oper_list.id                   1 
_pdbx_struct_oper_list.type                 'identity operation' 
_pdbx_struct_oper_list.name                 1_555 
_pdbx_struct_oper_list.symmetry_operation   x,y,z 
_pdbx_struct_oper_list.matrix[1][1]         1.0000000000 
_pdbx_struct_oper_list.matrix[1][2]         0.0000000000 
_pdbx_struct_oper_list.matrix[1][3]         0.0000000000 
_pdbx_struct_oper_list.vector[1]            0.0000000000 
_pdbx_struct_oper_list.matrix[2][1]         0.0000000000 
_pdbx_struct_oper_list.matrix[2][2]         1.0000000000 
_pdbx_struct_oper_list.matrix[2][3]         0.0000000000 
_pdbx_struct_oper_list.vector[2]            0.0000000000 
_pdbx_struct_oper_list.matrix[3][1]         0.0000000000 
_pdbx_struct_oper_list.matrix[3][2]         0.0000000000 
_pdbx_struct_oper_list.matrix[3][3]         1.0000000000 
_pdbx_struct_oper_list.vector[3]            0.0000000000 
# 
_struct_biol.id   1 
# 
loop_
_struct_conf.conf_type_id 
_struct_conf.id 
_struct_conf.pdbx_PDB_helix_id 
_struct_conf.beg_label_comp_id 
_struct_conf.beg_label_asym_id 
_struct_conf.beg_label_seq_id 
_struct_conf.pdbx_beg_PDB_ins_code 
_struct_conf.end_label_comp_id 
_struct_conf.end_label_asym_id 
_struct_conf.end_label_seq_id 
_struct_conf.pdbx_end_PDB_ins_code 
_struct_conf.beg_auth_comp_id 
_struct_conf.beg_auth_asym_id 
_struct_conf.beg_auth_seq_id 
_struct_conf.end_auth_comp_id 
_struct_conf.end_auth_asym_id 
_struct_conf.end_auth_seq_id 
_struct_conf.pdbx_PDB_helix_class 
_struct_conf.details 
_struct_conf.pdbx_PDB_helix_length 
HELX_P HELX_P1 1 ALA A 22  ? ASP A 63  ? ALA A 20  ASP A 61  1 ? 42 
HELX_P HELX_P2 2 ARG A 66  ? LYS A 101 ? ARG A 64  LYS A 99  1 ? 36 
HELX_P HELX_P3 3 GLU A 102 ? VAL A 106 ? GLU A 100 VAL A 104 5 ? 5  
HELX_P HELX_P4 4 ASN A 108 ? VAL A 126 ? ASN A 106 VAL A 124 1 ? 19 
# 
_struct_conf_type.id          HELX_P 
_struct_conf_type.criteria    ? 
_struct_conf_type.reference   ? 
# 
_struct_conn.id                            disulf1 
_struct_conn.conn_type_id                  disulf 
_struct_conn.pdbx_leaving_atom_flag        ? 
_struct_conn.pdbx_PDB_id                   ? 
_struct_conn.ptnr1_label_asym_id           A 
_struct_conn.ptnr1_label_comp_id           CYS 
_struct_conn.ptnr1_label_seq_id            60 
_struct_conn.ptnr1_label_atom_id           SG 
_struct_conn.pdbx_ptnr1_label_alt_id       ? 
_struct_conn.pdbx_ptnr1_PDB_ins_code       ? 
_struct_conn.pdbx_ptnr1_standard_comp_id   ? 
_struct_conn.ptnr1_symmetry                1_555 
_struct_conn.ptnr2_label_asym_id           A 
_struct_conn.ptnr2_label_comp_id           CYS 
_struct_conn.ptnr2_label_seq_id            60 
_struct_conn.ptnr2_label_atom_id           SG 
_struct_conn.pdbx_ptnr2_label_alt_id       ? 
_struct_conn.pdbx_ptnr2_PDB_ins_code       ? 
_struct_conn.ptnr1_auth_asym_id            A 
_struct_conn.ptnr1_auth_comp_id            CYS 
_struct_conn.ptnr1_auth_seq_id             58 
_struct_conn.ptnr2_auth_asym_id            A 
_struct_conn.ptnr2_auth_comp_id            CYS 
_struct_conn.ptnr2_auth_seq_id             58 
_struct_conn.ptnr2_symmetry                6_764 
_struct_conn.pdbx_ptnr3_label_atom_id      ? 
_struct_conn.pdbx_ptnr3_label_seq_id       ? 
_struct_conn.pdbx_ptnr3_label_comp_id      ? 
_struct_conn.pdbx_ptnr3_label_asym_id      ? 
_struct_conn.pdbx_ptnr3_label_alt_id       ? 
_struct_conn.pdbx_ptnr3_PDB_ins_code       ? 
_struct_conn.details                       ? 
_struct_conn.pdbx_dist_value               2.210 
_struct_conn.pdbx_value_order              ? 
_struct_conn.pdbx_role                     ? 
# 
_struct_conn_type.id          disulf 
_struct_conn_type.criteria    ? 
_struct_conn_type.reference   ? 
# 
_pdbx_modification_feature.ordinal                            1 
_pdbx_modification_feature.label_comp_id                      CYS 
_pdbx_modification_feature.label_asym_id                      A 
_pdbx_modification_feature.label_seq_id                       60 
_pdbx_modification_feature.label_alt_id                       ? 
_pdbx_modification_feature.modified_residue_label_comp_id     CYS 
_pdbx_modification_feature.modified_residue_label_asym_id     A 
_pdbx_modification_feature.modified_residue_label_seq_id      60 
_pdbx_modification_feature.modified_residue_label_alt_id      ? 
_pdbx_modification_feature.auth_comp_id                       CYS 
_pdbx_modification_feature.auth_asym_id                       A 
_pdbx_modification_feature.auth_seq_id                        58 
_pdbx_modification_feature.PDB_ins_code                       ? 
_pdbx_modification_feature.symmetry                           1_555 
_pdbx_modification_feature.modified_residue_auth_comp_id      CYS 
_pdbx_modification_feature.modified_residue_auth_asym_id      A 
_pdbx_modification_feature.modified_residue_auth_seq_id       58 
_pdbx_modification_feature.modified_residue_PDB_ins_code      ? 
_pdbx_modification_feature.modified_residue_symmetry          6_764 
_pdbx_modification_feature.comp_id_linking_atom               SG 
_pdbx_modification_feature.modified_residue_id_linking_atom   SG 
_pdbx_modification_feature.modified_residue_id                . 
_pdbx_modification_feature.ref_pcm_id                         . 
_pdbx_modification_feature.ref_comp_id                        . 
_pdbx_modification_feature.type                               None 
_pdbx_modification_feature.category                           'Disulfide bridge' 
# 
loop_
_struct_site.id 
_struct_site.pdbx_evidence_code 
_struct_site.pdbx_auth_asym_id 
_struct_site.pdbx_auth_comp_id 
_struct_site.pdbx_auth_seq_id 
_struct_site.pdbx_auth_ins_code 
_struct_site.pdbx_num_residues 
_struct_site.details 
AC1 Software A SO4 1126 ? 5 'BINDING SITE FOR RESIDUE SO4 A 1126' 
AC2 Software A GOL 1127 ? 4 'BINDING SITE FOR RESIDUE GOL A 1127' 
# 
loop_
_struct_site_gen.id 
_struct_site_gen.site_id 
_struct_site_gen.pdbx_num_res 
_struct_site_gen.label_comp_id 
_struct_site_gen.label_asym_id 
_struct_site_gen.label_seq_id 
_struct_site_gen.pdbx_auth_ins_code 
_struct_site_gen.auth_comp_id 
_struct_site_gen.auth_asym_id 
_struct_site_gen.auth_seq_id 
_struct_site_gen.label_atom_id 
_struct_site_gen.label_alt_id 
_struct_site_gen.symmetry 
_struct_site_gen.details 
1 AC1 5 ARG A 47  ? ARG A 45   . ? 1_555 ? 
2 AC1 5 ARG A 51  ? ARG A 49   . ? 1_555 ? 
3 AC1 5 LYS A 93  ? LYS A 91   . ? 2_654 ? 
4 AC1 5 HOH D .   ? HOH A 2045 . ? 1_555 ? 
5 AC1 5 HOH D .   ? HOH A 2090 . ? 1_555 ? 
6 AC2 4 LYS A 36  ? LYS A 34   . ? 1_555 ? 
7 AC2 4 LYS A 40  ? LYS A 38   . ? 1_555 ? 
8 AC2 4 GLU A 43  ? GLU A 41   . ? 1_555 ? 
9 AC2 4 ASP A 121 ? ASP A 119  . ? 1_555 ? 
# 
_pdbx_entry_details.entry_id                   4CQI 
_pdbx_entry_details.compound_details           ? 
_pdbx_entry_details.source_details             ? 
_pdbx_entry_details.nonpolymer_details         ? 
_pdbx_entry_details.sequence_details           
;TWO RESIDUES AT N-TERMINUS (GH) REMAIN FROM CLEAVED
EXPRESSION TAG.
;
_pdbx_entry_details.has_ligand_of_interest     ? 
_pdbx_entry_details.has_protein_modification   Y 
# 
_pdbx_validate_close_contact.id               1 
_pdbx_validate_close_contact.PDB_model_num    1 
_pdbx_validate_close_contact.auth_atom_id_1   O 
_pdbx_validate_close_contact.auth_asym_id_1   A 
_pdbx_validate_close_contact.auth_comp_id_1   HOH 
_pdbx_validate_close_contact.auth_seq_id_1    2011 
_pdbx_validate_close_contact.PDB_ins_code_1   ? 
_pdbx_validate_close_contact.label_alt_id_1   ? 
_pdbx_validate_close_contact.auth_atom_id_2   O 
_pdbx_validate_close_contact.auth_asym_id_2   A 
_pdbx_validate_close_contact.auth_comp_id_2   HOH 
_pdbx_validate_close_contact.auth_seq_id_2    2012 
_pdbx_validate_close_contact.PDB_ins_code_2   ? 
_pdbx_validate_close_contact.label_alt_id_2   ? 
_pdbx_validate_close_contact.dist             2.13 
# 
_pdbx_validate_rmsd_angle.id                         1 
_pdbx_validate_rmsd_angle.PDB_model_num              1 
_pdbx_validate_rmsd_angle.auth_atom_id_1             CG 
_pdbx_validate_rmsd_angle.auth_asym_id_1             A 
_pdbx_validate_rmsd_angle.auth_comp_id_1             MET 
_pdbx_validate_rmsd_angle.auth_seq_id_1              77 
_pdbx_validate_rmsd_angle.PDB_ins_code_1             ? 
_pdbx_validate_rmsd_angle.label_alt_id_1             ? 
_pdbx_validate_rmsd_angle.auth_atom_id_2             SD 
_pdbx_validate_rmsd_angle.auth_asym_id_2             A 
_pdbx_validate_rmsd_angle.auth_comp_id_2             MET 
_pdbx_validate_rmsd_angle.auth_seq_id_2              77 
_pdbx_validate_rmsd_angle.PDB_ins_code_2             ? 
_pdbx_validate_rmsd_angle.label_alt_id_2             ? 
_pdbx_validate_rmsd_angle.auth_atom_id_3             CE 
_pdbx_validate_rmsd_angle.auth_asym_id_3             A 
_pdbx_validate_rmsd_angle.auth_comp_id_3             MET 
_pdbx_validate_rmsd_angle.auth_seq_id_3              77 
_pdbx_validate_rmsd_angle.PDB_ins_code_3             ? 
_pdbx_validate_rmsd_angle.label_alt_id_3             ? 
_pdbx_validate_rmsd_angle.angle_value                87.52 
_pdbx_validate_rmsd_angle.angle_target_value         100.20 
_pdbx_validate_rmsd_angle.angle_deviation            -12.68 
_pdbx_validate_rmsd_angle.angle_standard_deviation   1.60 
_pdbx_validate_rmsd_angle.linker_flag                N 
# 
loop_
_pdbx_validate_torsion.id 
_pdbx_validate_torsion.PDB_model_num 
_pdbx_validate_torsion.auth_comp_id 
_pdbx_validate_torsion.auth_asym_id 
_pdbx_validate_torsion.auth_seq_id 
_pdbx_validate_torsion.PDB_ins_code 
_pdbx_validate_torsion.label_alt_id 
_pdbx_validate_torsion.phi 
_pdbx_validate_torsion.psi 
1 1 ASP A 61 ? ? -165.54 69.32   
2 1 LYS A 99 ? ? -106.48 -122.06 
# 
loop_
_pdbx_unobs_or_zero_occ_residues.id 
_pdbx_unobs_or_zero_occ_residues.PDB_model_num 
_pdbx_unobs_or_zero_occ_residues.polymer_flag 
_pdbx_unobs_or_zero_occ_residues.occupancy_flag 
_pdbx_unobs_or_zero_occ_residues.auth_asym_id 
_pdbx_unobs_or_zero_occ_residues.auth_comp_id 
_pdbx_unobs_or_zero_occ_residues.auth_seq_id 
_pdbx_unobs_or_zero_occ_residues.PDB_ins_code 
_pdbx_unobs_or_zero_occ_residues.label_asym_id 
_pdbx_unobs_or_zero_occ_residues.label_comp_id 
_pdbx_unobs_or_zero_occ_residues.label_seq_id 
1  1 Y 1 A GLY -1 ? A GLY 1  
2  1 Y 1 A HIS 0  ? A HIS 2  
3  1 Y 1 A MET 1  ? A MET 3  
4  1 Y 1 A SER 2  ? A SER 4  
5  1 Y 1 A ASP 3  ? A ASP 5  
6  1 Y 1 A SER 4  ? A SER 6  
7  1 Y 1 A THR 5  ? A THR 7  
8  1 Y 1 A GLU 6  ? A GLU 8  
9  1 Y 1 A SER 7  ? A SER 9  
10 1 Y 1 A THR 8  ? A THR 10 
11 1 Y 1 A ASN 9  ? A ASN 11 
12 1 Y 1 A ARG 10 ? A ARG 12 
13 1 Y 1 A PHE 11 ? A PHE 13 
14 1 Y 1 A ALA 12 ? A ALA 14 
15 1 Y 1 A SER 13 ? A SER 15 
16 1 Y 1 A ASN 14 ? A ASN 16 
17 1 Y 1 A VAL 15 ? A VAL 17 
18 1 Y 1 A ARG 16 ? A ARG 18 
19 1 Y 1 A GLN 17 ? A GLN 19 
20 1 Y 1 A ALA 18 ? A ALA 20 
# 
loop_
_chem_comp_atom.comp_id 
_chem_comp_atom.atom_id 
_chem_comp_atom.type_symbol 
_chem_comp_atom.pdbx_aromatic_flag 
_chem_comp_atom.pdbx_stereo_config 
_chem_comp_atom.pdbx_ordinal 
ALA N    N N N 1   
ALA CA   C N S 2   
ALA C    C N N 3   
ALA O    O N N 4   
ALA CB   C N N 5   
ALA OXT  O N N 6   
ALA H    H N N 7   
ALA H2   H N N 8   
ALA HA   H N N 9   
ALA HB1  H N N 10  
ALA HB2  H N N 11  
ALA HB3  H N N 12  
ALA HXT  H N N 13  
ARG N    N N N 14  
ARG CA   C N S 15  
ARG C    C N N 16  
ARG O    O N N 17  
ARG CB   C N N 18  
ARG CG   C N N 19  
ARG CD   C N N 20  
ARG NE   N N N 21  
ARG CZ   C N N 22  
ARG NH1  N N N 23  
ARG NH2  N N N 24  
ARG OXT  O N N 25  
ARG H    H N N 26  
ARG H2   H N N 27  
ARG HA   H N N 28  
ARG HB2  H N N 29  
ARG HB3  H N N 30  
ARG HG2  H N N 31  
ARG HG3  H N N 32  
ARG HD2  H N N 33  
ARG HD3  H N N 34  
ARG HE   H N N 35  
ARG HH11 H N N 36  
ARG HH12 H N N 37  
ARG HH21 H N N 38  
ARG HH22 H N N 39  
ARG HXT  H N N 40  
ASN N    N N N 41  
ASN CA   C N S 42  
ASN C    C N N 43  
ASN O    O N N 44  
ASN CB   C N N 45  
ASN CG   C N N 46  
ASN OD1  O N N 47  
ASN ND2  N N N 48  
ASN OXT  O N N 49  
ASN H    H N N 50  
ASN H2   H N N 51  
ASN HA   H N N 52  
ASN HB2  H N N 53  
ASN HB3  H N N 54  
ASN HD21 H N N 55  
ASN HD22 H N N 56  
ASN HXT  H N N 57  
ASP N    N N N 58  
ASP CA   C N S 59  
ASP C    C N N 60  
ASP O    O N N 61  
ASP CB   C N N 62  
ASP CG   C N N 63  
ASP OD1  O N N 64  
ASP OD2  O N N 65  
ASP OXT  O N N 66  
ASP H    H N N 67  
ASP H2   H N N 68  
ASP HA   H N N 69  
ASP HB2  H N N 70  
ASP HB3  H N N 71  
ASP HD2  H N N 72  
ASP HXT  H N N 73  
CYS N    N N N 74  
CYS CA   C N R 75  
CYS C    C N N 76  
CYS O    O N N 77  
CYS CB   C N N 78  
CYS SG   S N N 79  
CYS OXT  O N N 80  
CYS H    H N N 81  
CYS H2   H N N 82  
CYS HA   H N N 83  
CYS HB2  H N N 84  
CYS HB3  H N N 85  
CYS HG   H N N 86  
CYS HXT  H N N 87  
GLN N    N N N 88  
GLN CA   C N S 89  
GLN C    C N N 90  
GLN O    O N N 91  
GLN CB   C N N 92  
GLN CG   C N N 93  
GLN CD   C N N 94  
GLN OE1  O N N 95  
GLN NE2  N N N 96  
GLN OXT  O N N 97  
GLN H    H N N 98  
GLN H2   H N N 99  
GLN HA   H N N 100 
GLN HB2  H N N 101 
GLN HB3  H N N 102 
GLN HG2  H N N 103 
GLN HG3  H N N 104 
GLN HE21 H N N 105 
GLN HE22 H N N 106 
GLN HXT  H N N 107 
GLU N    N N N 108 
GLU CA   C N S 109 
GLU C    C N N 110 
GLU O    O N N 111 
GLU CB   C N N 112 
GLU CG   C N N 113 
GLU CD   C N N 114 
GLU OE1  O N N 115 
GLU OE2  O N N 116 
GLU OXT  O N N 117 
GLU H    H N N 118 
GLU H2   H N N 119 
GLU HA   H N N 120 
GLU HB2  H N N 121 
GLU HB3  H N N 122 
GLU HG2  H N N 123 
GLU HG3  H N N 124 
GLU HE2  H N N 125 
GLU HXT  H N N 126 
GLY N    N N N 127 
GLY CA   C N N 128 
GLY C    C N N 129 
GLY O    O N N 130 
GLY OXT  O N N 131 
GLY H    H N N 132 
GLY H2   H N N 133 
GLY HA2  H N N 134 
GLY HA3  H N N 135 
GLY HXT  H N N 136 
GOL C1   C N N 137 
GOL O1   O N N 138 
GOL C2   C N N 139 
GOL O2   O N N 140 
GOL C3   C N N 141 
GOL O3   O N N 142 
GOL H11  H N N 143 
GOL H12  H N N 144 
GOL HO1  H N N 145 
GOL H2   H N N 146 
GOL HO2  H N N 147 
GOL H31  H N N 148 
GOL H32  H N N 149 
GOL HO3  H N N 150 
HIS N    N N N 151 
HIS CA   C N S 152 
HIS C    C N N 153 
HIS O    O N N 154 
HIS CB   C N N 155 
HIS CG   C Y N 156 
HIS ND1  N Y N 157 
HIS CD2  C Y N 158 
HIS CE1  C Y N 159 
HIS NE2  N Y N 160 
HIS OXT  O N N 161 
HIS H    H N N 162 
HIS H2   H N N 163 
HIS HA   H N N 164 
HIS HB2  H N N 165 
HIS HB3  H N N 166 
HIS HD1  H N N 167 
HIS HD2  H N N 168 
HIS HE1  H N N 169 
HIS HE2  H N N 170 
HIS HXT  H N N 171 
HOH O    O N N 172 
HOH H1   H N N 173 
HOH H2   H N N 174 
ILE N    N N N 175 
ILE CA   C N S 176 
ILE C    C N N 177 
ILE O    O N N 178 
ILE CB   C N S 179 
ILE CG1  C N N 180 
ILE CG2  C N N 181 
ILE CD1  C N N 182 
ILE OXT  O N N 183 
ILE H    H N N 184 
ILE H2   H N N 185 
ILE HA   H N N 186 
ILE HB   H N N 187 
ILE HG12 H N N 188 
ILE HG13 H N N 189 
ILE HG21 H N N 190 
ILE HG22 H N N 191 
ILE HG23 H N N 192 
ILE HD11 H N N 193 
ILE HD12 H N N 194 
ILE HD13 H N N 195 
ILE HXT  H N N 196 
LEU N    N N N 197 
LEU CA   C N S 198 
LEU C    C N N 199 
LEU O    O N N 200 
LEU CB   C N N 201 
LEU CG   C N N 202 
LEU CD1  C N N 203 
LEU CD2  C N N 204 
LEU OXT  O N N 205 
LEU H    H N N 206 
LEU H2   H N N 207 
LEU HA   H N N 208 
LEU HB2  H N N 209 
LEU HB3  H N N 210 
LEU HG   H N N 211 
LEU HD11 H N N 212 
LEU HD12 H N N 213 
LEU HD13 H N N 214 
LEU HD21 H N N 215 
LEU HD22 H N N 216 
LEU HD23 H N N 217 
LEU HXT  H N N 218 
LYS N    N N N 219 
LYS CA   C N S 220 
LYS C    C N N 221 
LYS O    O N N 222 
LYS CB   C N N 223 
LYS CG   C N N 224 
LYS CD   C N N 225 
LYS CE   C N N 226 
LYS NZ   N N N 227 
LYS OXT  O N N 228 
LYS H    H N N 229 
LYS H2   H N N 230 
LYS HA   H N N 231 
LYS HB2  H N N 232 
LYS HB3  H N N 233 
LYS HG2  H N N 234 
LYS HG3  H N N 235 
LYS HD2  H N N 236 
LYS HD3  H N N 237 
LYS HE2  H N N 238 
LYS HE3  H N N 239 
LYS HZ1  H N N 240 
LYS HZ2  H N N 241 
LYS HZ3  H N N 242 
LYS HXT  H N N 243 
MET N    N N N 244 
MET CA   C N S 245 
MET C    C N N 246 
MET O    O N N 247 
MET CB   C N N 248 
MET CG   C N N 249 
MET SD   S N N 250 
MET CE   C N N 251 
MET OXT  O N N 252 
MET H    H N N 253 
MET H2   H N N 254 
MET HA   H N N 255 
MET HB2  H N N 256 
MET HB3  H N N 257 
MET HG2  H N N 258 
MET HG3  H N N 259 
MET HE1  H N N 260 
MET HE2  H N N 261 
MET HE3  H N N 262 
MET HXT  H N N 263 
PHE N    N N N 264 
PHE CA   C N S 265 
PHE C    C N N 266 
PHE O    O N N 267 
PHE CB   C N N 268 
PHE CG   C Y N 269 
PHE CD1  C Y N 270 
PHE CD2  C Y N 271 
PHE CE1  C Y N 272 
PHE CE2  C Y N 273 
PHE CZ   C Y N 274 
PHE OXT  O N N 275 
PHE H    H N N 276 
PHE H2   H N N 277 
PHE HA   H N N 278 
PHE HB2  H N N 279 
PHE HB3  H N N 280 
PHE HD1  H N N 281 
PHE HD2  H N N 282 
PHE HE1  H N N 283 
PHE HE2  H N N 284 
PHE HZ   H N N 285 
PHE HXT  H N N 286 
PRO N    N N N 287 
PRO CA   C N S 288 
PRO C    C N N 289 
PRO O    O N N 290 
PRO CB   C N N 291 
PRO CG   C N N 292 
PRO CD   C N N 293 
PRO OXT  O N N 294 
PRO H    H N N 295 
PRO HA   H N N 296 
PRO HB2  H N N 297 
PRO HB3  H N N 298 
PRO HG2  H N N 299 
PRO HG3  H N N 300 
PRO HD2  H N N 301 
PRO HD3  H N N 302 
PRO HXT  H N N 303 
SER N    N N N 304 
SER CA   C N S 305 
SER C    C N N 306 
SER O    O N N 307 
SER CB   C N N 308 
SER OG   O N N 309 
SER OXT  O N N 310 
SER H    H N N 311 
SER H2   H N N 312 
SER HA   H N N 313 
SER HB2  H N N 314 
SER HB3  H N N 315 
SER HG   H N N 316 
SER HXT  H N N 317 
SO4 S    S N N 318 
SO4 O1   O N N 319 
SO4 O2   O N N 320 
SO4 O3   O N N 321 
SO4 O4   O N N 322 
THR N    N N N 323 
THR CA   C N S 324 
THR C    C N N 325 
THR O    O N N 326 
THR CB   C N R 327 
THR OG1  O N N 328 
THR CG2  C N N 329 
THR OXT  O N N 330 
THR H    H N N 331 
THR H2   H N N 332 
THR HA   H N N 333 
THR HB   H N N 334 
THR HG1  H N N 335 
THR HG21 H N N 336 
THR HG22 H N N 337 
THR HG23 H N N 338 
THR HXT  H N N 339 
TYR N    N N N 340 
TYR CA   C N S 341 
TYR C    C N N 342 
TYR O    O N N 343 
TYR CB   C N N 344 
TYR CG   C Y N 345 
TYR CD1  C Y N 346 
TYR CD2  C Y N 347 
TYR CE1  C Y N 348 
TYR CE2  C Y N 349 
TYR CZ   C Y N 350 
TYR OH   O N N 351 
TYR OXT  O N N 352 
TYR H    H N N 353 
TYR H2   H N N 354 
TYR HA   H N N 355 
TYR HB2  H N N 356 
TYR HB3  H N N 357 
TYR HD1  H N N 358 
TYR HD2  H N N 359 
TYR HE1  H N N 360 
TYR HE2  H N N 361 
TYR HH   H N N 362 
TYR HXT  H N N 363 
VAL N    N N N 364 
VAL CA   C N S 365 
VAL C    C N N 366 
VAL O    O N N 367 
VAL CB   C N N 368 
VAL CG1  C N N 369 
VAL CG2  C N N 370 
VAL OXT  O N N 371 
VAL H    H N N 372 
VAL H2   H N N 373 
VAL HA   H N N 374 
VAL HB   H N N 375 
VAL HG11 H N N 376 
VAL HG12 H N N 377 
VAL HG13 H N N 378 
VAL HG21 H N N 379 
VAL HG22 H N N 380 
VAL HG23 H N N 381 
VAL HXT  H N N 382 
# 
loop_
_chem_comp_bond.comp_id 
_chem_comp_bond.atom_id_1 
_chem_comp_bond.atom_id_2 
_chem_comp_bond.value_order 
_chem_comp_bond.pdbx_aromatic_flag 
_chem_comp_bond.pdbx_stereo_config 
_chem_comp_bond.pdbx_ordinal 
ALA N   CA   sing N N 1   
ALA N   H    sing N N 2   
ALA N   H2   sing N N 3   
ALA CA  C    sing N N 4   
ALA CA  CB   sing N N 5   
ALA CA  HA   sing N N 6   
ALA C   O    doub N N 7   
ALA C   OXT  sing N N 8   
ALA CB  HB1  sing N N 9   
ALA CB  HB2  sing N N 10  
ALA CB  HB3  sing N N 11  
ALA OXT HXT  sing N N 12  
ARG N   CA   sing N N 13  
ARG N   H    sing N N 14  
ARG N   H2   sing N N 15  
ARG CA  C    sing N N 16  
ARG CA  CB   sing N N 17  
ARG CA  HA   sing N N 18  
ARG C   O    doub N N 19  
ARG C   OXT  sing N N 20  
ARG CB  CG   sing N N 21  
ARG CB  HB2  sing N N 22  
ARG CB  HB3  sing N N 23  
ARG CG  CD   sing N N 24  
ARG CG  HG2  sing N N 25  
ARG CG  HG3  sing N N 26  
ARG CD  NE   sing N N 27  
ARG CD  HD2  sing N N 28  
ARG CD  HD3  sing N N 29  
ARG NE  CZ   sing N N 30  
ARG NE  HE   sing N N 31  
ARG CZ  NH1  sing N N 32  
ARG CZ  NH2  doub N N 33  
ARG NH1 HH11 sing N N 34  
ARG NH1 HH12 sing N N 35  
ARG NH2 HH21 sing N N 36  
ARG NH2 HH22 sing N N 37  
ARG OXT HXT  sing N N 38  
ASN N   CA   sing N N 39  
ASN N   H    sing N N 40  
ASN N   H2   sing N N 41  
ASN CA  C    sing N N 42  
ASN CA  CB   sing N N 43  
ASN CA  HA   sing N N 44  
ASN C   O    doub N N 45  
ASN C   OXT  sing N N 46  
ASN CB  CG   sing N N 47  
ASN CB  HB2  sing N N 48  
ASN CB  HB3  sing N N 49  
ASN CG  OD1  doub N N 50  
ASN CG  ND2  sing N N 51  
ASN ND2 HD21 sing N N 52  
ASN ND2 HD22 sing N N 53  
ASN OXT HXT  sing N N 54  
ASP N   CA   sing N N 55  
ASP N   H    sing N N 56  
ASP N   H2   sing N N 57  
ASP CA  C    sing N N 58  
ASP CA  CB   sing N N 59  
ASP CA  HA   sing N N 60  
ASP C   O    doub N N 61  
ASP C   OXT  sing N N 62  
ASP CB  CG   sing N N 63  
ASP CB  HB2  sing N N 64  
ASP CB  HB3  sing N N 65  
ASP CG  OD1  doub N N 66  
ASP CG  OD2  sing N N 67  
ASP OD2 HD2  sing N N 68  
ASP OXT HXT  sing N N 69  
CYS N   CA   sing N N 70  
CYS N   H    sing N N 71  
CYS N   H2   sing N N 72  
CYS CA  C    sing N N 73  
CYS CA  CB   sing N N 74  
CYS CA  HA   sing N N 75  
CYS C   O    doub N N 76  
CYS C   OXT  sing N N 77  
CYS CB  SG   sing N N 78  
CYS CB  HB2  sing N N 79  
CYS CB  HB3  sing N N 80  
CYS SG  HG   sing N N 81  
CYS OXT HXT  sing N N 82  
GLN N   CA   sing N N 83  
GLN N   H    sing N N 84  
GLN N   H2   sing N N 85  
GLN CA  C    sing N N 86  
GLN CA  CB   sing N N 87  
GLN CA  HA   sing N N 88  
GLN C   O    doub N N 89  
GLN C   OXT  sing N N 90  
GLN CB  CG   sing N N 91  
GLN CB  HB2  sing N N 92  
GLN CB  HB3  sing N N 93  
GLN CG  CD   sing N N 94  
GLN CG  HG2  sing N N 95  
GLN CG  HG3  sing N N 96  
GLN CD  OE1  doub N N 97  
GLN CD  NE2  sing N N 98  
GLN NE2 HE21 sing N N 99  
GLN NE2 HE22 sing N N 100 
GLN OXT HXT  sing N N 101 
GLU N   CA   sing N N 102 
GLU N   H    sing N N 103 
GLU N   H2   sing N N 104 
GLU CA  C    sing N N 105 
GLU CA  CB   sing N N 106 
GLU CA  HA   sing N N 107 
GLU C   O    doub N N 108 
GLU C   OXT  sing N N 109 
GLU CB  CG   sing N N 110 
GLU CB  HB2  sing N N 111 
GLU CB  HB3  sing N N 112 
GLU CG  CD   sing N N 113 
GLU CG  HG2  sing N N 114 
GLU CG  HG3  sing N N 115 
GLU CD  OE1  doub N N 116 
GLU CD  OE2  sing N N 117 
GLU OE2 HE2  sing N N 118 
GLU OXT HXT  sing N N 119 
GLY N   CA   sing N N 120 
GLY N   H    sing N N 121 
GLY N   H2   sing N N 122 
GLY CA  C    sing N N 123 
GLY CA  HA2  sing N N 124 
GLY CA  HA3  sing N N 125 
GLY C   O    doub N N 126 
GLY C   OXT  sing N N 127 
GLY OXT HXT  sing N N 128 
GOL C1  O1   sing N N 129 
GOL C1  C2   sing N N 130 
GOL C1  H11  sing N N 131 
GOL C1  H12  sing N N 132 
GOL O1  HO1  sing N N 133 
GOL C2  O2   sing N N 134 
GOL C2  C3   sing N N 135 
GOL C2  H2   sing N N 136 
GOL O2  HO2  sing N N 137 
GOL C3  O3   sing N N 138 
GOL C3  H31  sing N N 139 
GOL C3  H32  sing N N 140 
GOL O3  HO3  sing N N 141 
HIS N   CA   sing N N 142 
HIS N   H    sing N N 143 
HIS N   H2   sing N N 144 
HIS CA  C    sing N N 145 
HIS CA  CB   sing N N 146 
HIS CA  HA   sing N N 147 
HIS C   O    doub N N 148 
HIS C   OXT  sing N N 149 
HIS CB  CG   sing N N 150 
HIS CB  HB2  sing N N 151 
HIS CB  HB3  sing N N 152 
HIS CG  ND1  sing Y N 153 
HIS CG  CD2  doub Y N 154 
HIS ND1 CE1  doub Y N 155 
HIS ND1 HD1  sing N N 156 
HIS CD2 NE2  sing Y N 157 
HIS CD2 HD2  sing N N 158 
HIS CE1 NE2  sing Y N 159 
HIS CE1 HE1  sing N N 160 
HIS NE2 HE2  sing N N 161 
HIS OXT HXT  sing N N 162 
HOH O   H1   sing N N 163 
HOH O   H2   sing N N 164 
ILE N   CA   sing N N 165 
ILE N   H    sing N N 166 
ILE N   H2   sing N N 167 
ILE CA  C    sing N N 168 
ILE CA  CB   sing N N 169 
ILE CA  HA   sing N N 170 
ILE C   O    doub N N 171 
ILE C   OXT  sing N N 172 
ILE CB  CG1  sing N N 173 
ILE CB  CG2  sing N N 174 
ILE CB  HB   sing N N 175 
ILE CG1 CD1  sing N N 176 
ILE CG1 HG12 sing N N 177 
ILE CG1 HG13 sing N N 178 
ILE CG2 HG21 sing N N 179 
ILE CG2 HG22 sing N N 180 
ILE CG2 HG23 sing N N 181 
ILE CD1 HD11 sing N N 182 
ILE CD1 HD12 sing N N 183 
ILE CD1 HD13 sing N N 184 
ILE OXT HXT  sing N N 185 
LEU N   CA   sing N N 186 
LEU N   H    sing N N 187 
LEU N   H2   sing N N 188 
LEU CA  C    sing N N 189 
LEU CA  CB   sing N N 190 
LEU CA  HA   sing N N 191 
LEU C   O    doub N N 192 
LEU C   OXT  sing N N 193 
LEU CB  CG   sing N N 194 
LEU CB  HB2  sing N N 195 
LEU CB  HB3  sing N N 196 
LEU CG  CD1  sing N N 197 
LEU CG  CD2  sing N N 198 
LEU CG  HG   sing N N 199 
LEU CD1 HD11 sing N N 200 
LEU CD1 HD12 sing N N 201 
LEU CD1 HD13 sing N N 202 
LEU CD2 HD21 sing N N 203 
LEU CD2 HD22 sing N N 204 
LEU CD2 HD23 sing N N 205 
LEU OXT HXT  sing N N 206 
LYS N   CA   sing N N 207 
LYS N   H    sing N N 208 
LYS N   H2   sing N N 209 
LYS CA  C    sing N N 210 
LYS CA  CB   sing N N 211 
LYS CA  HA   sing N N 212 
LYS C   O    doub N N 213 
LYS C   OXT  sing N N 214 
LYS CB  CG   sing N N 215 
LYS CB  HB2  sing N N 216 
LYS CB  HB3  sing N N 217 
LYS CG  CD   sing N N 218 
LYS CG  HG2  sing N N 219 
LYS CG  HG3  sing N N 220 
LYS CD  CE   sing N N 221 
LYS CD  HD2  sing N N 222 
LYS CD  HD3  sing N N 223 
LYS CE  NZ   sing N N 224 
LYS CE  HE2  sing N N 225 
LYS CE  HE3  sing N N 226 
LYS NZ  HZ1  sing N N 227 
LYS NZ  HZ2  sing N N 228 
LYS NZ  HZ3  sing N N 229 
LYS OXT HXT  sing N N 230 
MET N   CA   sing N N 231 
MET N   H    sing N N 232 
MET N   H2   sing N N 233 
MET CA  C    sing N N 234 
MET CA  CB   sing N N 235 
MET CA  HA   sing N N 236 
MET C   O    doub N N 237 
MET C   OXT  sing N N 238 
MET CB  CG   sing N N 239 
MET CB  HB2  sing N N 240 
MET CB  HB3  sing N N 241 
MET CG  SD   sing N N 242 
MET CG  HG2  sing N N 243 
MET CG  HG3  sing N N 244 
MET SD  CE   sing N N 245 
MET CE  HE1  sing N N 246 
MET CE  HE2  sing N N 247 
MET CE  HE3  sing N N 248 
MET OXT HXT  sing N N 249 
PHE N   CA   sing N N 250 
PHE N   H    sing N N 251 
PHE N   H2   sing N N 252 
PHE CA  C    sing N N 253 
PHE CA  CB   sing N N 254 
PHE CA  HA   sing N N 255 
PHE C   O    doub N N 256 
PHE C   OXT  sing N N 257 
PHE CB  CG   sing N N 258 
PHE CB  HB2  sing N N 259 
PHE CB  HB3  sing N N 260 
PHE CG  CD1  doub Y N 261 
PHE CG  CD2  sing Y N 262 
PHE CD1 CE1  sing Y N 263 
PHE CD1 HD1  sing N N 264 
PHE CD2 CE2  doub Y N 265 
PHE CD2 HD2  sing N N 266 
PHE CE1 CZ   doub Y N 267 
PHE CE1 HE1  sing N N 268 
PHE CE2 CZ   sing Y N 269 
PHE CE2 HE2  sing N N 270 
PHE CZ  HZ   sing N N 271 
PHE OXT HXT  sing N N 272 
PRO N   CA   sing N N 273 
PRO N   CD   sing N N 274 
PRO N   H    sing N N 275 
PRO CA  C    sing N N 276 
PRO CA  CB   sing N N 277 
PRO CA  HA   sing N N 278 
PRO C   O    doub N N 279 
PRO C   OXT  sing N N 280 
PRO CB  CG   sing N N 281 
PRO CB  HB2  sing N N 282 
PRO CB  HB3  sing N N 283 
PRO CG  CD   sing N N 284 
PRO CG  HG2  sing N N 285 
PRO CG  HG3  sing N N 286 
PRO CD  HD2  sing N N 287 
PRO CD  HD3  sing N N 288 
PRO OXT HXT  sing N N 289 
SER N   CA   sing N N 290 
SER N   H    sing N N 291 
SER N   H2   sing N N 292 
SER CA  C    sing N N 293 
SER CA  CB   sing N N 294 
SER CA  HA   sing N N 295 
SER C   O    doub N N 296 
SER C   OXT  sing N N 297 
SER CB  OG   sing N N 298 
SER CB  HB2  sing N N 299 
SER CB  HB3  sing N N 300 
SER OG  HG   sing N N 301 
SER OXT HXT  sing N N 302 
SO4 S   O1   doub N N 303 
SO4 S   O2   doub N N 304 
SO4 S   O3   sing N N 305 
SO4 S   O4   sing N N 306 
THR N   CA   sing N N 307 
THR N   H    sing N N 308 
THR N   H2   sing N N 309 
THR CA  C    sing N N 310 
THR CA  CB   sing N N 311 
THR CA  HA   sing N N 312 
THR C   O    doub N N 313 
THR C   OXT  sing N N 314 
THR CB  OG1  sing N N 315 
THR CB  CG2  sing N N 316 
THR CB  HB   sing N N 317 
THR OG1 HG1  sing N N 318 
THR CG2 HG21 sing N N 319 
THR CG2 HG22 sing N N 320 
THR CG2 HG23 sing N N 321 
THR OXT HXT  sing N N 322 
TYR N   CA   sing N N 323 
TYR N   H    sing N N 324 
TYR N   H2   sing N N 325 
TYR CA  C    sing N N 326 
TYR CA  CB   sing N N 327 
TYR CA  HA   sing N N 328 
TYR C   O    doub N N 329 
TYR C   OXT  sing N N 330 
TYR CB  CG   sing N N 331 
TYR CB  HB2  sing N N 332 
TYR CB  HB3  sing N N 333 
TYR CG  CD1  doub Y N 334 
TYR CG  CD2  sing Y N 335 
TYR CD1 CE1  sing Y N 336 
TYR CD1 HD1  sing N N 337 
TYR CD2 CE2  doub Y N 338 
TYR CD2 HD2  sing N N 339 
TYR CE1 CZ   doub Y N 340 
TYR CE1 HE1  sing N N 341 
TYR CE2 CZ   sing Y N 342 
TYR CE2 HE2  sing N N 343 
TYR CZ  OH   sing N N 344 
TYR OH  HH   sing N N 345 
TYR OXT HXT  sing N N 346 
VAL N   CA   sing N N 347 
VAL N   H    sing N N 348 
VAL N   H2   sing N N 349 
VAL CA  C    sing N N 350 
VAL CA  CB   sing N N 351 
VAL CA  HA   sing N N 352 
VAL C   O    doub N N 353 
VAL C   OXT  sing N N 354 
VAL CB  CG1  sing N N 355 
VAL CB  CG2  sing N N 356 
VAL CB  HB   sing N N 357 
VAL CG1 HG11 sing N N 358 
VAL CG1 HG12 sing N N 359 
VAL CG1 HG13 sing N N 360 
VAL CG2 HG21 sing N N 361 
VAL CG2 HG22 sing N N 362 
VAL CG2 HG23 sing N N 363 
VAL OXT HXT  sing N N 364 
# 
_atom_sites.entry_id                    4CQI 
_atom_sites.fract_transf_matrix[1][1]   -0.00815780 
_atom_sites.fract_transf_matrix[1][2]   0.00366951 
_atom_sites.fract_transf_matrix[1][3]   -0.01209522 
_atom_sites.fract_transf_matrix[2][1]   -0.01133036 
_atom_sites.fract_transf_matrix[2][2]   -0.00886336 
_atom_sites.fract_transf_matrix[2][3]   -0.00440292 
_atom_sites.fract_transf_matrix[3][1]   -0.01596130 
_atom_sites.fract_transf_matrix[3][2]   0.01308428 
_atom_sites.fract_transf_matrix[3][3]   0.01473490 
_atom_sites.fract_transf_vector[1]      0.546657 
_atom_sites.fract_transf_vector[2]      0.246325 
_atom_sites.fract_transf_vector[3]      -0.144309 
# 
loop_
_atom_type.symbol 
C 
N 
O 
S 
# 
loop_
_atom_site.group_PDB 
_atom_site.id 
_atom_site.type_symbol 
_atom_site.label_atom_id 
_atom_site.label_alt_id 
_atom_site.label_comp_id 
_atom_site.label_asym_id 
_atom_site.label_entity_id 
_atom_site.label_seq_id 
_atom_site.pdbx_PDB_ins_code 
_atom_site.Cartn_x 
_atom_site.Cartn_y 
_atom_site.Cartn_z 
_atom_site.occupancy 
_atom_site.B_iso_or_equiv 
_atom_site.pdbx_formal_charge 
_atom_site.auth_seq_id 
_atom_site.auth_comp_id 
_atom_site.auth_asym_id 
_atom_site.auth_atom_id 
_atom_site.pdbx_PDB_model_num 
ATOM   1   N N   . GLU A 1 21  ? 14.876  -11.152 18.543  1.00 48.98 ? 19   GLU A N   1 
ATOM   2   C CA  . GLU A 1 21  ? 14.445  -12.582 18.657  1.00 51.55 ? 19   GLU A CA  1 
ATOM   3   C C   . GLU A 1 21  ? 13.256  -12.761 19.617  1.00 43.19 ? 19   GLU A C   1 
ATOM   4   O O   . GLU A 1 21  ? 12.643  -13.826 19.639  1.00 48.16 ? 19   GLU A O   1 
ATOM   5   C CB  . GLU A 1 21  ? 15.617  -13.520 19.040  1.00 57.50 ? 19   GLU A CB  1 
ATOM   6   C CG  . GLU A 1 21  ? 16.771  -12.898 19.828  1.00 66.31 ? 19   GLU A CG  1 
ATOM   7   C CD  . GLU A 1 21  ? 16.356  -12.283 21.161  1.00 72.46 ? 19   GLU A CD  1 
ATOM   8   O OE1 . GLU A 1 21  ? 15.543  -12.902 21.895  1.00 79.34 ? 19   GLU A OE1 1 
ATOM   9   O OE2 . GLU A 1 21  ? 16.863  -11.176 21.481  1.00 78.48 ? 19   GLU A OE2 1 
ATOM   10  N N   . ALA A 1 22  ? 12.953  -11.722 20.392  1.00 37.24 ? 20   ALA A N   1 
ATOM   11  C CA  . ALA A 1 22  ? 11.722  -11.618 21.179  1.00 33.33 ? 20   ALA A CA  1 
ATOM   12  C C   . ALA A 1 22  ? 10.499  -11.835 20.250  1.00 29.67 ? 20   ALA A C   1 
ATOM   13  O O   . ALA A 1 22  ? 10.465  -11.296 19.148  1.00 22.63 ? 20   ALA A O   1 
ATOM   14  C CB  . ALA A 1 22  ? 11.663  -10.251 21.834  1.00 31.90 ? 20   ALA A CB  1 
ATOM   15  N N   . PRO A 1 23  ? 9.525   -12.667 20.654  1.00 29.09 ? 21   PRO A N   1 
ATOM   16  C CA  . PRO A 1 23  ? 8.458   -12.951 19.672  1.00 26.93 ? 21   PRO A CA  1 
ATOM   17  C C   . PRO A 1 23  ? 7.629   -11.716 19.338  1.00 24.00 ? 21   PRO A C   1 
ATOM   18  O O   . PRO A 1 23  ? 7.156   -11.603 18.194  1.00 22.97 ? 21   PRO A O   1 
ATOM   19  C CB  . PRO A 1 23  ? 7.608   -14.027 20.353  1.00 29.09 ? 21   PRO A CB  1 
ATOM   20  C CG  . PRO A 1 23  ? 7.905   -13.885 21.806  1.00 30.54 ? 21   PRO A CG  1 
ATOM   21  C CD  . PRO A 1 23  ? 9.301   -13.368 21.938  1.00 30.40 ? 21   PRO A CD  1 
ATOM   22  N N   . ASN A 1 24  ? 7.462   -10.794 20.292  1.00 22.79 ? 22   ASN A N   1 
ATOM   23  C CA  . ASN A 1 24  ? 6.739   -9.559  20.005  1.00 23.54 ? 22   ASN A CA  1 
ATOM   24  C C   . ASN A 1 24  ? 7.522   -8.628  19.069  1.00 24.14 ? 22   ASN A C   1 
ATOM   25  O O   . ASN A 1 24  ? 6.940   -7.897  18.251  1.00 20.12 ? 22   ASN A O   1 
ATOM   26  C CB  . ASN A 1 24  ? 6.310   -8.816  21.264  1.00 25.58 ? 22   ASN A CB  1 
ATOM   27  C CG  . ASN A 1 24  ? 7.460   -8.478  22.200  1.00 27.39 ? 22   ASN A CG  1 
ATOM   28  O OD1 . ASN A 1 24  ? 8.548   -9.087  22.146  1.00 28.22 ? 22   ASN A OD1 1 
ATOM   29  N ND2 . ASN A 1 24  ? 7.206   -7.516  23.096  1.00 29.06 ? 22   ASN A ND2 1 
ATOM   30  N N   . GLU A 1 25  ? 8.853   -8.666  19.181  1.00 23.72 ? 23   GLU A N   1 
ATOM   31  C CA  A GLU A 1 25  ? 9.730   -7.879  18.306  0.50 23.57 ? 23   GLU A CA  1 
ATOM   32  C CA  B GLU A 1 25  ? 9.670   -7.835  18.300  0.50 23.10 ? 23   GLU A CA  1 
ATOM   33  C C   . GLU A 1 25  ? 9.604   -8.405  16.889  1.00 22.26 ? 23   GLU A C   1 
ATOM   34  O O   . GLU A 1 25  ? 9.486   -7.638  15.935  1.00 22.43 ? 23   GLU A O   1 
ATOM   35  C CB  A GLU A 1 25  ? 11.205  -7.960  18.777  0.50 24.57 ? 23   GLU A CB  1 
ATOM   36  C CB  B GLU A 1 25  ? 11.113  -7.672  18.829  0.50 23.54 ? 23   GLU A CB  1 
ATOM   37  C CG  A GLU A 1 25  ? 12.157  -7.095  17.959  0.50 24.63 ? 23   GLU A CG  1 
ATOM   38  C CG  B GLU A 1 25  ? 11.262  -6.476  19.763  0.50 23.31 ? 23   GLU A CG  1 
ATOM   39  C CD  A GLU A 1 25  ? 13.626  -7.131  18.401  0.50 26.57 ? 23   GLU A CD  1 
ATOM   40  C CD  B GLU A 1 25  ? 12.633  -6.373  20.429  0.50 23.97 ? 23   GLU A CD  1 
ATOM   41  O OE1 A GLU A 1 25  ? 14.091  -8.105  19.048  0.50 26.68 ? 23   GLU A OE1 1 
ATOM   42  O OE1 B GLU A 1 25  ? 13.615  -6.942  19.908  0.50 21.79 ? 23   GLU A OE1 1 
ATOM   43  O OE2 A GLU A 1 25  ? 14.332  -6.169  18.051  0.50 27.25 ? 23   GLU A OE2 1 
ATOM   44  O OE2 B GLU A 1 25  ? 12.718  -5.722  21.489  0.50 23.37 ? 23   GLU A OE2 1 
ATOM   45  N N   . LYS A 1 26  ? 9.649   -9.730  16.761  1.00 22.35 ? 24   LYS A N   1 
ATOM   46  C CA  . LYS A 1 26  ? 9.595   -10.414 15.468  1.00 24.30 ? 24   LYS A CA  1 
ATOM   47  C C   . LYS A 1 26  ? 8.264   -10.127 14.750  1.00 21.99 ? 24   LYS A C   1 
ATOM   48  O O   . LYS A 1 26  ? 8.227   -9.840  13.522  1.00 19.84 ? 24   LYS A O   1 
ATOM   49  C CB  . LYS A 1 26  ? 9.770   -11.928 15.665  1.00 28.21 ? 24   LYS A CB  1 
ATOM   50  C CG  . LYS A 1 26  ? 9.644   -12.751 14.396  1.00 33.03 ? 24   LYS A CG  1 
ATOM   51  C CD  . LYS A 1 26  ? 9.470   -14.243 14.674  1.00 37.90 ? 24   LYS A CD  1 
ATOM   52  C CE  . LYS A 1 26  ? 9.163   -15.027 13.395  1.00 39.52 ? 24   LYS A CE  1 
ATOM   53  N NZ  . LYS A 1 26  ? 10.407  -15.474 12.689  1.00 44.64 ? 24   LYS A NZ  1 
ATOM   54  N N   . THR A 1 27  ? 7.175   -10.211 15.504  1.00 18.38 ? 25   THR A N   1 
ATOM   55  C CA  . THR A 1 27  ? 5.830   -9.937  14.957  1.00 18.25 ? 25   THR A CA  1 
ATOM   56  C C   . THR A 1 27  ? 5.719   -8.474  14.528  1.00 17.99 ? 25   THR A C   1 
ATOM   57  O O   . THR A 1 27  ? 5.207   -8.170  13.418  1.00 17.10 ? 25   THR A O   1 
ATOM   58  C CB  . THR A 1 27  ? 4.763   -10.331 15.985  1.00 18.76 ? 25   THR A CB  1 
ATOM   59  O OG1 . THR A 1 27  ? 4.817   -11.765 16.138  1.00 20.82 ? 25   THR A OG1 1 
ATOM   60  C CG2 . THR A 1 27  ? 3.380   -9.917  15.545  1.00 17.83 ? 25   THR A CG2 1 
ATOM   61  N N   . LEU A 1 28  ? 6.190   -7.569  15.377  1.00 16.82 ? 26   LEU A N   1 
ATOM   62  C CA  . LEU A 1 28  ? 6.175   -6.139  15.029  1.00 18.61 ? 26   LEU A CA  1 
ATOM   63  C C   . LEU A 1 28  ? 6.904   -5.858  13.714  1.00 19.19 ? 26   LEU A C   1 
ATOM   64  O O   . LEU A 1 28  ? 6.416   -5.106  12.860  1.00 17.45 ? 26   LEU A O   1 
ATOM   65  C CB  . LEU A 1 28  ? 6.734   -5.282  16.153  1.00 18.91 ? 26   LEU A CB  1 
ATOM   66  C CG  . LEU A 1 28  ? 6.671   -3.767  16.033  1.00 19.80 ? 26   LEU A CG  1 
ATOM   67  C CD1 . LEU A 1 28  ? 5.252   -3.274  15.718  1.00 18.41 ? 26   LEU A CD1 1 
ATOM   68  C CD2 . LEU A 1 28  ? 7.210   -3.077  17.307  1.00 18.31 ? 26   LEU A CD2 1 
ATOM   69  N N   . ARG A 1 29  ? 8.084   -6.458  13.570  1.00 20.42 ? 27   ARG A N   1 
ATOM   70  C CA  . ARG A 1 29  ? 8.883   -6.330  12.348  1.00 22.22 ? 27   ARG A CA  1 
ATOM   71  C C   . ARG A 1 29  ? 8.119   -6.798  11.112  1.00 21.07 ? 27   ARG A C   1 
ATOM   72  O O   . ARG A 1 29  ? 8.098   -6.098  10.088  1.00 19.94 ? 27   ARG A O   1 
ATOM   73  C CB  . ARG A 1 29  ? 10.203  -7.120  12.540  1.00 26.48 ? 27   ARG A CB  1 
ATOM   74  C CG  . ARG A 1 29  ? 11.328  -6.816  11.575  1.00 35.55 ? 27   ARG A CG  1 
ATOM   75  C CD  . ARG A 1 29  ? 12.624  -7.509  12.042  1.00 38.05 ? 27   ARG A CD  1 
ATOM   76  N NE  . ARG A 1 29  ? 13.301  -6.774  13.127  1.00 42.60 ? 27   ARG A NE  1 
ATOM   77  C CZ  . ARG A 1 29  ? 13.522  -7.213  14.371  1.00 44.63 ? 27   ARG A CZ  1 
ATOM   78  N NH1 . ARG A 1 29  ? 13.129  -8.431  14.762  1.00 53.02 ? 27   ARG A NH1 1 
ATOM   79  N NH2 . ARG A 1 29  ? 14.155  -6.431  15.245  1.00 44.51 ? 27   ARG A NH2 1 
ATOM   80  N N   . ILE A 1 30  ? 7.479   -7.972  11.193  1.00 19.03 ? 28   ILE A N   1 
ATOM   81  C CA  . ILE A 1 30  ? 6.696   -8.511  10.096  1.00 19.18 ? 28   ILE A CA  1 
ATOM   82  C C   . ILE A 1 30  ? 5.562   -7.564  9.734   1.00 18.79 ? 28   ILE A C   1 
ATOM   83  O O   . ILE A 1 30  ? 5.312   -7.315  8.547   1.00 17.97 ? 28   ILE A O   1 
ATOM   84  C CB  . ILE A 1 30  ? 6.105   -9.894  10.440  1.00 21.45 ? 28   ILE A CB  1 
ATOM   85  C CG1 . ILE A 1 30  ? 7.213   -10.957 10.528  1.00 23.60 ? 28   ILE A CG1 1 
ATOM   86  C CG2 . ILE A 1 30  ? 5.043   -10.316 9.418   1.00 22.09 ? 28   ILE A CG2 1 
ATOM   87  C CD1 . ILE A 1 30  ? 6.786   -12.169 11.355  1.00 23.56 ? 28   ILE A CD1 1 
ATOM   88  N N   . LYS A 1 31  ? 4.873   -7.058  10.742  1.00 16.87 ? 29   LYS A N   1 
ATOM   89  C CA  . LYS A 1 31  ? 3.752   -6.136  10.479  1.00 17.15 ? 29   LYS A CA  1 
ATOM   90  C C   . LYS A 1 31  ? 4.231   -4.814  9.840   1.00 16.34 ? 29   LYS A C   1 
ATOM   91  O O   . LYS A 1 31  ? 3.587   -4.311  8.919   1.00 16.17 ? 29   LYS A O   1 
ATOM   92  C CB  . LYS A 1 31  ? 2.925   -5.891  11.728  1.00 17.74 ? 29   LYS A CB  1 
ATOM   93  C CG  . LYS A 1 31  ? 2.219   -7.125  12.290  1.00 17.71 ? 29   LYS A CG  1 
ATOM   94  C CD  . LYS A 1 31  ? 1.316   -6.734  13.475  1.00 18.25 ? 29   LYS A CD  1 
ATOM   95  C CE  . LYS A 1 31  ? 0.623   -7.987  14.047  1.00 20.31 ? 29   LYS A CE  1 
ATOM   96  N NZ  . LYS A 1 31  ? -0.323  -8.638  13.098  1.00 18.31 ? 29   LYS A NZ  1 
ATOM   97  N N   . VAL A 1 32  ? 5.378   -4.291  10.290  1.00 14.86 ? 30   VAL A N   1 
ATOM   98  C CA  . VAL A 1 32  ? 5.938   -3.062  9.726   1.00 15.84 ? 30   VAL A CA  1 
ATOM   99  C C   . VAL A 1 32  ? 6.317   -3.312  8.273   1.00 16.28 ? 30   VAL A C   1 
ATOM   100 O O   . VAL A 1 32  ? 6.017   -2.476  7.404   1.00 16.78 ? 30   VAL A O   1 
ATOM   101 C CB  . VAL A 1 32  ? 7.133   -2.536  10.562  1.00 15.39 ? 30   VAL A CB  1 
ATOM   102 C CG1 . VAL A 1 32  ? 7.910   -1.442  9.809   1.00 14.98 ? 30   VAL A CG1 1 
ATOM   103 C CG2 . VAL A 1 32  ? 6.611   -2.027  11.905  1.00 14.71 ? 30   VAL A CG2 1 
ATOM   104 N N   . SER A 1 33  ? 6.957   -4.440  7.992   1.00 16.25 ? 31   SER A N   1 
ATOM   105 C CA  A SER A 1 33  ? 7.349   -4.780  6.611   0.50 17.57 ? 31   SER A CA  1 
ATOM   106 C CA  B SER A 1 33  ? 7.346   -4.780  6.612   0.50 17.24 ? 31   SER A CA  1 
ATOM   107 C C   . SER A 1 33  ? 6.123   -4.940  5.726   1.00 18.07 ? 31   SER A C   1 
ATOM   108 O O   . SER A 1 33  ? 6.085   -4.452  4.561   1.00 17.80 ? 31   SER A O   1 
ATOM   109 C CB  A SER A 1 33  ? 8.215   -6.044  6.564   0.50 18.41 ? 31   SER A CB  1 
ATOM   110 C CB  B SER A 1 33  ? 8.200   -6.048  6.575   0.50 17.69 ? 31   SER A CB  1 
ATOM   111 O OG  A SER A 1 33  ? 8.450   -6.456  5.224   0.50 20.35 ? 31   SER A OG  1 
ATOM   112 O OG  B SER A 1 33  ? 9.449   -5.828  7.195   0.50 18.51 ? 31   SER A OG  1 
ATOM   113 N N   . ALA A 1 34  ? 5.097   -5.602  6.248   1.00 17.79 ? 32   ALA A N   1 
ATOM   114 C CA  . ALA A 1 34  ? 3.864   -5.752  5.485   1.00 17.38 ? 32   ALA A CA  1 
ATOM   115 C C   . ALA A 1 34  ? 3.235   -4.393  5.116   1.00 16.53 ? 32   ALA A C   1 
ATOM   116 O O   . ALA A 1 34  ? 2.780   -4.196  3.961   1.00 16.49 ? 32   ALA A O   1 
ATOM   117 C CB  . ALA A 1 34  ? 2.889   -6.628  6.271   1.00 18.14 ? 32   ALA A CB  1 
ATOM   118 N N   . LEU A 1 35  ? 3.198   -3.460  6.078   1.00 15.37 ? 33   LEU A N   1 
ATOM   119 C CA  . LEU A 1 35  ? 2.614   -2.149  5.886   1.00 15.44 ? 33   LEU A CA  1 
ATOM   120 C C   . LEU A 1 35  ? 3.412   -1.371  4.816   1.00 16.38 ? 33   LEU A C   1 
ATOM   121 O O   . LEU A 1 35  ? 2.833   -0.747  3.914   1.00 14.09 ? 33   LEU A O   1 
ATOM   122 C CB  . LEU A 1 35  ? 2.555   -1.339  7.191   1.00 14.25 ? 33   LEU A CB  1 
ATOM   123 C CG  . LEU A 1 35  ? 2.138   0.135   7.054   1.00 14.12 ? 33   LEU A CG  1 
ATOM   124 C CD1 . LEU A 1 35  ? 0.831   0.379   6.268   1.00 13.03 ? 33   LEU A CD1 1 
ATOM   125 C CD2 . LEU A 1 35  ? 2.072   0.808   8.419   1.00 13.74 ? 33   LEU A CD2 1 
ATOM   126 N N   . LYS A 1 36  ? 4.733   -1.405  4.954   1.00 16.55 ? 34   LYS A N   1 
ATOM   127 C CA  . LYS A 1 36  ? 5.598   -0.763  3.986   1.00 18.76 ? 34   LYS A CA  1 
ATOM   128 C C   . LYS A 1 36  ? 5.283   -1.267  2.567   1.00 17.63 ? 34   LYS A C   1 
ATOM   129 O O   . LYS A 1 36  ? 5.185   -0.457  1.638   1.00 17.17 ? 34   LYS A O   1 
ATOM   130 C CB  . LYS A 1 36  ? 7.077   -1.046  4.348   1.00 22.75 ? 34   LYS A CB  1 
ATOM   131 C CG  . LYS A 1 36  ? 8.077   -0.357  3.433   1.00 28.08 ? 34   LYS A CG  1 
ATOM   132 C CD  . LYS A 1 36  ? 9.518   -0.515  3.949   1.00 33.19 ? 34   LYS A CD  1 
ATOM   133 C CE  . LYS A 1 36  ? 10.547  -0.750  2.831   1.00 40.55 ? 34   LYS A CE  1 
ATOM   134 N NZ  . LYS A 1 36  ? 10.593  0.281   1.750   1.00 42.57 ? 34   LYS A NZ  1 
ATOM   135 N N   . ARG A 1 37  ? 5.123   -2.578  2.402   1.00 16.70 ? 35   ARG A N   1 
ATOM   136 C CA  . ARG A 1 37  ? 4.741   -3.158  1.068   1.00 18.78 ? 35   ARG A CA  1 
ATOM   137 C C   . ARG A 1 37  ? 3.393   -2.647  0.551   1.00 16.33 ? 35   ARG A C   1 
ATOM   138 O O   . ARG A 1 37  ? 3.308   -2.307  -0.621  1.00 14.69 ? 35   ARG A O   1 
ATOM   139 C CB  A ARG A 1 37  ? 4.800   -4.685  1.062   0.50 20.00 ? 35   ARG A CB  1 
ATOM   140 C CB  B ARG A 1 37  ? 4.765   -4.699  1.069   0.50 19.51 ? 35   ARG A CB  1 
ATOM   141 C CG  A ARG A 1 37  ? 6.191   -5.221  0.770   0.50 22.07 ? 35   ARG A CG  1 
ATOM   142 C CG  B ARG A 1 37  ? 4.628   -5.348  -0.314  0.50 20.90 ? 35   ARG A CG  1 
ATOM   143 C CD  A ARG A 1 37  ? 6.185   -6.717  0.607   0.50 23.70 ? 35   ARG A CD  1 
ATOM   144 C CD  B ARG A 1 37  ? 4.708   -6.876  -0.253  0.50 22.70 ? 35   ARG A CD  1 
ATOM   145 N NE  A ARG A 1 37  ? 5.724   -7.354  1.822   0.50 26.11 ? 35   ARG A NE  1 
ATOM   146 N NE  B ARG A 1 37  ? 4.390   -7.493  -1.544  0.50 24.14 ? 35   ARG A NE  1 
ATOM   147 C CZ  A ARG A 1 37  ? 6.534   -7.777  2.788   0.50 25.59 ? 35   ARG A CZ  1 
ATOM   148 C CZ  B ARG A 1 37  ? 3.815   -8.682  -1.701  0.50 25.58 ? 35   ARG A CZ  1 
ATOM   149 N NH1 A ARG A 1 37  ? 7.846   -7.645  2.664   0.50 26.66 ? 35   ARG A NH1 1 
ATOM   150 N NH1 B ARG A 1 37  ? 3.479   -9.421  -0.643  0.50 27.60 ? 35   ARG A NH1 1 
ATOM   151 N NH2 A ARG A 1 37  ? 6.023   -8.339  3.855   0.50 24.94 ? 35   ARG A NH2 1 
ATOM   152 N NH2 B ARG A 1 37  ? 3.570   -9.141  -2.917  0.50 26.64 ? 35   ARG A NH2 1 
ATOM   153 N N   . THR A 1 38  ? 2.366   -2.533  1.398   1.00 15.39 ? 36   THR A N   1 
ATOM   154 C CA  . THR A 1 38  ? 1.086   -1.980  0.950   1.00 14.85 ? 36   THR A CA  1 
ATOM   155 C C   . THR A 1 38  ? 1.237   -0.525  0.510   1.00 14.50 ? 36   THR A C   1 
ATOM   156 O O   . THR A 1 38  ? 0.540   -0.059  -0.392  1.00 14.88 ? 36   THR A O   1 
ATOM   157 C CB  . THR A 1 38  ? -0.041  -2.091  1.996   1.00 16.63 ? 36   THR A CB  1 
ATOM   158 O OG1 . THR A 1 38  ? 0.223   -1.200  3.102   1.00 16.86 ? 36   THR A OG1 1 
ATOM   159 C CG2 . THR A 1 38  ? -0.186  -3.537  2.525   1.00 17.45 ? 36   THR A CG2 1 
ATOM   160 N N   . ILE A 1 39  ? 2.136   0.223   1.143   1.00 13.69 ? 37   ILE A N   1 
ATOM   161 C CA  . ILE A 1 39  ? 2.298   1.613   0.741   1.00 13.95 ? 37   ILE A CA  1 
ATOM   162 C C   . ILE A 1 39  ? 2.965   1.704   -0.654  1.00 15.52 ? 37   ILE A C   1 
ATOM   163 O O   . ILE A 1 39  ? 2.537   2.485   -1.500  1.00 13.90 ? 37   ILE A O   1 
ATOM   164 C CB  . ILE A 1 39  ? 3.043   2.417   1.812   1.00 13.49 ? 37   ILE A CB  1 
ATOM   165 C CG1 . ILE A 1 39  ? 2.223   2.411   3.092   1.00 13.13 ? 37   ILE A CG1 1 
ATOM   166 C CG2 . ILE A 1 39  ? 3.305   3.852   1.378   1.00 14.56 ? 37   ILE A CG2 1 
ATOM   167 C CD1 . ILE A 1 39  ? 2.990   2.881   4.306   1.00 12.90 ? 37   ILE A CD1 1 
ATOM   168 N N   . LYS A 1 40  ? 4.012   0.899   -0.881  1.00 15.58 ? 38   LYS A N   1 
ATOM   169 C CA  . LYS A 1 40  ? 4.669   0.870   -2.173  1.00 17.18 ? 38   LYS A CA  1 
ATOM   170 C C   . LYS A 1 40  ? 3.674   0.401   -3.248  1.00 16.01 ? 38   LYS A C   1 
ATOM   171 O O   . LYS A 1 40  ? 3.620   0.981   -4.349  1.00 14.26 ? 38   LYS A O   1 
ATOM   172 C CB  . LYS A 1 40  ? 5.914   -0.030  -2.133  1.00 19.93 ? 38   LYS A CB  1 
ATOM   173 C CG  . LYS A 1 40  ? 6.983   0.379   -1.115  1.00 26.14 ? 38   LYS A CG  1 
ATOM   174 C CD  . LYS A 1 40  ? 7.550   1.761   -1.378  1.00 31.49 ? 38   LYS A CD  1 
ATOM   175 C CE  . LYS A 1 40  ? 8.938   1.917   -0.734  1.00 35.89 ? 38   LYS A CE  1 
ATOM   176 N NZ  . LYS A 1 40  ? 9.448   3.326   -0.785  1.00 41.86 ? 38   LYS A NZ  1 
ATOM   177 N N   . ASP A 1 41  ? 2.844   -0.580  -2.906  1.00 15.99 ? 39   ASP A N   1 
ATOM   178 C CA  . ASP A 1 41  ? 1.773   -1.032  -3.833  1.00 15.50 ? 39   ASP A CA  1 
ATOM   179 C C   . ASP A 1 41  ? 0.910   0.116   -4.321  1.00 15.30 ? 39   ASP A C   1 
ATOM   180 O O   . ASP A 1 41  ? 0.574   0.189   -5.510  1.00 12.81 ? 39   ASP A O   1 
ATOM   181 C CB  . ASP A 1 41  ? 0.884   -2.157  -3.230  1.00 15.64 ? 39   ASP A CB  1 
ATOM   182 C CG  . ASP A 1 41  ? 1.612   -3.506  -3.080  1.00 17.33 ? 39   ASP A CG  1 
ATOM   183 O OD1 . ASP A 1 41  ? 2.667   -3.693  -3.725  1.00 18.76 ? 39   ASP A OD1 1 
ATOM   184 O OD2 . ASP A 1 41  ? 1.139   -4.357  -2.284  1.00 17.22 ? 39   ASP A OD2 1 
ATOM   185 N N   . LEU A 1 42  ? 0.486   0.988   -3.411  1.00 13.42 ? 40   LEU A N   1 
ATOM   186 C CA  . LEU A 1 42  ? -0.375  2.085   -3.824  1.00 13.51 ? 40   LEU A CA  1 
ATOM   187 C C   . LEU A 1 42  ? 0.409   3.031   -4.746  1.00 13.62 ? 40   LEU A C   1 
ATOM   188 O O   . LEU A 1 42  ? -0.119  3.516   -5.744  1.00 12.66 ? 40   LEU A O   1 
ATOM   189 C CB  . LEU A 1 42  ? -0.907  2.834   -2.610  1.00 13.39 ? 40   LEU A CB  1 
ATOM   190 C CG  . LEU A 1 42  ? -1.683  4.098   -2.890  1.00 14.04 ? 40   LEU A CG  1 
ATOM   191 C CD1 . LEU A 1 42  ? -2.935  3.835   -3.759  1.00 12.31 ? 40   LEU A CD1 1 
ATOM   192 C CD2 . LEU A 1 42  ? -2.003  4.801   -1.565  1.00 14.79 ? 40   LEU A CD2 1 
ATOM   193 N N   . GLU A 1 43  ? 1.664   3.316   -4.400  1.00 14.16 ? 41   GLU A N   1 
ATOM   194 C CA  . GLU A 1 43  ? 2.473   4.242   -5.219  1.00 15.29 ? 41   GLU A CA  1 
ATOM   195 C C   . GLU A 1 43  ? 2.587   3.722   -6.638  1.00 14.24 ? 41   GLU A C   1 
ATOM   196 O O   . GLU A 1 43  ? 2.368   4.469   -7.612  1.00 12.79 ? 41   GLU A O   1 
ATOM   197 C CB  . GLU A 1 43  ? 3.887   4.452   -4.642  1.00 18.20 ? 41   GLU A CB  1 
ATOM   198 C CG  . GLU A 1 43  ? 3.895   5.038   -3.230  1.00 22.67 ? 41   GLU A CG  1 
ATOM   199 C CD  . GLU A 1 43  ? 5.278   5.087   -2.537  1.00 26.89 ? 41   GLU A CD  1 
ATOM   200 O OE1 . GLU A 1 43  ? 6.247   4.430   -3.014  1.00 29.79 ? 41   GLU A OE1 1 
ATOM   201 O OE2 . GLU A 1 43  ? 5.379   5.777   -1.483  1.00 26.54 ? 41   GLU A OE2 1 
ATOM   202 N N   . PHE A 1 44  ? 2.889   2.433   -6.766  1.00 13.32 ? 42   PHE A N   1 
ATOM   203 C CA  . PHE A 1 44  ? 3.028   1.862   -8.126  1.00 13.83 ? 42   PHE A CA  1 
ATOM   204 C C   . PHE A 1 44  ? 1.671   1.833   -8.835  1.00 13.69 ? 42   PHE A C   1 
ATOM   205 O O   . PHE A 1 44  ? 1.617   2.107   -10.044 1.00 14.12 ? 42   PHE A O   1 
ATOM   206 C CB  . PHE A 1 44  ? 3.654   0.482   -8.096  1.00 14.26 ? 42   PHE A CB  1 
ATOM   207 C CG  . PHE A 1 44  ? 5.105   0.467   -7.734  1.00 15.77 ? 42   PHE A CG  1 
ATOM   208 C CD1 . PHE A 1 44  ? 6.058   1.069   -8.550  1.00 16.61 ? 42   PHE A CD1 1 
ATOM   209 C CD2 . PHE A 1 44  ? 5.539   -0.183  -6.598  1.00 17.51 ? 42   PHE A CD2 1 
ATOM   210 C CE1 . PHE A 1 44  ? 7.394   0.997   -8.221  1.00 17.81 ? 42   PHE A CE1 1 
ATOM   211 C CE2 . PHE A 1 44  ? 6.884   -0.231  -6.248  1.00 18.42 ? 42   PHE A CE2 1 
ATOM   212 C CZ  . PHE A 1 44  ? 7.816   0.372   -7.053  1.00 18.06 ? 42   PHE A CZ  1 
ATOM   213 N N   . ALA A 1 45  ? 0.584   1.522   -8.106  1.00 14.11 ? 43   ALA A N   1 
ATOM   214 C CA  . ALA A 1 45  ? -0.777  1.498   -8.666  1.00 14.13 ? 43   ALA A CA  1 
ATOM   215 C C   . ALA A 1 45  ? -1.235  2.859   -9.226  1.00 13.84 ? 43   ALA A C   1 
ATOM   216 O O   . ALA A 1 45  ? -1.816  2.945   -10.326 1.00 12.65 ? 43   ALA A O   1 
ATOM   217 C CB  . ALA A 1 45  ? -1.791  0.970   -7.631  1.00 14.23 ? 43   ALA A CB  1 
ATOM   218 N N   . LYS A 1 46  ? -0.940  3.925   -8.490  1.00 13.30 ? 44   LYS A N   1 
ATOM   219 C CA  . LYS A 1 46  ? -1.196  5.283   -8.949  1.00 13.79 ? 44   LYS A CA  1 
ATOM   220 C C   . LYS A 1 46  ? -0.384  5.668   -10.211 1.00 13.84 ? 44   LYS A C   1 
ATOM   221 O O   . LYS A 1 46  ? -0.956  6.268   -11.128 1.00 14.34 ? 44   LYS A O   1 
ATOM   222 C CB  . LYS A 1 46  ? -0.916  6.307   -7.830  1.00 14.72 ? 44   LYS A CB  1 
ATOM   223 C CG  . LYS A 1 46  ? -1.939  6.213   -6.704  1.00 16.77 ? 44   LYS A CG  1 
ATOM   224 C CD  . LYS A 1 46  ? -1.719  7.154   -5.536  1.00 20.78 ? 44   LYS A CD  1 
ATOM   225 C CE  . LYS A 1 46  ? -2.032  8.594   -5.880  1.00 24.17 ? 44   LYS A CE  1 
ATOM   226 N NZ  . LYS A 1 46  ? -1.884  9.435   -4.637  1.00 28.12 ? 44   LYS A NZ  1 
ATOM   227 N N   . ARG A 1 47  ? 0.899   5.329   -10.251 1.00 13.62 ? 45   ARG A N   1 
ATOM   228 C CA  . ARG A 1 47  ? 1.735   5.564   -11.438 1.00 14.17 ? 45   ARG A CA  1 
ATOM   229 C C   . ARG A 1 47  ? 1.155   4.814   -12.627 1.00 15.61 ? 45   ARG A C   1 
ATOM   230 O O   . ARG A 1 47  ? 1.087   5.346   -13.767 1.00 13.10 ? 45   ARG A O   1 
ATOM   231 C CB  . ARG A 1 47  ? 3.195   5.120   -11.168 1.00 15.30 ? 45   ARG A CB  1 
ATOM   232 C CG  . ARG A 1 47  ? 3.887   6.067   -10.198 1.00 16.89 ? 45   ARG A CG  1 
ATOM   233 C CD  . ARG A 1 47  ? 5.299   5.656   -9.842  1.00 19.19 ? 45   ARG A CD  1 
ATOM   234 N NE  . ARG A 1 47  ? 6.115   5.553   -11.052 1.00 20.54 ? 45   ARG A NE  1 
ATOM   235 C CZ  . ARG A 1 47  ? 7.194   4.785   -11.180 1.00 23.35 ? 45   ARG A CZ  1 
ATOM   236 N NH1 . ARG A 1 47  ? 7.680   4.117   -10.148 1.00 21.99 ? 45   ARG A NH1 1 
ATOM   237 N NH2 . ARG A 1 47  ? 7.812   4.720   -12.360 1.00 26.07 ? 45   ARG A NH2 1 
ATOM   238 N N   . GLU A 1 48  ? 0.693   3.580   -12.359 1.00 14.30 ? 46   GLU A N   1 
ATOM   239 C CA  . GLU A 1 48  ? 0.142   2.735   -13.440 1.00 14.89 ? 46   GLU A CA  1 
ATOM   240 C C   . GLU A 1 48  ? -1.181  3.245   -13.987 1.00 15.56 ? 46   GLU A C   1 
ATOM   241 O O   . GLU A 1 48  ? -1.402  3.134   -15.196 1.00 14.83 ? 46   GLU A O   1 
ATOM   242 C CB  . GLU A 1 48  ? 0.092   1.253   -12.976 1.00 15.41 ? 46   GLU A CB  1 
ATOM   243 C CG  . GLU A 1 48  ? -0.311  0.267   -14.065 1.00 16.63 ? 46   GLU A CG  1 
ATOM   244 C CD  . GLU A 1 48  ? 0.628   0.256   -15.256 1.00 16.95 ? 46   GLU A CD  1 
ATOM   245 O OE1 . GLU A 1 48  ? 1.804   0.735   -15.206 1.00 16.80 ? 46   GLU A OE1 1 
ATOM   246 O OE2 . GLU A 1 48  ? 0.153   -0.272  -16.278 1.00 18.26 ? 46   GLU A OE2 1 
ATOM   247 N N   . VAL A 1 49  ? -2.070  3.838   -13.164 1.00 14.97 ? 47   VAL A N   1 
ATOM   248 C CA  . VAL A 1 49  ? -3.242  4.513   -13.679 1.00 16.63 ? 47   VAL A CA  1 
ATOM   249 C C   . VAL A 1 49  ? -2.858  5.489   -14.780 1.00 17.95 ? 47   VAL A C   1 
ATOM   250 O O   . VAL A 1 49  ? -3.437  5.459   -15.886 1.00 17.75 ? 47   VAL A O   1 
ATOM   251 C CB  . VAL A 1 49  ? -4.024  5.278   -12.575 1.00 17.54 ? 47   VAL A CB  1 
ATOM   252 C CG1 . VAL A 1 49  ? -5.009  6.285   -13.201 1.00 20.15 ? 47   VAL A CG1 1 
ATOM   253 C CG2 . VAL A 1 49  ? -4.749  4.287   -11.680 1.00 16.50 ? 47   VAL A CG2 1 
ATOM   254 N N   . GLU A 1 50  ? -1.885  6.343   -14.496 1.00 19.15 ? 48   GLU A N   1 
ATOM   255 C CA  . GLU A 1 50  ? -1.491  7.345   -15.476 1.00 21.48 ? 48   GLU A CA  1 
ATOM   256 C C   . GLU A 1 50  ? -1.015  6.689   -16.756 1.00 21.14 ? 48   GLU A C   1 
ATOM   257 O O   . GLU A 1 50  ? -1.418  7.102   -17.844 1.00 21.58 ? 48   GLU A O   1 
ATOM   258 C CB  . GLU A 1 50  ? -0.434  8.304   -14.899 1.00 25.52 ? 48   GLU A CB  1 
ATOM   259 C CG  . GLU A 1 50  ? -0.910  9.066   -13.662 1.00 28.68 ? 48   GLU A CG  1 
ATOM   260 C CD  . GLU A 1 50  ? -2.217  9.813   -13.869 1.00 32.70 ? 48   GLU A CD  1 
ATOM   261 O OE1 . GLU A 1 50  ? -2.314  10.548  -14.881 1.00 35.10 ? 48   GLU A OE1 1 
ATOM   262 O OE2 . GLU A 1 50  ? -3.148  9.669   -13.024 1.00 33.17 ? 48   GLU A OE2 1 
ATOM   263 N N   . ARG A 1 51  ? -0.210  5.643   -16.630 1.00 22.08 ? 49   ARG A N   1 
ATOM   264 C CA  . ARG A 1 51  ? 0.233   4.857   -17.786 1.00 23.69 ? 49   ARG A CA  1 
ATOM   265 C C   . ARG A 1 51  ? -0.894  4.182   -18.549 1.00 26.14 ? 49   ARG A C   1 
ATOM   266 O O   . ARG A 1 51  ? -0.845  4.122   -19.800 1.00 24.53 ? 49   ARG A O   1 
ATOM   267 C CB  . ARG A 1 51  ? 1.207   3.779   -17.360 1.00 23.45 ? 49   ARG A CB  1 
ATOM   268 C CG  . ARG A 1 51  ? 2.467   4.394   -16.762 1.00 25.46 ? 49   ARG A CG  1 
ATOM   269 C CD  . ARG A 1 51  ? 3.545   3.373   -16.689 1.00 28.30 ? 49   ARG A CD  1 
ATOM   270 N NE  . ARG A 1 51  ? 4.843   3.996   -16.473 1.00 33.18 ? 49   ARG A NE  1 
ATOM   271 C CZ  . ARG A 1 51  ? 6.001   3.477   -16.865 1.00 33.92 ? 49   ARG A CZ  1 
ATOM   272 N NH1 . ARG A 1 51  ? 6.018   2.326   -17.530 1.00 35.71 ? 49   ARG A NH1 1 
ATOM   273 N NH2 . ARG A 1 51  ? 7.139   4.118   -16.586 1.00 33.14 ? 49   ARG A NH2 1 
ATOM   274 N N   . GLU A 1 52  ? -1.886  3.665   -17.833 1.00 22.16 ? 50   GLU A N   1 
ATOM   275 C CA  . GLU A 1 52  ? -3.007  2.973   -18.499 1.00 23.29 ? 50   GLU A CA  1 
ATOM   276 C C   . GLU A 1 52  ? -3.823  3.938   -19.310 1.00 24.53 ? 50   GLU A C   1 
ATOM   277 O O   . GLU A 1 52  ? -4.332  3.580   -20.384 1.00 25.25 ? 50   GLU A O   1 
ATOM   278 C CB  . GLU A 1 52  ? -3.927  2.252   -17.533 1.00 22.59 ? 50   GLU A CB  1 
ATOM   279 C CG  . GLU A 1 52  ? -3.304  1.127   -16.681 1.00 22.57 ? 50   GLU A CG  1 
ATOM   280 C CD  . GLU A 1 52  ? -3.036  -0.214  -17.377 1.00 22.49 ? 50   GLU A CD  1 
ATOM   281 O OE1 . GLU A 1 52  ? -2.872  -0.283  -18.625 1.00 19.42 ? 50   GLU A OE1 1 
ATOM   282 O OE2 . GLU A 1 52  ? -2.951  -1.209  -16.624 1.00 21.72 ? 50   GLU A OE2 1 
ATOM   283 N N   . LEU A 1 53  ? -3.955  5.161   -18.807 1.00 23.57 ? 51   LEU A N   1 
ATOM   284 C CA  . LEU A 1 53  ? -4.637  6.224   -19.514 1.00 26.86 ? 51   LEU A CA  1 
ATOM   285 C C   . LEU A 1 53  ? -3.860  6.645   -20.785 1.00 30.74 ? 51   LEU A C   1 
ATOM   286 O O   . LEU A 1 53  ? -4.461  7.000   -21.806 1.00 32.66 ? 51   LEU A O   1 
ATOM   287 C CB  . LEU A 1 53  ? -4.855  7.424   -18.601 1.00 25.68 ? 51   LEU A CB  1 
ATOM   288 C CG  . LEU A 1 53  ? -5.925  7.305   -17.497 1.00 26.29 ? 51   LEU A CG  1 
ATOM   289 C CD1 . LEU A 1 53  ? -5.777  8.360   -16.396 1.00 26.64 ? 51   LEU A CD1 1 
ATOM   290 C CD2 . LEU A 1 53  ? -7.320  7.387   -18.093 1.00 26.36 ? 51   LEU A CD2 1 
ATOM   291 N N   . GLN A 1 54  ? -2.540  6.637   -20.702 1.00 31.26 ? 52   GLN A N   1 
ATOM   292 C CA  . GLN A 1 54  ? -1.683  6.866   -21.871 1.00 35.33 ? 52   GLN A CA  1 
ATOM   293 C C   . GLN A 1 54  ? -1.736  5.683   -22.845 1.00 36.16 ? 52   GLN A C   1 
ATOM   294 O O   . GLN A 1 54  ? -1.788  5.860   -24.060 1.00 40.86 ? 52   GLN A O   1 
ATOM   295 C CB  . GLN A 1 54  ? -0.212  7.070   -21.421 1.00 37.83 ? 52   GLN A CB  1 
ATOM   296 C CG  . GLN A 1 54  ? 0.089   8.325   -20.598 1.00 39.96 ? 52   GLN A CG  1 
ATOM   297 C CD  . GLN A 1 54  ? 1.377   8.214   -19.734 1.00 41.87 ? 52   GLN A CD  1 
ATOM   298 O OE1 . GLN A 1 54  ? 2.209   7.301   -19.901 1.00 43.19 ? 52   GLN A OE1 1 
ATOM   299 N NE2 . GLN A 1 54  ? 1.532   9.153   -18.796 1.00 45.26 ? 52   GLN A NE2 1 
ATOM   300 N N   . ARG A 1 55  ? -1.688  4.474   -22.296 1.00 37.35 ? 53   ARG A N   1 
ATOM   301 C CA  . ARG A 1 55  ? -1.687  3.239   -23.064 1.00 36.32 ? 53   ARG A CA  1 
ATOM   302 C C   . ARG A 1 55  ? -2.992  3.137   -23.835 1.00 37.22 ? 53   ARG A C   1 
ATOM   303 O O   . ARG A 1 55  ? -2.999  2.666   -24.978 1.00 37.04 ? 53   ARG A O   1 
ATOM   304 C CB  . ARG A 1 55  ? -1.460  2.034   -22.134 1.00 35.28 ? 53   ARG A CB  1 
ATOM   305 C CG  . ARG A 1 55  ? -1.570  0.665   -22.800 1.00 37.44 ? 53   ARG A CG  1 
ATOM   306 C CD  . ARG A 1 55  ? -1.027  -0.429  -21.886 1.00 37.45 ? 53   ARG A CD  1 
ATOM   307 N NE  . ARG A 1 55  ? 0.352   -0.149  -21.443 1.00 38.14 ? 53   ARG A NE  1 
ATOM   308 C CZ  . ARG A 1 55  ? 0.784   -0.060  -20.178 1.00 37.79 ? 53   ARG A CZ  1 
ATOM   309 N NH1 . ARG A 1 55  ? -0.026  -0.284  -19.145 1.00 32.36 ? 53   ARG A NH1 1 
ATOM   310 N NH2 . ARG A 1 55  ? 2.065   0.238   -19.939 1.00 31.87 ? 53   ARG A NH2 1 
ATOM   311 N N   . LEU A 1 56  ? -4.076  3.645   -23.240 1.00 42.38 ? 54   LEU A N   1 
ATOM   312 C CA  . LEU A 1 56  ? -5.381  3.821   -23.926 1.00 44.39 ? 54   LEU A CA  1 
ATOM   313 C C   . LEU A 1 56  ? -5.269  4.718   -25.166 1.00 47.62 ? 54   LEU A C   1 
ATOM   314 O O   . LEU A 1 56  ? -5.663  4.307   -26.261 1.00 47.02 ? 54   LEU A O   1 
ATOM   315 C CB  . LEU A 1 56  ? -6.438  4.403   -22.962 1.00 41.93 ? 54   LEU A CB  1 
ATOM   316 C CG  . LEU A 1 56  ? -7.890  4.589   -23.441 1.00 40.18 ? 54   LEU A CG  1 
ATOM   317 C CD1 . LEU A 1 56  ? -8.454  3.276   -23.975 1.00 35.90 ? 54   LEU A CD1 1 
ATOM   318 C CD2 . LEU A 1 56  ? -8.778  5.137   -22.323 1.00 37.43 ? 54   LEU A CD2 1 
ATOM   319 N N   . ASP A 1 57  ? -4.768  5.938   -24.982 1.00 51.41 ? 55   ASP A N   1 
ATOM   320 C CA  . ASP A 1 57  ? -4.549  6.883   -26.103 1.00 54.03 ? 55   ASP A CA  1 
ATOM   321 C C   . ASP A 1 57  ? -3.651  6.328   -27.215 1.00 48.09 ? 55   ASP A C   1 
ATOM   322 O O   . ASP A 1 57  ? -3.993  6.430   -28.382 1.00 42.07 ? 55   ASP A O   1 
ATOM   323 C CB  . ASP A 1 57  ? -3.949  8.204   -25.605 1.00 56.93 ? 55   ASP A CB  1 
ATOM   324 C CG  . ASP A 1 57  ? -4.849  8.917   -24.616 1.00 58.34 ? 55   ASP A CG  1 
ATOM   325 O OD1 . ASP A 1 57  ? -6.030  8.513   -24.507 1.00 63.49 ? 55   ASP A OD1 1 
ATOM   326 O OD2 . ASP A 1 57  ? -4.376  9.872   -23.947 1.00 57.79 ? 55   ASP A OD2 1 
ATOM   327 N N   . THR A 1 58  ? -2.511  5.737   -26.850 1.00 46.30 ? 56   THR A N   1 
ATOM   328 C CA  . THR A 1 58  ? -1.619  5.123   -27.838 1.00 44.70 ? 56   THR A CA  1 
ATOM   329 C C   . THR A 1 58  ? -2.393  4.109   -28.687 1.00 43.81 ? 56   THR A C   1 
ATOM   330 O O   . THR A 1 58  ? -2.410  4.211   -29.919 1.00 40.70 ? 56   THR A O   1 
ATOM   331 C CB  . THR A 1 58  ? -0.421  4.390   -27.179 1.00 48.43 ? 56   THR A CB  1 
ATOM   332 O OG1 . THR A 1 58  ? 0.441   5.332   -26.532 1.00 46.93 ? 56   THR A OG1 1 
ATOM   333 C CG2 . THR A 1 58  ? 0.392   3.585   -28.217 1.00 46.55 ? 56   THR A CG2 1 
ATOM   334 N N   . LEU A 1 59  ? -3.015  3.129   -28.025 1.00 39.87 ? 57   LEU A N   1 
ATOM   335 C CA  . LEU A 1 59  ? -3.717  2.028   -28.696 1.00 42.55 ? 57   LEU A CA  1 
ATOM   336 C C   . LEU A 1 59  ? -4.980  2.563   -29.374 1.00 46.23 ? 57   LEU A C   1 
ATOM   337 O O   . LEU A 1 59  ? -5.478  1.988   -30.355 1.00 48.76 ? 57   LEU A O   1 
ATOM   338 C CB  . LEU A 1 59  ? -4.037  0.893   -27.704 1.00 46.18 ? 57   LEU A CB  1 
ATOM   339 C CG  . LEU A 1 59  ? -2.797  0.191   -27.076 1.00 48.30 ? 57   LEU A CG  1 
ATOM   340 C CD1 . LEU A 1 59  ? -3.187  -0.900  -26.069 1.00 50.96 ? 57   LEU A CD1 1 
ATOM   341 C CD2 . LEU A 1 59  ? -1.849  -0.390  -28.130 1.00 46.66 ? 57   LEU A CD2 1 
ATOM   342 N N   . CYS A 1 60  ? -5.465  3.703   -28.900 1.00 44.79 ? 58   CYS A N   1 
ATOM   343 C CA  . CYS A 1 60  ? -6.567  4.345   -29.591 1.00 49.29 ? 58   CYS A CA  1 
ATOM   344 C C   . CYS A 1 60  ? -6.221  4.709   -31.022 1.00 49.64 ? 58   CYS A C   1 
ATOM   345 O O   . CYS A 1 60  ? -6.930  4.311   -31.950 1.00 55.02 ? 58   CYS A O   1 
ATOM   346 C CB  . CYS A 1 60  ? -7.033  5.591   -28.871 1.00 49.80 ? 58   CYS A CB  1 
ATOM   347 S SG  . CYS A 1 60  ? -8.806  5.745   -29.127 1.00 61.31 ? 58   CYS A SG  1 
ATOM   348 N N   . GLN A 1 61  ? -5.134  5.462   -31.187 1.00 53.77 ? 59   GLN A N   1 
ATOM   349 C CA  . GLN A 1 61  ? -4.699  5.942   -32.513 1.00 55.97 ? 59   GLN A CA  1 
ATOM   350 C C   . GLN A 1 61  ? -4.074  4.861   -33.368 1.00 53.32 ? 59   GLN A C   1 
ATOM   351 O O   . GLN A 1 61  ? -4.262  4.848   -34.575 1.00 53.22 ? 59   GLN A O   1 
ATOM   352 C CB  . GLN A 1 61  ? -3.717  7.113   -32.375 1.00 59.90 ? 59   GLN A CB  1 
ATOM   353 C CG  . GLN A 1 61  ? -4.288  8.290   -31.598 1.00 66.00 ? 59   GLN A CG  1 
ATOM   354 C CD  . GLN A 1 61  ? -5.731  8.573   -31.978 1.00 71.64 ? 59   GLN A CD  1 
ATOM   355 O OE1 . GLN A 1 61  ? -6.020  8.911   -33.130 1.00 79.27 ? 59   GLN A OE1 1 
ATOM   356 N NE2 . GLN A 1 61  ? -6.652  8.403   -31.022 1.00 72.69 ? 59   GLN A NE2 1 
ATOM   357 N N   . SER A 1 62  ? -3.327  3.956   -32.746 1.00 52.49 ? 60   SER A N   1 
ATOM   358 C CA  . SER A 1 62  ? -2.608  2.914   -33.483 1.00 54.37 ? 60   SER A CA  1 
ATOM   359 C C   . SER A 1 62  ? -3.511  1.728   -33.840 1.00 55.75 ? 60   SER A C   1 
ATOM   360 O O   . SER A 1 62  ? -3.325  1.108   -34.896 1.00 55.47 ? 60   SER A O   1 
ATOM   361 C CB  . SER A 1 62  ? -1.370  2.409   -32.699 1.00 54.21 ? 60   SER A CB  1 
ATOM   362 O OG  . SER A 1 62  ? -1.686  1.330   -31.802 1.00 53.59 ? 60   SER A OG  1 
ATOM   363 N N   . ASP A 1 63  ? -4.486  1.415   -32.983 1.00 52.91 ? 61   ASP A N   1 
ATOM   364 C CA  . ASP A 1 63  ? -5.168  0.129   -33.075 1.00 54.75 ? 61   ASP A CA  1 
ATOM   365 C C   . ASP A 1 63  ? -6.471  0.105   -32.250 1.00 59.44 ? 61   ASP A C   1 
ATOM   366 O O   . ASP A 1 63  ? -6.547  -0.601  -31.234 1.00 56.47 ? 61   ASP A O   1 
ATOM   367 C CB  . ASP A 1 63  ? -4.187  -0.940  -32.584 1.00 57.06 ? 61   ASP A CB  1 
ATOM   368 C CG  . ASP A 1 63  ? -4.646  -2.358  -32.875 1.00 64.32 ? 61   ASP A CG  1 
ATOM   369 O OD1 . ASP A 1 63  ? -5.711  -2.561  -33.516 1.00 65.24 ? 61   ASP A OD1 1 
ATOM   370 O OD2 . ASP A 1 63  ? -3.915  -3.279  -32.445 1.00 65.79 ? 61   ASP A OD2 1 
ATOM   371 N N   . PRO A 1 64  ? -7.505  0.864   -32.690 1.00 64.55 ? 62   PRO A N   1 
ATOM   372 C CA  . PRO A 1 64  ? -8.715  1.049   -31.873 1.00 63.29 ? 62   PRO A CA  1 
ATOM   373 C C   . PRO A 1 64  ? -9.478  -0.235  -31.553 1.00 65.69 ? 62   PRO A C   1 
ATOM   374 O O   . PRO A 1 64  ? -10.334 -0.211  -30.680 1.00 67.43 ? 62   PRO A O   1 
ATOM   375 C CB  . PRO A 1 64  ? -9.590  2.001   -32.702 1.00 63.79 ? 62   PRO A CB  1 
ATOM   376 C CG  . PRO A 1 64  ? -8.751  2.464   -33.854 1.00 66.15 ? 62   PRO A CG  1 
ATOM   377 C CD  . PRO A 1 64  ? -7.648  1.463   -34.033 1.00 66.53 ? 62   PRO A CD  1 
ATOM   378 N N   . ASP A 1 65  ? -9.179  -1.339  -32.235 1.00 65.31 ? 63   ASP A N   1 
ATOM   379 C CA  . ASP A 1 65  ? -9.711  -2.656  -31.837 1.00 69.88 ? 63   ASP A CA  1 
ATOM   380 C C   . ASP A 1 65  ? -9.254  -3.124  -30.440 1.00 67.08 ? 63   ASP A C   1 
ATOM   381 O O   . ASP A 1 65  ? -9.819  -4.087  -29.892 1.00 59.32 ? 63   ASP A O   1 
ATOM   382 C CB  . ASP A 1 65  ? -9.351  -3.737  -32.876 1.00 72.85 ? 63   ASP A CB  1 
ATOM   383 C CG  . ASP A 1 65  ? -10.167 -3.620  -34.163 1.00 79.14 ? 63   ASP A CG  1 
ATOM   384 O OD1 . ASP A 1 65  ? -11.258 -2.993  -34.154 1.00 76.94 ? 63   ASP A OD1 1 
ATOM   385 O OD2 . ASP A 1 65  ? -9.711  -4.175  -35.191 1.00 80.87 ? 63   ASP A OD2 1 
ATOM   386 N N   . ARG A 1 66  ? -8.229  -2.470  -29.883 1.00 65.03 ? 64   ARG A N   1 
ATOM   387 C CA  . ARG A 1 66  ? -7.757  -2.750  -28.524 1.00 62.03 ? 64   ARG A CA  1 
ATOM   388 C C   . ARG A 1 66  ? -8.364  -1.810  -27.472 1.00 57.87 ? 64   ARG A C   1 
ATOM   389 O O   . ARG A 1 66  ? -8.329  -2.148  -26.289 1.00 53.90 ? 64   ARG A O   1 
ATOM   390 C CB  . ARG A 1 66  ? -6.220  -2.679  -28.454 1.00 64.45 ? 64   ARG A CB  1 
ATOM   391 C CG  . ARG A 1 66  ? -5.503  -3.511  -29.512 1.00 67.90 ? 64   ARG A CG  1 
ATOM   392 C CD  . ARG A 1 66  ? -4.011  -3.730  -29.218 1.00 70.09 ? 64   ARG A CD  1 
ATOM   393 N NE  . ARG A 1 66  ? -3.676  -5.127  -28.896 1.00 70.36 ? 64   ARG A NE  1 
ATOM   394 C CZ  . ARG A 1 66  ? -3.256  -6.050  -29.767 1.00 70.66 ? 64   ARG A CZ  1 
ATOM   395 N NH1 . ARG A 1 66  ? -3.093  -5.768  -31.060 1.00 67.18 ? 64   ARG A NH1 1 
ATOM   396 N NH2 . ARG A 1 66  ? -2.990  -7.281  -29.336 1.00 74.36 ? 64   ARG A NH2 1 
ATOM   397 N N   . VAL A 1 67  ? -8.903  -0.658  -27.903 1.00 52.19 ? 65   VAL A N   1 
ATOM   398 C CA  . VAL A 1 67  ? -9.534  0.352   -27.001 1.00 50.43 ? 65   VAL A CA  1 
ATOM   399 C C   . VAL A 1 67  ? -10.595 -0.165  -26.024 1.00 49.38 ? 65   VAL A C   1 
ATOM   400 O O   . VAL A 1 67  ? -10.579 0.231   -24.861 1.00 45.93 ? 65   VAL A O   1 
ATOM   401 C CB  . VAL A 1 67  ? -10.155 1.543   -27.770 1.00 48.82 ? 65   VAL A CB  1 
ATOM   402 C CG1 . VAL A 1 67  ? -11.016 2.415   -26.848 1.00 40.56 ? 65   VAL A CG1 1 
ATOM   403 C CG2 . VAL A 1 67  ? -9.075  2.388   -28.422 1.00 45.48 ? 65   VAL A CG2 1 
ATOM   404 N N   . PRO A 1 68  ? -11.535 -1.017  -26.484 1.00 49.70 ? 66   PRO A N   1 
ATOM   405 C CA  . PRO A 1 68  ? -12.500 -1.610  -25.549 1.00 48.57 ? 66   PRO A CA  1 
ATOM   406 C C   . PRO A 1 68  ? -11.855 -2.423  -24.437 1.00 44.34 ? 66   PRO A C   1 
ATOM   407 O O   . PRO A 1 68  ? -12.290 -2.348  -23.275 1.00 37.80 ? 66   PRO A O   1 
ATOM   408 C CB  . PRO A 1 68  ? -13.346 -2.547  -26.439 1.00 51.00 ? 66   PRO A CB  1 
ATOM   409 C CG  . PRO A 1 68  ? -12.617 -2.649  -27.739 1.00 51.71 ? 66   PRO A CG  1 
ATOM   410 C CD  . PRO A 1 68  ? -11.886 -1.346  -27.881 1.00 54.06 ? 66   PRO A CD  1 
ATOM   411 N N   . GLN A 1 69  ? -10.855 -3.217  -24.798 1.00 39.80 ? 67   GLN A N   1 
ATOM   412 C CA  . GLN A 1 69  ? -10.129 -3.981  -23.819 1.00 40.56 ? 67   GLN A CA  1 
ATOM   413 C C   . GLN A 1 69  ? -9.383  -3.016  -22.864 1.00 35.82 ? 67   GLN A C   1 
ATOM   414 O O   . GLN A 1 69  ? -9.369  -3.246  -21.658 1.00 29.56 ? 67   GLN A O   1 
ATOM   415 C CB  . GLN A 1 69  ? -9.171  -4.976  -24.488 1.00 43.65 ? 67   GLN A CB  1 
ATOM   416 C CG  . GLN A 1 69  ? -8.254  -5.748  -23.538 1.00 48.25 ? 67   GLN A CG  1 
ATOM   417 C CD  . GLN A 1 69  ? -8.973  -6.506  -22.424 1.00 52.36 ? 67   GLN A CD  1 
ATOM   418 O OE1 . GLN A 1 69  ? -10.168 -6.793  -22.510 1.00 60.84 ? 67   GLN A OE1 1 
ATOM   419 N NE2 . GLN A 1 69  ? -8.229  -6.848  -21.371 1.00 58.53 ? 67   GLN A NE2 1 
ATOM   420 N N   . GLN A 1 70  ? -8.814  -1.938  -23.401 1.00 33.86 ? 68   GLN A N   1 
ATOM   421 C CA  . GLN A 1 70  ? -8.032  -1.005  -22.566 1.00 31.70 ? 68   GLN A CA  1 
ATOM   422 C C   . GLN A 1 70  ? -8.912  -0.059  -21.761 1.00 31.00 ? 68   GLN A C   1 
ATOM   423 O O   . GLN A 1 70  ? -8.499  0.411   -20.690 1.00 26.17 ? 68   GLN A O   1 
ATOM   424 C CB  . GLN A 1 70  ? -7.015  -0.226  -23.407 1.00 33.60 ? 68   GLN A CB  1 
ATOM   425 C CG  . GLN A 1 70  ? -6.019  0.632   -22.616 1.00 30.76 ? 68   GLN A CG  1 
ATOM   426 C CD  . GLN A 1 70  ? -5.161  -0.143  -21.616 1.00 28.37 ? 68   GLN A CD  1 
ATOM   427 O OE1 . GLN A 1 70  ? -4.982  -1.377  -21.704 1.00 24.01 ? 68   GLN A OE1 1 
ATOM   428 N NE2 . GLN A 1 70  ? -4.597  0.597   -20.654 1.00 25.47 ? 68   GLN A NE2 1 
ATOM   429 N N   . THR A 1 71  ? -10.111 0.242   -22.268 1.00 26.23 ? 69   THR A N   1 
ATOM   430 C CA  . THR A 1 71  ? -11.089 0.999   -21.500 1.00 26.23 ? 69   THR A CA  1 
ATOM   431 C C   . THR A 1 71  ? -11.415 0.266   -20.183 1.00 23.77 ? 69   THR A C   1 
ATOM   432 O O   . THR A 1 71  ? -11.456 0.890   -19.099 1.00 23.85 ? 69   THR A O   1 
ATOM   433 C CB  . THR A 1 71  ? -12.377 1.270   -22.312 1.00 27.78 ? 69   THR A CB  1 
ATOM   434 O OG1 . THR A 1 71  ? -12.059 2.170   -23.363 1.00 30.26 ? 69   THR A OG1 1 
ATOM   435 C CG2 . THR A 1 71  ? -13.449 1.932   -21.435 1.00 31.43 ? 69   THR A CG2 1 
ATOM   436 N N   . LYS A 1 72  ? -11.643 -1.031  -20.292 1.00 21.63 ? 70   LYS A N   1 
ATOM   437 C CA  . LYS A 1 72  ? -11.931 -1.890  -19.141 1.00 25.02 ? 70   LYS A CA  1 
ATOM   438 C C   . LYS A 1 72  ? -10.728 -1.995  -18.174 1.00 22.90 ? 70   LYS A C   1 
ATOM   439 O O   . LYS A 1 72  ? -10.898 -1.960  -16.951 1.00 19.94 ? 70   LYS A O   1 
ATOM   440 C CB  . LYS A 1 72  ? -12.373 -3.285  -19.620 1.00 29.64 ? 70   LYS A CB  1 
ATOM   441 C CG  . LYS A 1 72  ? -13.811 -3.291  -20.183 1.00 33.95 ? 70   LYS A CG  1 
ATOM   442 C CD  . LYS A 1 72  ? -14.081 -4.396  -21.208 1.00 39.35 ? 70   LYS A CD  1 
ATOM   443 C CE  . LYS A 1 72  ? -15.423 -4.177  -21.921 1.00 41.58 ? 70   LYS A CE  1 
ATOM   444 N NZ  . LYS A 1 72  ? -15.557 -4.948  -23.199 1.00 46.01 ? 70   LYS A NZ  1 
ATOM   445 N N   . VAL A 1 73  ? -9.511  -2.082  -18.723 1.00 19.65 ? 71   VAL A N   1 
ATOM   446 C CA  . VAL A 1 73  ? -8.290  -2.116  -17.889 1.00 18.47 ? 71   VAL A CA  1 
ATOM   447 C C   . VAL A 1 73  ? -8.078  -0.784  -17.140 1.00 18.33 ? 71   VAL A C   1 
ATOM   448 O O   . VAL A 1 73  ? -7.681  -0.813  -15.974 1.00 16.99 ? 71   VAL A O   1 
ATOM   449 C CB  . VAL A 1 73  ? -7.069  -2.457  -18.741 1.00 20.35 ? 71   VAL A CB  1 
ATOM   450 C CG1 . VAL A 1 73  ? -5.751  -2.272  -17.994 1.00 19.10 ? 71   VAL A CG1 1 
ATOM   451 C CG2 . VAL A 1 73  ? -7.184  -3.866  -19.311 1.00 21.36 ? 71   VAL A CG2 1 
ATOM   452 N N   . VAL A 1 74  ? -8.344  0.346   -17.803 1.00 17.20 ? 72   VAL A N   1 
ATOM   453 C CA  . VAL A 1 74  ? -8.235  1.675   -17.183 1.00 18.35 ? 72   VAL A CA  1 
ATOM   454 C C   . VAL A 1 74  ? -9.222  1.788   -16.023 1.00 17.67 ? 72   VAL A C   1 
ATOM   455 O O   . VAL A 1 74  ? -8.866  2.264   -14.920 1.00 18.43 ? 72   VAL A O   1 
ATOM   456 C CB  . VAL A 1 74  ? -8.460  2.814   -18.206 1.00 17.18 ? 72   VAL A CB  1 
ATOM   457 C CG1 . VAL A 1 74  ? -8.658  4.151   -17.516 1.00 18.48 ? 72   VAL A CG1 1 
ATOM   458 C CG2 . VAL A 1 74  ? -7.285  2.867   -19.199 1.00 17.87 ? 72   VAL A CG2 1 
ATOM   459 N N   . ASP A 1 75  ? -10.447 1.315   -16.243 1.00 16.35 ? 73   ASP A N   1 
ATOM   460 C CA  . ASP A 1 75  ? -11.459 1.390   -15.197 1.00 17.22 ? 73   ASP A CA  1 
ATOM   461 C C   . ASP A 1 75  ? -11.034 0.554   -13.990 1.00 16.65 ? 73   ASP A C   1 
ATOM   462 O O   . ASP A 1 75  ? -11.136 0.981   -12.819 1.00 14.15 ? 73   ASP A O   1 
ATOM   463 C CB  . ASP A 1 75  ? -12.823 0.964   -15.741 1.00 18.52 ? 73   ASP A CB  1 
ATOM   464 C CG  . ASP A 1 75  ? -13.963 1.275   -14.760 1.00 21.69 ? 73   ASP A CG  1 
ATOM   465 O OD1 . ASP A 1 75  ? -14.005 2.398   -14.187 1.00 18.65 ? 73   ASP A OD1 1 
ATOM   466 O OD2 . ASP A 1 75  ? -14.783 0.378   -14.498 1.00 22.60 ? 73   ASP A OD2 1 
ATOM   467 N N   . GLU A 1 76  ? -10.535 -0.647  -14.264 1.00 15.71 ? 74   GLU A N   1 
ATOM   468 C CA  . GLU A 1 76  ? -9.981  -1.478  -13.197 1.00 16.87 ? 74   GLU A CA  1 
ATOM   469 C C   . GLU A 1 76  ? -8.759  -0.891  -12.505 1.00 17.22 ? 74   GLU A C   1 
ATOM   470 O O   . GLU A 1 76  ? -8.637  -1.050  -11.302 1.00 19.73 ? 74   GLU A O   1 
ATOM   471 C CB  . GLU A 1 76  ? -9.720  -2.905  -13.724 1.00 17.49 ? 74   GLU A CB  1 
ATOM   472 C CG  . GLU A 1 76  ? -10.999 -3.636  -14.226 1.00 17.93 ? 74   GLU A CG  1 
ATOM   473 C CD  . GLU A 1 76  ? -12.063 -3.833  -13.167 1.00 19.35 ? 74   GLU A CD  1 
ATOM   474 O OE1 . GLU A 1 76  ? -11.714 -3.956  -11.979 1.00 19.74 ? 74   GLU A OE1 1 
ATOM   475 O OE2 . GLU A 1 76  ? -13.271 -3.870  -13.505 1.00 20.01 ? 74   GLU A OE2 1 
ATOM   476 N N   . ALA A 1 77  ? -7.847  -0.250  -13.249 1.00 16.49 ? 75   ALA A N   1 
ATOM   477 C CA  . ALA A 1 77  ? -6.715  0.438   -12.668 1.00 16.37 ? 75   ALA A CA  1 
ATOM   478 C C   . ALA A 1 77  ? -7.159  1.516   -11.658 1.00 16.68 ? 75   ALA A C   1 
ATOM   479 O O   . ALA A 1 77  ? -6.587  1.646   -10.545 1.00 14.17 ? 75   ALA A O   1 
ATOM   480 C CB  . ALA A 1 77  ? -5.857  1.040   -13.735 1.00 17.16 ? 75   ALA A CB  1 
ATOM   481 N N   . GLN A 1 78  ? -8.227  2.222   -12.005 1.00 15.89 ? 76   GLN A N   1 
ATOM   482 C CA  . GLN A 1 78  ? -8.723  3.277   -11.151 1.00 16.46 ? 76   GLN A CA  1 
ATOM   483 C C   . GLN A 1 78  ? -9.327  2.696   -9.922  1.00 16.89 ? 76   GLN A C   1 
ATOM   484 O O   . GLN A 1 78  ? -9.205  3.270   -8.866  1.00 16.56 ? 76   GLN A O   1 
ATOM   485 C CB  . GLN A 1 78  ? -9.679  4.158   -11.921 1.00 18.53 ? 76   GLN A CB  1 
ATOM   486 C CG  . GLN A 1 78  ? -8.884  4.954   -12.952 1.00 20.30 ? 76   GLN A CG  1 
ATOM   487 C CD  . GLN A 1 78  ? -9.703  5.904   -13.751 1.00 23.65 ? 76   GLN A CD  1 
ATOM   488 O OE1 . GLN A 1 78  ? -9.521  7.143   -13.666 1.00 27.86 ? 76   GLN A OE1 1 
ATOM   489 N NE2 . GLN A 1 78  ? -10.674 5.360   -14.457 1.00 20.90 ? 76   GLN A NE2 1 
ATOM   490 N N   . MET A 1 79  ? -9.982  1.549   -10.032 1.00 14.83 ? 77   MET A N   1 
ATOM   491 C CA  . MET A 1 79  ? -10.575 0.930   -8.838  1.00 16.22 ? 77   MET A CA  1 
ATOM   492 C C   . MET A 1 79  ? -9.539  0.241   -7.951  1.00 15.95 ? 77   MET A C   1 
ATOM   493 O O   . MET A 1 79  ? -9.768  0.004   -6.744  1.00 14.36 ? 77   MET A O   1 
ATOM   494 C CB  . MET A 1 79  ? -11.569 -0.129  -9.282  1.00 17.41 ? 77   MET A CB  1 
ATOM   495 C CG  . MET A 1 79  ? -12.578 0.509   -10.142 1.00 21.03 ? 77   MET A CG  1 
ATOM   496 S SD  . MET A 1 79  ? -13.666 1.119   -8.941  1.00 24.13 ? 77   MET A SD  1 
ATOM   497 C CE  . MET A 1 79  ? -14.779 -0.205  -9.389  1.00 18.41 ? 77   MET A CE  1 
ATOM   498 N N   . MET A 1 80  ? -8.401  -0.090  -8.545  1.00 15.30 ? 78   MET A N   1 
ATOM   499 C CA  . MET A 1 80  ? -7.304  -0.639  -7.745  1.00 15.53 ? 78   MET A CA  1 
ATOM   500 C C   . MET A 1 80  ? -6.651  0.407   -6.817  1.00 14.03 ? 78   MET A C   1 
ATOM   501 O O   . MET A 1 80  ? -5.981  0.026   -5.849  1.00 13.99 ? 78   MET A O   1 
ATOM   502 C CB  . MET A 1 80  ? -6.271  -1.351  -8.629  1.00 17.50 ? 78   MET A CB  1 
ATOM   503 C CG  . MET A 1 80  ? -6.752  -2.764  -9.012  1.00 18.77 ? 78   MET A CG  1 
ATOM   504 S SD  . MET A 1 80  ? -6.890  -3.950  -7.639  1.00 25.42 ? 78   MET A SD  1 
ATOM   505 C CE  . MET A 1 80  ? -5.394  -3.388  -6.892  1.00 22.03 ? 78   MET A CE  1 
ATOM   506 N N   . VAL A 1 81  ? -6.859  1.696   -7.079  1.00 13.37 ? 79   VAL A N   1 
ATOM   507 C CA  . VAL A 1 81  ? -6.416  2.724   -6.148  1.00 13.74 ? 79   VAL A CA  1 
ATOM   508 C C   . VAL A 1 81  ? -7.153  2.625   -4.787  1.00 13.36 ? 79   VAL A C   1 
ATOM   509 O O   . VAL A 1 81  ? -6.502  2.408   -3.759  1.00 13.16 ? 79   VAL A O   1 
ATOM   510 C CB  . VAL A 1 81  ? -6.414  4.136   -6.791  1.00 13.92 ? 79   VAL A CB  1 
ATOM   511 C CG1 . VAL A 1 81  ? -6.071  5.187   -5.774  1.00 14.49 ? 79   VAL A CG1 1 
ATOM   512 C CG2 . VAL A 1 81  ? -5.413  4.163   -7.936  1.00 14.64 ? 79   VAL A CG2 1 
ATOM   513 N N   . PRO A 1 82  ? -8.489  2.720   -4.768  1.00 13.00 ? 80   PRO A N   1 
ATOM   514 C CA  . PRO A 1 82  ? -9.103  2.508   -3.458  1.00 13.60 ? 80   PRO A CA  1 
ATOM   515 C C   . PRO A 1 82  ? -8.850  1.134   -2.865  1.00 13.78 ? 80   PRO A C   1 
ATOM   516 O O   . PRO A 1 82  ? -8.676  1.027   -1.642  1.00 13.19 ? 80   PRO A O   1 
ATOM   517 C CB  . PRO A 1 82  ? -10.596 2.723   -3.706  1.00 13.85 ? 80   PRO A CB  1 
ATOM   518 C CG  . PRO A 1 82  ? -10.778 2.679   -5.179  1.00 13.46 ? 80   PRO A CG  1 
ATOM   519 C CD  . PRO A 1 82  ? -9.482  3.188   -5.761  1.00 13.01 ? 80   PRO A CD  1 
ATOM   520 N N   . HIS A 1 83  ? -8.759  0.095   -3.688  1.00 14.26 ? 81   HIS A N   1 
ATOM   521 C CA  . HIS A 1 83  ? -8.415  -1.191  -3.119  1.00 15.23 ? 81   HIS A CA  1 
ATOM   522 C C   . HIS A 1 83  ? -7.098  -1.122  -2.382  1.00 14.49 ? 81   HIS A C   1 
ATOM   523 O O   . HIS A 1 83  ? -6.978  -1.640  -1.276  1.00 14.86 ? 81   HIS A O   1 
ATOM   524 C CB  . HIS A 1 83  ? -8.339  -2.263  -4.165  1.00 18.20 ? 81   HIS A CB  1 
ATOM   525 C CG  . HIS A 1 83  ? -8.011  -3.596  -3.579  1.00 21.99 ? 81   HIS A CG  1 
ATOM   526 N ND1 . HIS A 1 83  ? -8.598  -4.034  -2.390  1.00 25.97 ? 81   HIS A ND1 1 
ATOM   527 C CD2 . HIS A 1 83  ? -7.054  -4.545  -3.928  1.00 23.86 ? 81   HIS A CD2 1 
ATOM   528 C CE1 . HIS A 1 83  ? -8.082  -5.243  -2.079  1.00 27.11 ? 81   HIS A CE1 1 
ATOM   529 N NE2 . HIS A 1 83  ? -7.143  -5.557  -3.033  1.00 27.11 ? 81   HIS A NE2 1 
ATOM   530 N N   . SER A 1 84  ? -6.103  -0.483  -2.984  1.00 14.21 ? 82   SER A N   1 
ATOM   531 C CA  . SER A 1 84  ? -4.766  -0.378  -2.355  1.00 13.48 ? 82   SER A CA  1 
ATOM   532 C C   . SER A 1 84  ? -4.813  0.478   -1.090  1.00 12.81 ? 82   SER A C   1 
ATOM   533 O O   . SER A 1 84  ? -4.217  0.156   -0.035  1.00 12.82 ? 82   SER A O   1 
ATOM   534 C CB  . SER A 1 84  ? -3.736  0.163   -3.365  1.00 13.75 ? 82   SER A CB  1 
ATOM   535 O OG  . SER A 1 84  ? -3.662  -0.670  -4.548  1.00 13.38 ? 82   SER A OG  1 
ATOM   536 N N   . VAL A 1 85  ? -5.560  1.566   -1.158  1.00 12.61 ? 83   VAL A N   1 
ATOM   537 C CA  . VAL A 1 85  ? -5.813  2.389   0.005   1.00 12.39 ? 83   VAL A CA  1 
ATOM   538 C C   . VAL A 1 85  ? -6.415  1.554   1.139   1.00 11.66 ? 83   VAL A C   1 
ATOM   539 O O   . VAL A 1 85  ? -5.996  1.684   2.299   1.00 12.21 ? 83   VAL A O   1 
ATOM   540 C CB  . VAL A 1 85  ? -6.782  3.547   -0.326  1.00 12.44 ? 83   VAL A CB  1 
ATOM   541 C CG1 . VAL A 1 85  ? -7.314  4.180   0.965   1.00 13.31 ? 83   VAL A CG1 1 
ATOM   542 C CG2 . VAL A 1 85  ? -6.105  4.599   -1.204  1.00 13.19 ? 83   VAL A CG2 1 
ATOM   543 N N   . ASN A 1 86  ? -7.407  0.726   0.827   1.00 12.08 ? 84   ASN A N   1 
ATOM   544 C CA  . ASN A 1 86  ? -8.099  -0.085  1.869   1.00 11.93 ? 84   ASN A CA  1 
ATOM   545 C C   . ASN A 1 86  ? -7.120  -1.050  2.559   1.00 12.96 ? 84   ASN A C   1 
ATOM   546 O O   . ASN A 1 86  ? -7.182  -1.230  3.789   1.00 12.63 ? 84   ASN A O   1 
ATOM   547 C CB  . ASN A 1 86  ? -9.308  -0.817  1.283   1.00 11.63 ? 84   ASN A CB  1 
ATOM   548 C CG  . ASN A 1 86  ? -10.358 0.137   0.749   1.00 12.41 ? 84   ASN A CG  1 
ATOM   549 O OD1 . ASN A 1 86  ? -10.391 1.312   1.162   1.00 11.71 ? 84   ASN A OD1 1 
ATOM   550 N ND2 . ASN A 1 86  ? -11.212 -0.343  -0.222  1.00 11.29 ? 84   ASN A ND2 1 
ATOM   551 N N   . ARG A 1 87  ? -6.203  -1.619  1.776   1.00 13.69 ? 85   ARG A N   1 
ATOM   552 C CA  . ARG A 1 87  ? -5.166  -2.487  2.315   1.00 14.87 ? 85   ARG A CA  1 
ATOM   553 C C   . ARG A 1 87  ? -4.193  -1.756  3.205   1.00 13.30 ? 85   ARG A C   1 
ATOM   554 O O   . ARG A 1 87  ? -3.784  -2.293  4.242   1.00 13.96 ? 85   ARG A O   1 
ATOM   555 C CB  . ARG A 1 87  ? -4.416  -3.269  1.212   1.00 17.29 ? 85   ARG A CB  1 
ATOM   556 C CG  . ARG A 1 87  ? -5.264  -4.252  0.407   1.00 21.42 ? 85   ARG A CG  1 
ATOM   557 C CD  . ARG A 1 87  ? -4.506  -4.738  -0.826  1.00 25.04 ? 85   ARG A CD  1 
ATOM   558 N NE  . ARG A 1 87  ? -3.324  -5.545  -0.466  1.00 28.35 ? 85   ARG A NE  1 
ATOM   559 C CZ  . ARG A 1 87  ? -2.058  -5.234  -0.720  1.00 30.75 ? 85   ARG A CZ  1 
ATOM   560 N NH1 . ARG A 1 87  ? -1.718  -4.117  -1.383  1.00 26.85 ? 85   ARG A NH1 1 
ATOM   561 N NH2 . ARG A 1 87  ? -1.116  -6.088  -0.330  1.00 36.93 ? 85   ARG A NH2 1 
ATOM   562 N N   . ILE A 1 88  ? -3.805  -0.529  2.852   1.00 13.10 ? 86   ILE A N   1 
ATOM   563 C CA  . ILE A 1 88  ? -2.949  0.268   3.720   1.00 12.50 ? 86   ILE A CA  1 
ATOM   564 C C   . ILE A 1 88  ? -3.650  0.502   5.021   1.00 13.58 ? 86   ILE A C   1 
ATOM   565 O O   . ILE A 1 88  ? -3.091  0.265   6.097   1.00 12.75 ? 86   ILE A O   1 
ATOM   566 C CB  . ILE A 1 88  ? -2.568  1.640   3.128   1.00 12.75 ? 86   ILE A CB  1 
ATOM   567 C CG1 . ILE A 1 88  ? -1.629  1.463   1.922   1.00 12.63 ? 86   ILE A CG1 1 
ATOM   568 C CG2 . ILE A 1 88  ? -1.886  2.509   4.187   1.00 12.65 ? 86   ILE A CG2 1 
ATOM   569 C CD1 . ILE A 1 88  ? -1.535  2.723   1.032   1.00 13.42 ? 86   ILE A CD1 1 
ATOM   570 N N   . MET A 1 89  ? -4.908  0.968   4.948   1.00 14.25 ? 87   MET A N   1 
ATOM   571 C CA  . MET A 1 89  ? -5.628  1.251   6.180   1.00 14.27 ? 87   MET A CA  1 
ATOM   572 C C   . MET A 1 89  ? -5.827  0.029   7.066   1.00 12.92 ? 87   MET A C   1 
ATOM   573 O O   . MET A 1 89  ? -5.725  0.161   8.278   1.00 13.46 ? 87   MET A O   1 
ATOM   574 C CB  . MET A 1 89  ? -6.947  1.957   5.878   1.00 16.47 ? 87   MET A CB  1 
ATOM   575 C CG  . MET A 1 89  ? -6.799  3.304   5.212   1.00 17.65 ? 87   MET A CG  1 
ATOM   576 S SD  . MET A 1 89  ? -6.059  4.572   6.263   1.00 23.19 ? 87   MET A SD  1 
ATOM   577 C CE  . MET A 1 89  ? -4.347  4.302   6.125   1.00 22.25 ? 87   MET A CE  1 
ATOM   578 N N   . ALA A 1 90  ? -6.089  -1.134  6.494   1.00 11.95 ? 88   ALA A N   1 
ATOM   579 C CA  . ALA A 1 90  ? -6.267  -2.354  7.284   1.00 12.59 ? 88   ALA A CA  1 
ATOM   580 C C   . ALA A 1 90  ? -4.948  -2.742  7.977   1.00 13.23 ? 88   ALA A C   1 
ATOM   581 O O   . ALA A 1 90  ? -4.940  -3.157  9.156   1.00 13.31 ? 88   ALA A O   1 
ATOM   582 C CB  . ALA A 1 90  ? -6.793  -3.513  6.415   1.00 12.41 ? 88   ALA A CB  1 
ATOM   583 N N   . SER A 1 91  ? -3.844  -2.521  7.277   1.00 13.48 ? 89   SER A N   1 
ATOM   584 C CA  . SER A 1 91  ? -2.504  -2.794  7.821   1.00 14.60 ? 89   SER A CA  1 
ATOM   585 C C   . SER A 1 91  ? -2.114  -1.807  8.931   1.00 14.32 ? 89   SER A C   1 
ATOM   586 O O   . SER A 1 91  ? -1.501  -2.192  9.951   1.00 15.50 ? 89   SER A O   1 
ATOM   587 C CB  . SER A 1 91  ? -1.499  -2.804  6.643   1.00 16.00 ? 89   SER A CB  1 
ATOM   588 O OG  . SER A 1 91  ? -0.200  -3.115  7.101   1.00 20.75 ? 89   SER A OG  1 
ATOM   589 N N   . VAL A 1 92  ? -2.473  -0.548  8.759   1.00 12.94 ? 90   VAL A N   1 
ATOM   590 C CA  . VAL A 1 92  ? -2.232  0.487   9.768   1.00 13.94 ? 90   VAL A CA  1 
ATOM   591 C C   . VAL A 1 92  ? -2.968  0.137   11.057  1.00 15.55 ? 90   VAL A C   1 
ATOM   592 O O   . VAL A 1 92  ? -2.383  0.211   12.152  1.00 15.02 ? 90   VAL A O   1 
ATOM   593 C CB  . VAL A 1 92  ? -2.604  1.898   9.278   1.00 13.60 ? 90   VAL A CB  1 
ATOM   594 C CG1 . VAL A 1 92  ? -2.620  2.908   10.454  1.00 15.19 ? 90   VAL A CG1 1 
ATOM   595 C CG2 . VAL A 1 92  ? -1.648  2.372   8.167   1.00 12.90 ? 90   VAL A CG2 1 
ATOM   596 N N   . LYS A 1 93  ? -4.239  -0.260  10.925  1.00 16.07 ? 91   LYS A N   1 
ATOM   597 C CA  . LYS A 1 93  ? -5.065  -0.662  12.099  1.00 18.59 ? 91   LYS A CA  1 
ATOM   598 C C   . LYS A 1 93  ? -4.547  -1.893  12.824  1.00 17.38 ? 91   LYS A C   1 
ATOM   599 O O   . LYS A 1 93  ? -4.518  -1.916  14.064  1.00 20.13 ? 91   LYS A O   1 
ATOM   600 C CB  . LYS A 1 93  ? -6.523  -0.923  11.693  1.00 20.64 ? 91   LYS A CB  1 
ATOM   601 C CG  . LYS A 1 93  ? -7.465  -1.267  12.837  1.00 23.61 ? 91   LYS A CG  1 
ATOM   602 C CD  . LYS A 1 93  ? -7.647  -0.081  13.762  1.00 28.04 ? 91   LYS A CD  1 
ATOM   603 C CE  . LYS A 1 93  ? -8.777  -0.288  14.790  1.00 32.30 ? 91   LYS A CE  1 
ATOM   604 N NZ  . LYS A 1 93  ? -8.671  0.795   15.832  1.00 36.38 ? 91   LYS A NZ  1 
ATOM   605 N N   . ASP A 1 94  ? -4.106  -2.882  12.063  1.00 16.93 ? 92   ASP A N   1 
ATOM   606 C CA  . ASP A 1 94  ? -3.521  -4.077  12.610  1.00 18.86 ? 92   ASP A CA  1 
ATOM   607 C C   . ASP A 1 94  ? -2.255  -3.765  13.427  1.00 17.28 ? 92   ASP A C   1 
ATOM   608 O O   . ASP A 1 94  ? -2.078  -4.273  14.564  1.00 14.46 ? 92   ASP A O   1 
ATOM   609 C CB  . ASP A 1 94  ? -3.207  -5.060  11.496  1.00 20.11 ? 92   ASP A CB  1 
ATOM   610 C CG  . ASP A 1 94  ? -2.745  -6.402  12.019  1.00 24.02 ? 92   ASP A CG  1 
ATOM   611 O OD1 . ASP A 1 94  ? -3.542  -7.066  12.741  1.00 23.52 ? 92   ASP A OD1 1 
ATOM   612 O OD2 . ASP A 1 94  ? -1.637  -6.837  11.669  1.00 22.85 ? 92   ASP A OD2 1 
ATOM   613 N N   . LEU A 1 95  ? -1.402  -2.905  12.873  1.00 17.02 ? 93   LEU A N   1 
ATOM   614 C CA  . LEU A 1 95  ? -0.161  -2.518  13.524  1.00 16.58 ? 93   LEU A CA  1 
ATOM   615 C C   . LEU A 1 95  ? -0.459  -1.707  14.731  1.00 17.15 ? 93   LEU A C   1 
ATOM   616 O O   . LEU A 1 95  ? 0.085   -1.943  15.819  1.00 15.82 ? 93   LEU A O   1 
ATOM   617 C CB  . LEU A 1 95  ? 0.763   -1.757  12.530  1.00 15.93 ? 93   LEU A CB  1 
ATOM   618 C CG  . LEU A 1 95  ? 2.119   -1.252  12.996  1.00 16.08 ? 93   LEU A CG  1 
ATOM   619 C CD1 . LEU A 1 95  ? 2.987   -2.342  13.653  1.00 14.72 ? 93   LEU A CD1 1 
ATOM   620 C CD2 . LEU A 1 95  ? 2.868   -0.559  11.843  1.00 15.41 ? 93   LEU A CD2 1 
ATOM   621 N N   . SER A 1 96  ? -1.341  -0.730  14.586  1.00 18.69 ? 94   SER A N   1 
ATOM   622 C CA  . SER A 1 96  ? -1.752  0.094   15.688  1.00 19.99 ? 94   SER A CA  1 
ATOM   623 C C   . SER A 1 96  ? -2.358  -0.695  16.875  1.00 21.48 ? 94   SER A C   1 
ATOM   624 O O   . SER A 1 96  ? -2.030  -0.432  18.056  1.00 20.48 ? 94   SER A O   1 
ATOM   625 C CB  . SER A 1 96  ? -2.785  1.121   15.196  1.00 22.67 ? 94   SER A CB  1 
ATOM   626 O OG  . SER A 1 96  ? -3.181  1.966   16.264  1.00 26.84 ? 94   SER A OG  1 
ATOM   627 N N   . ASP A 1 97  ? -3.227  -1.640  16.563  1.00 20.17 ? 95   ASP A N   1 
ATOM   628 C CA  . ASP A 1 97  ? -3.772  -2.570  17.575  1.00 21.66 ? 95   ASP A CA  1 
ATOM   629 C C   . ASP A 1 97  ? -2.645  -3.355  18.255  1.00 20.68 ? 95   ASP A C   1 
ATOM   630 O O   . ASP A 1 97  ? -2.651  -3.478  19.459  1.00 23.66 ? 95   ASP A O   1 
ATOM   631 C CB  . ASP A 1 97  ? -4.747  -3.563  16.944  1.00 21.60 ? 95   ASP A CB  1 
ATOM   632 C CG  . ASP A 1 97  ? -6.120  -2.937  16.622  1.00 23.38 ? 95   ASP A CG  1 
ATOM   633 O OD1 . ASP A 1 97  ? -6.367  -1.754  16.942  1.00 25.12 ? 95   ASP A OD1 1 
ATOM   634 O OD2 . ASP A 1 97  ? -6.933  -3.659  16.007  1.00 26.06 ? 95   ASP A OD2 1 
ATOM   635 N N   . TYR A 1 98  ? -1.705  -3.903  17.486  1.00 19.81 ? 96   TYR A N   1 
ATOM   636 C CA  . TYR A 1 98  ? -0.605  -4.705  18.040  1.00 19.87 ? 96   TYR A CA  1 
ATOM   637 C C   . TYR A 1 98  ? 0.237   -3.887  19.009  1.00 20.67 ? 96   TYR A C   1 
ATOM   638 O O   . TYR A 1 98  ? 0.643   -4.388  20.075  1.00 21.50 ? 96   TYR A O   1 
ATOM   639 C CB  . TYR A 1 98  ? 0.298   -5.284  16.944  1.00 19.15 ? 96   TYR A CB  1 
ATOM   640 C CG  . TYR A 1 98  ? 1.218   -6.371  17.467  1.00 19.59 ? 96   TYR A CG  1 
ATOM   641 C CD1 . TYR A 1 98  ? 0.706   -7.583  17.875  1.00 18.81 ? 96   TYR A CD1 1 
ATOM   642 C CD2 . TYR A 1 98  ? 2.595   -6.170  17.590  1.00 19.43 ? 96   TYR A CD2 1 
ATOM   643 C CE1 . TYR A 1 98  ? 1.498   -8.567  18.386  1.00 20.88 ? 96   TYR A CE1 1 
ATOM   644 C CE2 . TYR A 1 98  ? 3.404   -7.153  18.092  1.00 19.11 ? 96   TYR A CE2 1 
ATOM   645 C CZ  . TYR A 1 98  ? 2.854   -8.360  18.506  1.00 20.54 ? 96   TYR A CZ  1 
ATOM   646 O OH  . TYR A 1 98  ? 3.648   -9.372  19.013  1.00 20.60 ? 96   TYR A OH  1 
ATOM   647 N N   . LEU A 1 99  ? 0.499   -2.640  18.633  1.00 20.20 ? 97   LEU A N   1 
ATOM   648 C CA  . LEU A 1 99  ? 1.259   -1.724  19.479  1.00 21.74 ? 97   LEU A CA  1 
ATOM   649 C C   . LEU A 1 99  ? 0.565   -1.418  20.798  1.00 23.40 ? 97   LEU A C   1 
ATOM   650 O O   . LEU A 1 99  ? 1.235   -1.067  21.770  1.00 23.04 ? 97   LEU A O   1 
ATOM   651 C CB  . LEU A 1 99  ? 1.625   -0.430  18.749  1.00 20.96 ? 97   LEU A CB  1 
ATOM   652 C CG  . LEU A 1 99  ? 2.687   -0.574  17.647  1.00 19.89 ? 97   LEU A CG  1 
ATOM   653 C CD1 . LEU A 1 99  ? 2.696   0.668   16.772  1.00 20.25 ? 97   LEU A CD1 1 
ATOM   654 C CD2 . LEU A 1 99  ? 4.104   -0.756  18.251  1.00 20.52 ? 97   LEU A CD2 1 
ATOM   655 N N   . GLU A 1 100 ? -0.759  -1.530  20.835  1.00 23.78 ? 98   GLU A N   1 
ATOM   656 C CA  . GLU A 1 100 ? -1.476  -1.420  22.105  1.00 28.87 ? 98   GLU A CA  1 
ATOM   657 C C   . GLU A 1 100 ? -1.437  -2.695  22.946  1.00 28.33 ? 98   GLU A C   1 
ATOM   658 O O   . GLU A 1 100 ? -1.660  -2.621  24.145  1.00 30.54 ? 98   GLU A O   1 
ATOM   659 C CB  . GLU A 1 100 ? -2.921  -1.007  21.855  1.00 32.90 ? 98   GLU A CB  1 
ATOM   660 C CG  . GLU A 1 100 ? -3.004  0.377   21.246  1.00 37.62 ? 98   GLU A CG  1 
ATOM   661 C CD  . GLU A 1 100 ? -4.362  0.682   20.656  1.00 45.42 ? 98   GLU A CD  1 
ATOM   662 O OE1 . GLU A 1 100 ? -5.344  -0.029  21.004  1.00 52.33 ? 98   GLU A OE1 1 
ATOM   663 O OE2 . GLU A 1 100 ? -4.436  1.632   19.836  1.00 50.33 ? 98   GLU A OE2 1 
ATOM   664 N N   . LYS A 1 101 ? -1.171  -3.836  22.323  1.00 27.10 ? 99   LYS A N   1 
ATOM   665 C CA  . LYS A 1 101 ? -1.151  -5.152  23.005  1.00 29.09 ? 99   LYS A CA  1 
ATOM   666 C C   . LYS A 1 101 ? 0.274   -5.645  23.174  1.00 26.61 ? 99   LYS A C   1 
ATOM   667 O O   . LYS A 1 101 ? 1.072   -4.927  23.781  1.00 26.49 ? 99   LYS A O   1 
ATOM   668 C CB  . LYS A 1 101 ? -2.038  -6.153  22.264  1.00 33.21 ? 99   LYS A CB  1 
ATOM   669 C CG  . LYS A 1 101 ? -3.487  -5.688  22.121  1.00 39.78 ? 99   LYS A CG  1 
ATOM   670 C CD  . LYS A 1 101 ? -4.423  -6.803  21.647  1.00 45.07 ? 99   LYS A CD  1 
ATOM   671 C CE  . LYS A 1 101 ? -5.889  -6.349  21.581  1.00 50.74 ? 99   LYS A CE  1 
ATOM   672 N NZ  . LYS A 1 101 ? -6.832  -7.461  21.204  1.00 51.28 ? 99   LYS A NZ  1 
ATOM   673 N N   . GLU A 1 102 ? 0.625   -6.829  22.647  1.00 27.42 ? 100  GLU A N   1 
ATOM   674 C CA  . GLU A 1 102 ? 1.926   -7.445  22.929  1.00 27.83 ? 100  GLU A CA  1 
ATOM   675 C C   . GLU A 1 102 ? 3.094   -6.611  22.401  1.00 28.45 ? 100  GLU A C   1 
ATOM   676 O O   . GLU A 1 102 ? 4.231   -6.741  22.892  1.00 27.85 ? 100  GLU A O   1 
ATOM   677 C CB  . GLU A 1 102 ? 2.031   -8.859  22.344  1.00 30.99 ? 100  GLU A CB  1 
ATOM   678 C CG  . GLU A 1 102 ? 1.124   -9.900  23.002  1.00 30.04 ? 100  GLU A CG  1 
ATOM   679 C CD  . GLU A 1 102 ? -0.243  -9.986  22.363  1.00 31.38 ? 100  GLU A CD  1 
ATOM   680 O OE1 . GLU A 1 102 ? -0.637  -9.034  21.627  1.00 27.86 ? 100  GLU A OE1 1 
ATOM   681 O OE2 . GLU A 1 102 ? -0.906  -11.024 22.601  1.00 29.36 ? 100  GLU A OE2 1 
ATOM   682 N N   . GLY A 1 103 ? 2.820   -5.779  21.382  1.00 25.19 ? 101  GLY A N   1 
ATOM   683 C CA  . GLY A 1 103 ? 3.788   -4.798  20.902  1.00 23.76 ? 101  GLY A CA  1 
ATOM   684 C C   . GLY A 1 103 ? 4.077   -3.696  21.901  1.00 25.49 ? 101  GLY A C   1 
ATOM   685 O O   . GLY A 1 103 ? 5.073   -2.985  21.756  1.00 32.51 ? 101  GLY A O   1 
ATOM   686 N N   . SER A 1 104 ? 3.234   -3.536  22.908  1.00 28.77 ? 102  SER A N   1 
ATOM   687 C CA  . SER A 1 104 ? 3.356   -2.419  23.851  1.00 29.52 ? 102  SER A CA  1 
ATOM   688 C C   . SER A 1 104 ? 4.608   -2.520  24.696  1.00 32.59 ? 102  SER A C   1 
ATOM   689 O O   . SER A 1 104 ? 5.014   -1.510  25.293  1.00 35.11 ? 102  SER A O   1 
ATOM   690 C CB  . SER A 1 104 ? 2.150   -2.315  24.799  1.00 30.89 ? 102  SER A CB  1 
ATOM   691 O OG  . SER A 1 104 ? 2.090   -3.399  25.728  1.00 28.48 ? 102  SER A OG  1 
ATOM   692 N N   . THR A 1 105 ? 5.208   -3.713  24.738  1.00 28.13 ? 103  THR A N   1 
ATOM   693 C CA  . THR A 1 105 ? 6.340   -3.960  25.608  1.00 29.04 ? 103  THR A CA  1 
ATOM   694 C C   . THR A 1 105 ? 7.647   -4.032  24.835  1.00 31.02 ? 103  THR A C   1 
ATOM   695 O O   . THR A 1 105 ? 8.709   -4.264  25.446  1.00 31.39 ? 103  THR A O   1 
ATOM   696 C CB  . THR A 1 105 ? 6.180   -5.256  26.462  1.00 27.26 ? 103  THR A CB  1 
ATOM   697 O OG1 . THR A 1 105 ? 5.821   -6.371  25.646  1.00 25.49 ? 103  THR A OG1 1 
ATOM   698 C CG2 . THR A 1 105 ? 5.144   -5.046  27.543  1.00 27.15 ? 103  THR A CG2 1 
ATOM   699 N N   . VAL A 1 106 ? 7.608   -3.795  23.518  1.00 28.00 ? 104  VAL A N   1 
ATOM   700 C CA  . VAL A 1 106 ? 8.814   -3.913  22.738  1.00 29.03 ? 104  VAL A CA  1 
ATOM   701 C C   . VAL A 1 106 ? 9.786   -2.843  23.296  1.00 28.38 ? 104  VAL A C   1 
ATOM   702 O O   . VAL A 1 106 ? 9.385   -1.707  23.600  1.00 29.82 ? 104  VAL A O   1 
ATOM   703 C CB  . VAL A 1 106 ? 8.541   -3.785  21.212  1.00 27.32 ? 104  VAL A CB  1 
ATOM   704 C CG1 . VAL A 1 106 ? 9.848   -3.564  20.465  1.00 27.42 ? 104  VAL A CG1 1 
ATOM   705 C CG2 . VAL A 1 106 ? 7.837   -5.059  20.719  1.00 26.17 ? 104  VAL A CG2 1 
ATOM   706 N N   . SER A 1 107 ? 11.033  -3.238  23.518  1.00 35.53 ? 105  SER A N   1 
ATOM   707 C CA  . SER A 1 107 ? 12.022  -2.321  24.128  1.00 39.41 ? 105  SER A CA  1 
ATOM   708 C C   . SER A 1 107 ? 12.900  -1.663  23.060  1.00 40.24 ? 105  SER A C   1 
ATOM   709 O O   . SER A 1 107 ? 13.617  -0.687  23.340  1.00 42.88 ? 105  SER A O   1 
ATOM   710 C CB  . SER A 1 107 ? 12.905  -3.056  25.137  1.00 40.47 ? 105  SER A CB  1 
ATOM   711 O OG  . SER A 1 107 ? 13.522  -4.187  24.540  1.00 43.96 ? 105  SER A OG  1 
ATOM   712 N N   . ASN A 1 108 ? 12.849  -2.214  21.846  1.00 35.61 ? 106  ASN A N   1 
ATOM   713 C CA  . ASN A 1 108 ? 13.637  -1.695  20.734  1.00 29.49 ? 106  ASN A CA  1 
ATOM   714 C C   . ASN A 1 108 ? 13.073  -0.371  20.260  1.00 31.29 ? 106  ASN A C   1 
ATOM   715 O O   . ASN A 1 108 ? 12.124  -0.329  19.464  1.00 28.66 ? 106  ASN A O   1 
ATOM   716 C CB  . ASN A 1 108 ? 13.666  -2.723  19.626  1.00 28.20 ? 106  ASN A CB  1 
ATOM   717 C CG  . ASN A 1 108 ? 14.503  -2.283  18.447  1.00 25.28 ? 106  ASN A CG  1 
ATOM   718 O OD1 . ASN A 1 108 ? 14.746  -1.092  18.260  1.00 24.77 ? 106  ASN A OD1 1 
ATOM   719 N ND2 . ASN A 1 108 ? 14.902  -3.229  17.637  1.00 27.22 ? 106  ASN A ND2 1 
ATOM   720 N N   . GLU A 1 109 ? 13.658  0.710   20.762  1.00 27.55 ? 107  GLU A N   1 
ATOM   721 C CA  . GLU A 1 109 ? 13.266  2.063   20.429  1.00 28.70 ? 107  GLU A CA  1 
ATOM   722 C C   . GLU A 1 109 ? 13.256  2.406   18.914  1.00 26.48 ? 107  GLU A C   1 
ATOM   723 O O   . GLU A 1 109 ? 12.382  3.132   18.443  1.00 23.61 ? 107  GLU A O   1 
ATOM   724 C CB  . GLU A 1 109 ? 14.236  3.005   21.151  1.00 34.79 ? 107  GLU A CB  1 
ATOM   725 C CG  . GLU A 1 109 ? 14.188  4.481   20.829  1.00 38.57 ? 107  GLU A CG  1 
ATOM   726 C CD  . GLU A 1 109 ? 15.352  5.253   21.496  1.00 45.02 ? 107  GLU A CD  1 
ATOM   727 O OE1 . GLU A 1 109 ? 15.717  4.955   22.663  1.00 43.35 ? 107  GLU A OE1 1 
ATOM   728 O OE2 . GLU A 1 109 ? 15.911  6.162   20.846  1.00 46.32 ? 107  GLU A OE2 1 
ATOM   729 N N   . GLU A 1 110 ? 14.257  1.950   18.178  1.00 24.61 ? 108  GLU A N   1 
ATOM   730 C CA  . GLU A 1 110 ? 14.339  2.237   16.736  1.00 22.39 ? 108  GLU A CA  1 
ATOM   731 C C   . GLU A 1 110 ? 13.237  1.511   15.929  1.00 21.09 ? 108  GLU A C   1 
ATOM   732 O O   . GLU A 1 110 ? 12.717  2.080   14.941  1.00 17.50 ? 108  GLU A O   1 
ATOM   733 C CB  . GLU A 1 110 ? 15.727  1.892   16.169  1.00 23.33 ? 108  GLU A CB  1 
ATOM   734 C CG  . GLU A 1 110 ? 16.790  2.932   16.574  1.00 24.23 ? 108  GLU A CG  1 
ATOM   735 C CD  . GLU A 1 110 ? 17.246  2.785   18.009  1.00 26.32 ? 108  GLU A CD  1 
ATOM   736 O OE1 . GLU A 1 110 ? 17.194  1.648   18.523  1.00 28.90 ? 108  GLU A OE1 1 
ATOM   737 O OE2 . GLU A 1 110 ? 17.665  3.808   18.625  1.00 27.00 ? 108  GLU A OE2 1 
ATOM   738 N N   . LEU A 1 111 ? 12.881  0.288   16.334  1.00 21.06 ? 109  LEU A N   1 
ATOM   739 C CA  . LEU A 1 111 ? 11.746  -0.428  15.704  1.00 20.39 ? 109  LEU A CA  1 
ATOM   740 C C   . LEU A 1 111 ? 10.424  0.253   16.013  1.00 21.22 ? 109  LEU A C   1 
ATOM   741 O O   . LEU A 1 111 ? 9.562   0.367   15.130  1.00 18.86 ? 109  LEU A O   1 
ATOM   742 C CB  . LEU A 1 111 ? 11.674  -1.892  16.144  1.00 23.57 ? 109  LEU A CB  1 
ATOM   743 C CG  . LEU A 1 111 ? 10.573  -2.777  15.553  1.00 21.25 ? 109  LEU A CG  1 
ATOM   744 C CD1 . LEU A 1 111 ? 10.563  -2.783  14.037  1.00 21.75 ? 109  LEU A CD1 1 
ATOM   745 C CD2 . LEU A 1 111 ? 10.731  -4.193  16.072  1.00 22.07 ? 109  LEU A CD2 1 
ATOM   746 N N   . LEU A 1 112 ? 10.235  0.715   17.251  1.00 21.56 ? 110  LEU A N   1 
ATOM   747 C CA  . LEU A 1 112 ? 9.036   1.494   17.560  1.00 21.90 ? 110  LEU A CA  1 
ATOM   748 C C   . LEU A 1 112 ? 8.962   2.793   16.751  1.00 21.42 ? 110  LEU A C   1 
ATOM   749 O O   . LEU A 1 112 ? 7.873   3.165   16.239  1.00 20.12 ? 110  LEU A O   1 
ATOM   750 C CB  . LEU A 1 112 ? 8.943   1.793   19.069  1.00 24.39 ? 110  LEU A CB  1 
ATOM   751 C CG  . LEU A 1 112 ? 8.710   0.616   19.998  1.00 25.47 ? 110  LEU A CG  1 
ATOM   752 C CD1 . LEU A 1 112 ? 8.796   1.152   21.437  1.00 28.30 ? 110  LEU A CD1 1 
ATOM   753 C CD2 . LEU A 1 112 ? 7.333   -0.006  19.725  1.00 25.50 ? 110  LEU A CD2 1 
ATOM   754 N N   . ASP A 1 113 ? 10.097  3.477   16.588  1.00 19.19 ? 111  ASP A N   1 
ATOM   755 C CA  . ASP A 1 113 ? 10.131  4.723   15.800  1.00 20.61 ? 111  ASP A CA  1 
ATOM   756 C C   . ASP A 1 113 ? 9.796   4.389   14.357  1.00 19.36 ? 111  ASP A C   1 
ATOM   757 O O   . ASP A 1 113 ? 9.002   5.087   13.736  1.00 21.10 ? 111  ASP A O   1 
ATOM   758 C CB  . ASP A 1 113 ? 11.494  5.426   15.831  1.00 23.33 ? 111  ASP A CB  1 
ATOM   759 C CG  . ASP A 1 113 ? 11.805  6.109   17.170  1.00 29.47 ? 111  ASP A CG  1 
ATOM   760 O OD1 . ASP A 1 113 ? 10.916  6.263   18.029  1.00 33.98 ? 111  ASP A OD1 1 
ATOM   761 O OD2 . ASP A 1 113 ? 12.984  6.507   17.377  1.00 36.40 ? 111  ASP A OD2 1 
ATOM   762 N N   . LEU A 1 114 ? 10.372  3.318   13.837  1.00 16.63 ? 112  LEU A N   1 
ATOM   763 C CA  . LEU A 1 114 ? 10.103  2.902   12.481  1.00 17.50 ? 112  LEU A CA  1 
ATOM   764 C C   . LEU A 1 114 ? 8.601   2.539   12.283  1.00 16.61 ? 112  LEU A C   1 
ATOM   765 O O   . LEU A 1 114 ? 8.005   2.880   11.259  1.00 16.27 ? 112  LEU A O   1 
ATOM   766 C CB  . LEU A 1 114 ? 10.961  1.707   12.139  1.00 17.08 ? 112  LEU A CB  1 
ATOM   767 C CG  . LEU A 1 114 ? 10.783  1.148   10.741  1.00 17.62 ? 112  LEU A CG  1 
ATOM   768 C CD1 . LEU A 1 114 ? 11.092  2.223   9.707   1.00 19.48 ? 112  LEU A CD1 1 
ATOM   769 C CD2 . LEU A 1 114 ? 11.648  -0.091  10.566  1.00 18.51 ? 112  LEU A CD2 1 
ATOM   770 N N   . ALA A 1 115 ? 8.025   1.811   13.232  1.00 16.08 ? 113  ALA A N   1 
ATOM   771 C CA  . ALA A 1 115 ? 6.595   1.463   13.137  1.00 16.16 ? 113  ALA A CA  1 
ATOM   772 C C   . ALA A 1 115 ? 5.746   2.751   13.102  1.00 16.87 ? 113  ALA A C   1 
ATOM   773 O O   . ALA A 1 115 ? 4.841   2.918   12.252  1.00 14.94 ? 113  ALA A O   1 
ATOM   774 C CB  . ALA A 1 115 ? 6.170   0.568   14.316  1.00 14.56 ? 113  ALA A CB  1 
ATOM   775 N N   . ARG A 1 116 ? 6.038   3.706   13.988  1.00 18.41 ? 114  ARG A N   1 
ATOM   776 C CA  . ARG A 1 116 ? 5.319   4.974   13.962  1.00 21.89 ? 114  ARG A CA  1 
ATOM   777 C C   . ARG A 1 116 ? 5.548   5.775   12.661  1.00 19.51 ? 114  ARG A C   1 
ATOM   778 O O   . ARG A 1 116 ? 4.597   6.347   12.098  1.00 17.42 ? 114  ARG A O   1 
ATOM   779 C CB  . ARG A 1 116 ? 5.647   5.821   15.182  1.00 26.12 ? 114  ARG A CB  1 
ATOM   780 C CG  . ARG A 1 116 ? 5.161   5.188   16.480  1.00 32.85 ? 114  ARG A CG  1 
ATOM   781 C CD  . ARG A 1 116 ? 5.242   6.179   17.642  1.00 42.27 ? 114  ARG A CD  1 
ATOM   782 N NE  . ARG A 1 116 ? 6.474   6.045   18.419  1.00 48.99 ? 114  ARG A NE  1 
ATOM   783 C CZ  . ARG A 1 116 ? 6.650   5.195   19.432  1.00 54.28 ? 114  ARG A CZ  1 
ATOM   784 N NH1 . ARG A 1 116 ? 5.677   4.361   19.823  1.00 54.86 ? 114  ARG A NH1 1 
ATOM   785 N NH2 . ARG A 1 116 ? 7.821   5.182   20.062  1.00 57.80 ? 114  ARG A NH2 1 
ATOM   786 N N   . ALA A 1 117 ? 6.793   5.846   12.186  1.00 17.88 ? 115  ALA A N   1 
ATOM   787 C CA  . ALA A 1 117 ? 7.089   6.514   10.896  1.00 18.25 ? 115  ALA A CA  1 
ATOM   788 C C   . ALA A 1 117 ? 6.319   5.908   9.699   1.00 16.74 ? 115  ALA A C   1 
ATOM   789 O O   . ALA A 1 117 ? 5.800   6.640   8.819   1.00 15.36 ? 115  ALA A O   1 
ATOM   790 C CB  . ALA A 1 117 ? 8.615   6.502   10.619  1.00 17.21 ? 115  ALA A CB  1 
ATOM   791 N N   . THR A 1 118 ? 6.224   4.586   9.697   1.00 16.24 ? 116  THR A N   1 
ATOM   792 C CA  . THR A 1 118 ? 5.620   3.832   8.579   1.00 15.95 ? 116  THR A CA  1 
ATOM   793 C C   . THR A 1 118 ? 4.110   4.027   8.619   1.00 16.27 ? 116  THR A C   1 
ATOM   794 O O   . THR A 1 118 ? 3.489   4.247   7.574   1.00 15.97 ? 116  THR A O   1 
ATOM   795 C CB  . THR A 1 118 ? 5.991   2.338   8.655   1.00 16.07 ? 116  THR A CB  1 
ATOM   796 O OG1 . THR A 1 118 ? 7.416   2.207   8.680   1.00 15.10 ? 116  THR A OG1 1 
ATOM   797 C CG2 . THR A 1 118 ? 5.478   1.556   7.445   1.00 15.58 ? 116  THR A CG2 1 
ATOM   798 N N   . MET A 1 119 ? 3.505   4.001   9.821   1.00 15.72 ? 117  MET A N   1 
ATOM   799 C CA  . MET A 1 119 ? 2.088   4.395   9.945   1.00 17.23 ? 117  MET A CA  1 
ATOM   800 C C   . MET A 1 119 ? 1.830   5.809   9.454   1.00 17.51 ? 117  MET A C   1 
ATOM   801 O O   . MET A 1 119 ? 0.875   6.037   8.696   1.00 17.25 ? 117  MET A O   1 
ATOM   802 C CB  . MET A 1 119 ? 1.585   4.207   11.393  1.00 17.81 ? 117  MET A CB  1 
ATOM   803 C CG  . MET A 1 119 ? 1.526   2.757   11.808  1.00 20.05 ? 117  MET A CG  1 
ATOM   804 S SD  . MET A 1 119 ? 0.739   2.489   13.429  1.00 25.49 ? 117  MET A SD  1 
ATOM   805 C CE  . MET A 1 119 ? 1.981   3.166   14.489  1.00 23.33 ? 117  MET A CE  1 
ATOM   806 N N   . ALA A 1 120 ? 2.671   6.760   9.855   1.00 17.96 ? 118  ALA A N   1 
ATOM   807 C CA  . ALA A 1 120 ? 2.540   8.140   9.365   1.00 18.43 ? 118  ALA A CA  1 
ATOM   808 C C   . ALA A 1 120 ? 2.672   8.228   7.837   1.00 19.18 ? 118  ALA A C   1 
ATOM   809 O O   . ALA A 1 120 ? 1.878   8.929   7.201   1.00 18.91 ? 118  ALA A O   1 
ATOM   810 C CB  . ALA A 1 120 ? 3.519   9.070   10.058  1.00 20.05 ? 118  ALA A CB  1 
ATOM   811 N N   . ASP A 1 121 ? 3.621   7.493   7.249   1.00 18.67 ? 119  ASP A N   1 
ATOM   812 C CA  . ASP A 1 121 ? 3.729   7.370   5.774   1.00 20.66 ? 119  ASP A CA  1 
ATOM   813 C C   . ASP A 1 121 ? 2.456   6.814   5.132   1.00 19.73 ? 119  ASP A C   1 
ATOM   814 O O   . ASP A 1 121 ? 2.027   7.313   4.081   1.00 19.01 ? 119  ASP A O   1 
ATOM   815 C CB  . ASP A 1 121 ? 4.915   6.489   5.332   1.00 22.06 ? 119  ASP A CB  1 
ATOM   816 C CG  . ASP A 1 121 ? 6.274   7.101   5.645   1.00 27.01 ? 119  ASP A CG  1 
ATOM   817 O OD1 . ASP A 1 121 ? 6.380   8.331   5.820   1.00 30.80 ? 119  ASP A OD1 1 
ATOM   818 O OD2 . ASP A 1 121 ? 7.263   6.332   5.693   1.00 32.26 ? 119  ASP A OD2 1 
ATOM   819 N N   . GLY A 1 122 ? 1.837   5.807   5.749   1.00 18.18 ? 120  GLY A N   1 
ATOM   820 C CA  . GLY A 1 122 ? 0.542   5.262   5.236   1.00 19.06 ? 120  GLY A CA  1 
ATOM   821 C C   . GLY A 1 122 ? -0.608  6.270   5.284   1.00 19.69 ? 120  GLY A C   1 
ATOM   822 O O   . GLY A 1 122 ? -1.328  6.447   4.303   1.00 18.80 ? 120  GLY A O   1 
ATOM   823 N N   . GLN A 1 123 ? -0.744  6.966   6.411   1.00 18.73 ? 121  GLN A N   1 
ATOM   824 C CA  . GLN A 1 123 ? -1.756  7.996   6.558   1.00 20.37 ? 121  GLN A CA  1 
ATOM   825 C C   . GLN A 1 123 ? -1.548  9.127   5.559   1.00 20.41 ? 121  GLN A C   1 
ATOM   826 O O   . GLN A 1 123 ? -2.506  9.674   5.018   1.00 21.70 ? 121  GLN A O   1 
ATOM   827 C CB  . GLN A 1 123 ? -1.706  8.593   7.955   1.00 22.32 ? 121  GLN A CB  1 
ATOM   828 C CG  . GLN A 1 123 ? -2.022  7.623   9.066   1.00 25.48 ? 121  GLN A CG  1 
ATOM   829 C CD  . GLN A 1 123 ? -3.488  7.341   9.189   1.00 28.47 ? 121  GLN A CD  1 
ATOM   830 O OE1 . GLN A 1 123 ? -4.285  7.628   8.280   1.00 27.60 ? 121  GLN A OE1 1 
ATOM   831 N NE2 . GLN A 1 123 ? -3.874  6.840   10.347  1.00 28.20 ? 121  GLN A NE2 1 
ATOM   832 N N   . ALA A 1 124 ? -0.295  9.493   5.335   1.00 18.73 ? 122  ALA A N   1 
ATOM   833 C CA  . ALA A 1 124 ? 0.038   10.510  4.329   1.00 20.49 ? 122  ALA A CA  1 
ATOM   834 C C   . ALA A 1 124 ? -0.342  10.025  2.935   1.00 22.49 ? 122  ALA A C   1 
ATOM   835 O O   . ALA A 1 124 ? -0.915  10.767  2.140   1.00 23.85 ? 122  ALA A O   1 
ATOM   836 C CB  . ALA A 1 124 ? 1.511   10.838  4.383   1.00 19.23 ? 122  ALA A CB  1 
ATOM   837 N N   . ALA A 1 125 ? -0.044  8.769   2.653   1.00 22.67 ? 123  ALA A N   1 
ATOM   838 C CA  . ALA A 1 125 ? -0.302  8.214   1.315   1.00 26.77 ? 123  ALA A CA  1 
ATOM   839 C C   . ALA A 1 125 ? -1.780  8.228   0.948   1.00 29.08 ? 123  ALA A C   1 
ATOM   840 O O   . ALA A 1 125 ? -2.127  8.494   -0.200  1.00 32.14 ? 123  ALA A O   1 
ATOM   841 C CB  . ALA A 1 125 ? 0.303   6.827   1.191   1.00 24.32 ? 123  ALA A CB  1 
ATOM   842 N N   . VAL A 1 126 ? -2.656  7.968   1.903   1.00 33.01 ? 124  VAL A N   1 
ATOM   843 C CA  . VAL A 1 126 ? -4.103  8.154   1.709   1.00 39.05 ? 124  VAL A CA  1 
ATOM   844 C C   . VAL A 1 126 ? -4.346  9.634   2.032   1.00 43.40 ? 124  VAL A C   1 
ATOM   845 O O   . VAL A 1 126 ? -3.392  10.395  2.066   1.00 49.05 ? 124  VAL A O   1 
ATOM   846 C CB  . VAL A 1 126 ? -4.925  7.133   2.555   1.00 36.00 ? 124  VAL A CB  1 
ATOM   847 C CG1 . VAL A 1 126 ? -4.314  5.731   2.405   1.00 36.53 ? 124  VAL A CG1 1 
ATOM   848 C CG2 . VAL A 1 126 ? -4.979  7.555   4.016   1.00 37.70 ? 124  VAL A CG2 1 
ATOM   849 N N   . SER A 1 127 ? -5.574  10.088  2.249   1.00 51.06 ? 125  SER A N   1 
ATOM   850 C CA  . SER A 1 127 ? -5.797  11.539  2.487   1.00 54.21 ? 125  SER A CA  1 
ATOM   851 C C   . SER A 1 127 ? -5.569  12.421  1.238   1.00 58.01 ? 125  SER A C   1 
ATOM   852 O O   . SER A 1 127 ? -5.047  12.023  0.177   1.00 52.41 ? 125  SER A O   1 
ATOM   853 C CB  . SER A 1 127 ? -4.916  12.102  3.639   1.00 60.81 ? 125  SER A CB  1 
ATOM   854 O OG  . SER A 1 127 ? -4.969  11.329  4.839   1.00 61.25 ? 125  SER A OG  1 
ATOM   855 O OXT . SER A 1 127 ? -5.908  13.610  1.281   1.00 58.40 ? 125  SER A OXT 1 
HETATM 856 S S   . SO4 B 2 .   ? 6.223   7.153   -14.836 1.00 31.91 ? 1126 SO4 A S   1 
HETATM 857 O O1  . SO4 B 2 .   ? 5.239   6.778   -15.885 1.00 33.81 ? 1126 SO4 A O1  1 
HETATM 858 O O2  . SO4 B 2 .   ? 6.726   8.537   -14.988 1.00 37.40 ? 1126 SO4 A O2  1 
HETATM 859 O O3  . SO4 B 2 .   ? 7.362   6.203   -14.951 1.00 29.34 ? 1126 SO4 A O3  1 
HETATM 860 O O4  . SO4 B 2 .   ? 5.609   7.074   -13.493 1.00 34.35 ? 1126 SO4 A O4  1 
HETATM 861 C C1  . GOL C 3 .   ? 7.059   4.462   1.021   1.00 39.96 ? 1127 GOL A C1  1 
HETATM 862 O O1  . GOL C 3 .   ? 6.723   5.851   0.874   1.00 40.45 ? 1127 GOL A O1  1 
HETATM 863 C C2  . GOL C 3 .   ? 7.676   4.206   2.403   1.00 40.24 ? 1127 GOL A C2  1 
HETATM 864 O O2  . GOL C 3 .   ? 8.770   3.266   2.342   1.00 44.10 ? 1127 GOL A O2  1 
HETATM 865 C C3  . GOL C 3 .   ? 6.597   3.690   3.359   1.00 38.71 ? 1127 GOL A C3  1 
HETATM 866 O O3  . GOL C 3 .   ? 7.114   3.572   4.682   1.00 34.24 ? 1127 GOL A O3  1 
HETATM 867 O O   . HOH D 4 .   ? 6.722   -14.589 16.942  1.00 47.04 ? 2001 HOH A O   1 
HETATM 868 O O   . HOH D 4 .   ? 11.191  -10.692 11.714  1.00 46.41 ? 2002 HOH A O   1 
HETATM 869 O O   . HOH D 4 .   ? 10.395  -3.816  9.321   1.00 31.57 ? 2003 HOH A O   1 
HETATM 870 O O   . HOH D 4 .   ? 2.946   -12.271 11.947  1.00 50.06 ? 2004 HOH A O   1 
HETATM 871 O O   . HOH D 4 .   ? 1.690   -8.790  8.966   1.00 29.58 ? 2005 HOH A O   1 
HETATM 872 O O   . HOH D 4 .   ? 8.641   -2.739  0.782   1.00 34.72 ? 2006 HOH A O   1 
HETATM 873 O O   . HOH D 4 .   ? 7.821   -12.840 6.472   1.00 42.76 ? 2007 HOH A O   1 
HETATM 874 O O   . HOH D 4 .   ? 2.290   -10.204 6.724   1.00 44.28 ? 2008 HOH A O   1 
HETATM 875 O O   . HOH D 4 .   ? 5.850   -9.085  6.264   1.00 25.09 ? 2009 HOH A O   1 
HETATM 876 O O   . HOH D 4 .   ? -0.343  -7.144  4.303   1.00 52.08 ? 2010 HOH A O   1 
HETATM 877 O O   . HOH D 4 .   ? 1.258   -4.964  8.317   1.00 32.93 ? 2011 HOH A O   1 
HETATM 878 O O   . HOH D 4 .   ? 0.299   -4.199  10.062  1.00 27.94 ? 2012 HOH A O   1 
HETATM 879 O O   . HOH D 4 .   ? 1.334   -10.300 11.236  1.00 27.44 ? 2013 HOH A O   1 
HETATM 880 O O   . HOH D 4 .   ? -0.225  -11.464 14.957  1.00 55.05 ? 2014 HOH A O   1 
HETATM 881 O O   . HOH D 4 .   ? -2.230  -9.917  15.054  1.00 45.76 ? 2015 HOH A O   1 
HETATM 882 O O   . HOH D 4 .   ? 5.576   -7.422  -6.037  1.00 45.81 ? 2016 HOH A O   1 
HETATM 883 O O   . HOH D 4 .   ? 1.114   -7.245  -5.575  1.00 39.06 ? 2017 HOH A O   1 
HETATM 884 O O   . HOH D 4 .   ? 0.878   6.943   -3.082  1.00 27.39 ? 2018 HOH A O   1 
HETATM 885 O O   . HOH D 4 .   ? 8.636   -4.276  3.029   1.00 27.22 ? 2019 HOH A O   1 
HETATM 886 O O   . HOH D 4 .   ? 10.818  -3.774  4.970   1.00 43.57 ? 2020 HOH A O   1 
HETATM 887 O O   . HOH D 4 .   ? 10.391  -2.458  7.297   1.00 41.23 ? 2021 HOH A O   1 
HETATM 888 O O   . HOH D 4 .   ? -2.104  -3.105  -7.959  1.00 16.94 ? 2022 HOH A O   1 
HETATM 889 O O   . HOH D 4 .   ? 7.802   -3.684  -1.475  1.00 47.53 ? 2023 HOH A O   1 
HETATM 890 O O   . HOH D 4 .   ? 2.315   8.026   -4.827  1.00 32.26 ? 2024 HOH A O   1 
HETATM 891 O O   . HOH D 4 .   ? 1.387   8.859   -9.302  1.00 31.35 ? 2025 HOH A O   1 
HETATM 892 O O   . HOH D 4 .   ? 1.895   -6.390  2.491   1.00 25.99 ? 2026 HOH A O   1 
HETATM 893 O O   . HOH D 4 .   ? -1.213  9.997   -9.371  1.00 33.41 ? 2027 HOH A O   1 
HETATM 894 O O   . HOH D 4 .   ? 2.578   9.273   -12.340 1.00 33.65 ? 2028 HOH A O   1 
HETATM 895 O O   . HOH D 4 .   ? 11.966  2.976   1.633   1.00 51.81 ? 2029 HOH A O   1 
HETATM 896 O O   . HOH D 4 .   ? 4.028   -6.223  -4.036  1.00 40.98 ? 2030 HOH A O   1 
HETATM 897 O O   . HOH D 4 .   ? 1.404   -6.034  -0.300  1.00 28.97 ? 2031 HOH A O   1 
HETATM 898 O O   . HOH D 4 .   ? -1.953  -1.249  -0.929  1.00 14.88 ? 2032 HOH A O   1 
HETATM 899 O O   . HOH D 4 .   ? 1.837   5.362   -1.189  1.00 32.12 ? 2033 HOH A O   1 
HETATM 900 O O   . HOH D 4 .   ? 6.719   2.829   -4.910  1.00 26.51 ? 2034 HOH A O   1 
HETATM 901 O O   . HOH D 4 .   ? 9.483   2.149   -4.233  1.00 42.95 ? 2035 HOH A O   1 
HETATM 902 O O   . HOH D 4 .   ? 0.511   -1.936  -7.240  1.00 15.17 ? 2036 HOH A O   1 
HETATM 903 O O   . HOH D 4 .   ? 5.399   -3.524  -3.846  1.00 46.59 ? 2037 HOH A O   1 
HETATM 904 O O   . HOH D 4 .   ? 2.660   -3.607  -6.531  1.00 21.31 ? 2038 HOH A O   1 
HETATM 905 O O   . HOH D 4 .   ? -11.813 6.866   -19.023 1.00 46.57 ? 2039 HOH A O   1 
HETATM 906 O O   . HOH D 4 .   ? 2.874   7.173   -6.936  1.00 25.57 ? 2040 HOH A O   1 
HETATM 907 O O   . HOH D 4 .   ? 3.405   7.271   -0.481  1.00 31.89 ? 2041 HOH A O   1 
HETATM 908 O O   . HOH D 4 .   ? -3.516  0.925   -11.091 1.00 22.09 ? 2042 HOH A O   1 
HETATM 909 O O   . HOH D 4 .   ? -2.587  8.394   -10.750 1.00 28.81 ? 2043 HOH A O   1 
HETATM 910 O O   . HOH D 4 .   ? -0.927  8.570   -2.529  1.00 45.58 ? 2044 HOH A O   1 
HETATM 911 O O   . HOH D 4 .   ? 2.733   7.351   -14.257 1.00 23.50 ? 2045 HOH A O   1 
HETATM 912 O O   . HOH D 4 .   ? 7.283   4.378   -7.282  1.00 27.57 ? 2046 HOH A O   1 
HETATM 913 O O   . HOH D 4 .   ? 3.421   0.239   -17.398 1.00 22.31 ? 2047 HOH A O   1 
HETATM 914 O O   . HOH D 4 .   ? -1.445  10.851  -17.068 1.00 42.82 ? 2048 HOH A O   1 
HETATM 915 O O   . HOH D 4 .   ? -5.865  10.295  -13.064 1.00 37.45 ? 2049 HOH A O   1 
HETATM 916 O O   . HOH D 4 .   ? 1.587   4.445   -21.254 1.00 40.35 ? 2050 HOH A O   1 
HETATM 917 O O   . HOH D 4 .   ? 5.804   4.326   -20.488 1.00 37.29 ? 2051 HOH A O   1 
HETATM 918 O O   . HOH D 4 .   ? 14.513  3.313   10.462  0.50 28.54 ? 2052 HOH A O   1 
HETATM 919 O O   . HOH D 4 .   ? 3.223   2.933   -20.868 1.00 37.08 ? 2053 HOH A O   1 
HETATM 920 O O   . HOH D 4 .   ? -12.455 3.723   -18.397 1.00 33.03 ? 2054 HOH A O   1 
HETATM 921 O O   . HOH D 4 .   ? -14.028 1.567   -25.170 1.00 33.03 ? 2055 HOH A O   1 
HETATM 922 O O   . HOH D 4 .   ? -13.649 -3.682  -16.189 1.00 31.16 ? 2056 HOH A O   1 
HETATM 923 O O   . HOH D 4 .   ? -12.929 4.653   -15.399 1.00 27.36 ? 2057 HOH A O   1 
HETATM 924 O O   . HOH D 4 .   ? -15.369 -1.779  -16.063 1.00 32.96 ? 2058 HOH A O   1 
HETATM 925 O O   . HOH D 4 .   ? -10.111 -3.250  -9.902  1.00 24.80 ? 2059 HOH A O   1 
HETATM 926 O O   . HOH D 4 .   ? -8.784  5.981   -8.674  1.00 19.94 ? 2060 HOH A O   1 
HETATM 927 O O   . HOH D 4 .   ? -7.914  7.651   -10.501 1.00 44.09 ? 2061 HOH A O   1 
HETATM 928 O O   . HOH D 4 .   ? -11.095 3.506   -0.502  1.00 15.65 ? 2062 HOH A O   1 
HETATM 929 O O   . HOH D 4 .   ? -2.208  -2.959  -5.053  1.00 48.67 ? 2063 HOH A O   1 
HETATM 930 O O   . HOH D 4 .   ? -3.813  -5.153  4.412   1.00 23.92 ? 2064 HOH A O   1 
HETATM 931 O O   . HOH D 4 .   ? -2.781  -6.724  2.450   1.00 41.05 ? 2065 HOH A O   1 
HETATM 932 O O   . HOH D 4 .   ? -3.665  -4.552  -4.319  1.00 39.24 ? 2066 HOH A O   1 
HETATM 933 O O   . HOH D 4 .   ? -6.856  2.124   9.818   1.00 26.56 ? 2067 HOH A O   1 
HETATM 934 O O   . HOH D 4 .   ? -7.251  -4.276  10.534  1.00 27.06 ? 2068 HOH A O   1 
HETATM 935 O O   . HOH D 4 .   ? -3.941  -6.116  7.068   1.00 32.80 ? 2069 HOH A O   1 
HETATM 936 O O   . HOH D 4 .   ? -0.917  -6.237  6.970   1.00 35.12 ? 2070 HOH A O   1 
HETATM 937 O O   . HOH D 4 .   ? -5.411  0.582   17.398  1.00 40.53 ? 2071 HOH A O   1 
HETATM 938 O O   . HOH D 4 .   ? -8.115  3.594   14.192  1.00 37.70 ? 2072 HOH A O   1 
HETATM 939 O O   . HOH D 4 .   ? -2.860  -6.867  15.674  1.00 30.81 ? 2073 HOH A O   1 
HETATM 940 O O   . HOH D 4 .   ? -0.165  -6.805  9.448   1.00 35.07 ? 2074 HOH A O   1 
HETATM 941 O O   . HOH D 4 .   ? -0.880  1.916   19.072  1.00 37.26 ? 2075 HOH A O   1 
HETATM 942 O O   . HOH D 4 .   ? -1.925  5.308   15.714  1.00 49.70 ? 2076 HOH A O   1 
HETATM 943 O O   . HOH D 4 .   ? -7.057  -5.245  13.097  1.00 39.19 ? 2077 HOH A O   1 
HETATM 944 O O   . HOH D 4 .   ? -3.326  -7.037  18.098  1.00 29.61 ? 2078 HOH A O   1 
HETATM 945 O O   . HOH D 4 .   ? -2.199  -9.212  19.449  1.00 34.24 ? 2079 HOH A O   1 
HETATM 946 O O   . HOH D 4 .   ? 16.128  0.698   22.345  1.00 49.59 ? 2080 HOH A O   1 
HETATM 947 O O   . HOH D 4 .   ? 14.307  3.837   13.457  1.00 26.84 ? 2081 HOH A O   1 
HETATM 948 O O   . HOH D 4 .   ? 17.705  6.334   17.406  1.00 34.12 ? 2082 HOH A O   1 
HETATM 949 O O   . HOH D 4 .   ? 8.564   7.723   17.176  1.00 50.09 ? 2083 HOH A O   1 
HETATM 950 O O   . HOH D 4 .   ? 14.922  6.226   15.567  1.00 33.34 ? 2084 HOH A O   1 
HETATM 951 O O   . HOH D 4 .   ? 2.364   7.272   13.591  1.00 24.38 ? 2085 HOH A O   1 
HETATM 952 O O   . HOH D 4 .   ? 9.145   0.777   6.980   1.00 37.52 ? 2086 HOH A O   1 
HETATM 953 O O   . HOH D 4 .   ? 3.530   8.306   2.196   1.00 35.71 ? 2087 HOH A O   1 
HETATM 954 O O   . HOH D 4 .   ? 10.260  5.229   7.237   1.00 42.55 ? 2088 HOH A O   1 
HETATM 955 O O   . HOH D 4 .   ? -4.719  8.464   -2.316  1.00 35.84 ? 2089 HOH A O   1 
HETATM 956 O O   . HOH D 4 .   ? 5.822   9.492   -11.962 1.00 50.83 ? 2090 HOH A O   1 
# 
